data_9LG8
#
_entry.id   9LG8
#
_cell.length_a   1.00
_cell.length_b   1.00
_cell.length_c   1.00
_cell.angle_alpha   90.00
_cell.angle_beta   90.00
_cell.angle_gamma   90.00
#
_symmetry.space_group_name_H-M   'P 1'
#
loop_
_entity.id
_entity.type
_entity.pdbx_description
1 polymer 'Multidrug resistance-associated protein 1'
2 non-polymer 'estrone 3-sulfate'
3 non-polymer GLUTATHIONE
#
_entity_poly.entity_id   1
_entity_poly.type   'polypeptide(L)'
_entity_poly.pdbx_seq_one_letter_code
;MALRDFCSVDGSDLFWEWNVTWNTSNPDFTKCFQNTVLVWVPCSYLWVCFPFYFLYLSHHDRGYIQMTHLNKAKTALGFL
LWIVCWADLFYSFWERSMGKLLAPVFLVSPTLLGITMLLATFLIQIERRRGVQSSGIMLTFWLIALLCALAILRSKIMTA
LKEDARVDVFRDVTFYIYFSLVLIQLVLSCFSDRSPLFSETINDPNPCPESSASFLSRITFWWITGMMVQGYRQPLESTD
LWSLNKEDTSEQVVPVLVKNWKKECAKSRKQPVKIVYSSKDPAKPKGSSKVDVNEEAEALIVKCPQKERDPSLFKVLYKT
FGPYFLMSFLFKAVHDLMMFAGPEILKLLINFVNDKKAPEWQGYFYTALLFISACLQTLVLHQYFHICFVSGMRIKTAVI
GAVYRKALVITNAARKSSTVGEIVNLMSVDAQRFMDLATYINMIWSAPLQVILALYLLWLNLGPSVLAGVAVMVLMVPLN
AVMAMKTKTYQVAHMKSKDNRIKLMNEILNGIKVLKLYAWELAFKDKVLAIRQEELKVLKKSAYLAAVGTFTWVCTPFLV
ALSTFAVYVTVDENNILDAQKAFVSLALFNILRFPLNILPMVISSIVQASVSLKRLRVFLSHEDLDPDSIQRRPIKDAGA
TNSITVKNATFTWARNDPPTLHGITFSVPEGSLVAVVGQVGCGKSSLLSALLAEMDKVEGHVTVKGSVAYVPQQAWIQNI
SLRENILFGRQLQERYYKAVVEACALLPDLEILPSGDRTEIGEKGVNLSGGQKQRVSLARAVYCDSDVYLLDDPLSAVDA
HVGKHIFENVIGPKGLLKNKTRLLVTHAISYLPQMDVIIVMSGGKISEMGSYQELLARDGAFAEFLRTYASAEQEQGQPE
DGLAGVGGPGKEVKQMENGMLVTDTAGKQMQRQLSSSSSYSRDVSQHHTSTAELRKPGPTEETWKLVEADKAQTGQVKLS
VYWDYMKAIGLFISFLSIFLFLCNHVASLVSNYWLSLWTDDPIVNGTQEHTQVRLSVYGALGISQGITVFGYSMAVSIGG
IFASRRLHLDLLHNVLRSPISFFERTPSGNLVNRFSKELDTVDSMIPQVIKMFMGSLFNVIGACIIILLATPMAAVIIPP
LGLIYFFVQRFYVASSRQLKRLESVSRSPVYSHFNETLLGVSVIRAFEEQERFIRQSDLKVDENQKAYYPSIVANRWLAV
RLECVGNCIVLFASLFAVISRHSLSAGLVGLSVSYSLQVTTYLNWLVRMSSEMETNIVAVERLKEYSETEKEAPWQIQDM
APPKDWPQVGRVEFRDYGLRYREDLDLVLKHINVTIDGGEKVGIVGRTGAGKSSLTLGLFRIKESAEGEIIIDDINIAKI
GLHDLRFKITIIPQDPVLFSGSLRMNLDPFSQYSDEEVWTSLELAHLKGFVSALPDKLNHECAEGGENLSVGQRQLVCLA
RALLRKTKILVLDEATAAVDLETDDLIQSTIRTQFDDCTVLTIAHRLNTIMDYTRVIVLDKGEIQEWGSPSDLLQQRGLF
YSMAKDSGLVKLGSENLYFQGGSGGSGHHHHHHHHHHH
;
_entity_poly.pdbx_strand_id   A
#
loop_
_chem_comp.id
_chem_comp.type
_chem_comp.name
_chem_comp.formula
FY5 non-polymer 'estrone 3-sulfate' 'C18 H22 O5 S'
GSH non-polymer GLUTATHIONE 'C10 H17 N3 O6 S'
#
# COMPACT_ATOMS: atom_id res chain seq x y z
N TRP A 16 15.54 52.05 29.01
CA TRP A 16 16.27 50.83 28.69
C TRP A 16 17.77 51.07 28.60
N GLU A 17 18.51 50.61 29.61
CA GLU A 17 19.96 50.64 29.59
C GLU A 17 20.50 49.37 30.20
N TRP A 18 21.68 48.94 29.75
CA TRP A 18 22.22 47.63 30.21
C TRP A 18 22.65 47.72 31.68
N ASN A 19 22.48 48.89 32.30
CA ASN A 19 22.91 49.09 33.71
C ASN A 19 22.10 48.16 34.63
N VAL A 20 20.80 48.03 34.39
CA VAL A 20 19.93 47.23 35.31
C VAL A 20 19.38 46.00 34.59
N THR A 21 19.33 46.02 33.25
CA THR A 21 18.71 44.89 32.53
C THR A 21 19.75 43.80 32.23
N TRP A 22 21.05 44.12 32.34
CA TRP A 22 22.11 43.15 31.97
C TRP A 22 23.24 43.11 32.99
N ASN A 23 23.88 44.26 33.25
CA ASN A 23 25.08 44.28 34.14
C ASN A 23 24.75 43.79 35.56
N THR A 24 23.72 44.32 36.19
CA THR A 24 23.44 43.96 37.62
C THR A 24 23.04 42.48 37.72
N SER A 25 23.41 41.82 38.83
CA SER A 25 23.07 40.40 39.04
C SER A 25 21.55 40.23 39.20
N ASN A 26 20.84 41.33 39.44
CA ASN A 26 19.35 41.26 39.54
C ASN A 26 18.78 41.70 38.19
N PRO A 27 18.45 40.78 37.25
CA PRO A 27 18.03 41.19 35.91
C PRO A 27 16.67 41.86 35.90
N ASP A 28 16.62 43.13 36.28
CA ASP A 28 15.35 43.83 36.39
C ASP A 28 15.08 44.65 35.14
N PHE A 29 13.81 44.64 34.71
CA PHE A 29 13.39 45.47 33.60
C PHE A 29 13.19 46.89 34.09
N THR A 30 13.39 47.85 33.19
CA THR A 30 13.16 49.24 33.56
C THR A 30 11.66 49.51 33.71
N LYS A 31 11.36 50.57 34.46
CA LYS A 31 9.96 50.90 34.77
C LYS A 31 9.19 51.22 33.50
N CYS A 32 9.77 52.04 32.62
CA CYS A 32 9.12 52.36 31.35
C CYS A 32 8.96 51.12 30.48
N PHE A 33 9.99 50.27 30.44
CA PHE A 33 9.87 49.05 29.65
C PHE A 33 8.72 48.19 30.16
N GLN A 34 8.62 48.06 31.49
CA GLN A 34 7.53 47.32 32.10
C GLN A 34 6.19 47.86 31.67
N ASN A 35 6.01 49.18 31.76
CA ASN A 35 4.68 49.71 31.49
C ASN A 35 4.37 49.89 30.01
N THR A 36 5.36 49.74 29.12
CA THR A 36 5.06 49.89 27.70
C THR A 36 5.14 48.58 26.93
N VAL A 37 6.30 47.93 26.88
CA VAL A 37 6.43 46.84 25.91
C VAL A 37 5.77 45.58 26.45
N LEU A 38 5.93 45.33 27.74
CA LEU A 38 5.34 44.16 28.37
C LEU A 38 3.82 44.17 28.33
N VAL A 39 3.21 45.34 28.22
CA VAL A 39 1.76 45.44 28.07
C VAL A 39 1.37 45.48 26.60
N TRP A 40 2.24 45.98 25.72
CA TRP A 40 1.88 46.02 24.30
C TRP A 40 1.95 44.64 23.67
N VAL A 41 2.80 43.76 24.22
CA VAL A 41 2.98 42.40 23.62
C VAL A 41 1.65 41.63 23.63
N PRO A 42 1.03 41.33 24.78
CA PRO A 42 -0.19 40.50 24.80
C PRO A 42 -1.38 41.18 24.12
N CYS A 43 -1.70 42.41 24.53
CA CYS A 43 -2.80 43.18 23.88
C CYS A 43 -2.60 43.15 22.37
N SER A 44 -1.35 43.33 21.93
CA SER A 44 -1.02 43.39 20.48
C SER A 44 -1.31 42.02 19.85
N TYR A 45 -0.97 40.94 20.55
CA TYR A 45 -1.18 39.58 20.00
C TYR A 45 -2.65 39.40 19.64
N LEU A 46 -3.55 39.78 20.53
CA LEU A 46 -4.99 39.55 20.29
C LEU A 46 -5.47 40.45 19.15
N TRP A 47 -4.89 41.65 19.03
CA TRP A 47 -5.34 42.63 18.00
C TRP A 47 -5.04 42.13 16.60
N VAL A 48 -3.87 41.50 16.39
CA VAL A 48 -3.47 41.03 15.03
C VAL A 48 -4.20 39.71 14.74
N CYS A 49 -4.42 38.89 15.76
CA CYS A 49 -5.11 37.58 15.59
C CYS A 49 -6.62 37.75 15.47
N PHE A 50 -7.22 38.69 16.23
CA PHE A 50 -8.69 38.84 16.24
C PHE A 50 -9.26 38.77 14.81
N PRO A 51 -8.90 39.67 13.87
CA PRO A 51 -9.49 39.67 12.54
C PRO A 51 -9.31 38.30 11.88
N PHE A 52 -8.07 37.81 11.84
CA PHE A 52 -7.79 36.52 11.21
C PHE A 52 -8.66 35.42 11.82
N TYR A 53 -8.90 35.49 13.13
CA TYR A 53 -9.63 34.44 13.80
C TYR A 53 -11.10 34.37 13.38
N PHE A 54 -11.67 35.47 12.90
CA PHE A 54 -13.05 35.40 12.40
C PHE A 54 -13.16 34.50 11.18
N LEU A 55 -12.09 34.49 10.35
CA LEU A 55 -12.08 33.60 9.17
C LEU A 55 -12.38 32.17 9.64
N TYR A 56 -11.55 31.64 10.55
CA TYR A 56 -11.74 30.26 11.06
C TYR A 56 -13.08 30.14 11.77
N LEU A 57 -13.39 31.08 12.67
CA LEU A 57 -14.66 31.00 13.45
C LEU A 57 -15.86 30.97 12.50
N SER A 58 -15.78 31.69 11.38
CA SER A 58 -16.91 31.76 10.42
C SER A 58 -16.90 30.52 9.52
N HIS A 59 -15.79 30.28 8.82
CA HIS A 59 -15.75 29.15 7.84
C HIS A 59 -16.01 27.83 8.56
N HIS A 60 -15.48 27.68 9.79
CA HIS A 60 -15.65 26.41 10.54
C HIS A 60 -16.65 26.63 11.67
N ASP A 61 -17.76 25.86 11.66
CA ASP A 61 -18.81 26.02 12.70
C ASP A 61 -19.20 24.64 13.22
N ARG A 62 -19.65 24.56 14.47
CA ARG A 62 -20.06 23.29 15.07
C ARG A 62 -21.26 23.46 15.98
N GLY A 63 -22.04 24.51 15.78
CA GLY A 63 -23.18 24.81 16.62
C GLY A 63 -22.78 25.81 17.71
N TYR A 64 -23.57 25.80 18.78
CA TYR A 64 -23.28 26.64 19.93
C TYR A 64 -23.31 25.82 21.20
N ILE A 65 -22.35 26.11 22.07
CA ILE A 65 -22.23 25.44 23.36
C ILE A 65 -23.29 26.02 24.29
N GLN A 66 -23.77 25.20 25.22
CA GLN A 66 -24.80 25.62 26.15
C GLN A 66 -24.22 26.60 27.16
N MET A 67 -25.09 27.09 28.04
CA MET A 67 -24.70 27.96 29.16
C MET A 67 -24.15 27.11 30.29
N THR A 68 -22.83 27.14 30.47
CA THR A 68 -22.20 26.41 31.55
C THR A 68 -21.53 27.35 32.54
N HIS A 69 -21.23 26.85 33.74
CA HIS A 69 -20.57 27.68 34.74
C HIS A 69 -19.19 28.11 34.28
N LEU A 70 -18.45 27.19 33.64
CA LEU A 70 -17.09 27.50 33.16
C LEU A 70 -17.12 28.69 32.19
N ASN A 71 -17.95 28.60 31.14
CA ASN A 71 -18.03 29.68 30.12
C ASN A 71 -18.35 31.00 30.82
N LYS A 72 -19.34 30.98 31.71
CA LYS A 72 -19.73 32.21 32.44
C LYS A 72 -18.57 32.67 33.33
N ALA A 73 -18.00 31.75 34.11
CA ALA A 73 -16.86 32.12 34.96
C ALA A 73 -15.81 32.87 34.15
N LYS A 74 -15.52 32.39 32.94
CA LYS A 74 -14.55 33.07 32.09
C LYS A 74 -15.05 34.43 31.64
N THR A 75 -16.34 34.53 31.30
CA THR A 75 -16.90 35.80 30.85
C THR A 75 -16.93 36.82 31.98
N ALA A 76 -17.34 36.40 33.18
CA ALA A 76 -17.39 37.31 34.31
C ALA A 76 -16.02 37.86 34.66
N LEU A 77 -15.00 36.98 34.65
CA LEU A 77 -13.65 37.42 34.94
C LEU A 77 -13.13 38.35 33.86
N GLY A 78 -13.55 38.15 32.62
CA GLY A 78 -13.21 39.09 31.57
C GLY A 78 -13.83 40.45 31.78
N PHE A 79 -15.07 40.47 32.30
CA PHE A 79 -15.70 41.78 32.62
C PHE A 79 -14.91 42.45 33.75
N LEU A 80 -14.66 41.72 34.84
CA LEU A 80 -13.97 42.30 36.01
C LEU A 80 -12.57 42.77 35.61
N LEU A 81 -11.84 41.95 34.84
CA LEU A 81 -10.46 42.31 34.42
C LEU A 81 -10.49 43.64 33.68
N TRP A 82 -11.41 43.80 32.74
CA TRP A 82 -11.55 45.08 32.00
C TRP A 82 -11.76 46.23 32.99
N ILE A 83 -12.73 46.07 33.90
CA ILE A 83 -12.99 47.12 34.93
C ILE A 83 -11.67 47.45 35.64
N VAL A 84 -11.03 46.45 36.25
CA VAL A 84 -9.79 46.71 36.99
C VAL A 84 -8.80 47.50 36.15
N CYS A 85 -8.63 47.14 34.88
CA CYS A 85 -7.68 47.88 34.04
C CYS A 85 -8.15 49.30 33.78
N TRP A 86 -9.46 49.51 33.61
CA TRP A 86 -9.97 50.87 33.48
C TRP A 86 -10.01 51.60 34.83
N ALA A 87 -10.06 50.85 35.92
CA ALA A 87 -9.99 51.50 37.26
C ALA A 87 -8.66 52.24 37.36
N ASP A 88 -7.61 51.70 36.72
CA ASP A 88 -6.28 52.39 36.70
C ASP A 88 -6.46 53.74 36.00
N LEU A 89 -7.11 53.74 34.83
CA LEU A 89 -7.32 55.01 34.08
C LEU A 89 -8.05 56.01 34.97
N PHE A 90 -9.02 55.53 35.77
CA PHE A 90 -9.78 56.42 36.68
C PHE A 90 -8.81 57.04 37.69
N TYR A 91 -7.95 56.24 38.29
CA TYR A 91 -6.96 56.76 39.29
C TYR A 91 -5.99 57.70 38.58
N SER A 92 -5.55 57.34 37.37
CA SER A 92 -4.65 58.24 36.59
C SER A 92 -5.37 59.55 36.32
N PHE A 93 -6.66 59.49 35.96
CA PHE A 93 -7.46 60.71 35.74
C PHE A 93 -7.52 61.49 37.06
N TRP A 94 -7.80 60.78 38.17
CA TRP A 94 -7.85 61.43 39.50
C TRP A 94 -6.63 62.36 39.66
N ALA A 103 2.11 61.00 33.95
CA ALA A 103 2.93 60.29 32.97
C ALA A 103 2.07 59.88 31.78
N PRO A 104 2.52 60.12 30.54
CA PRO A 104 1.69 59.75 29.38
C PRO A 104 1.35 58.28 29.33
N VAL A 105 2.26 57.41 29.79
CA VAL A 105 2.01 55.97 29.73
C VAL A 105 0.93 55.56 30.73
N PHE A 106 0.62 56.39 31.71
CA PHE A 106 -0.41 56.07 32.68
C PHE A 106 -1.82 56.32 32.14
N LEU A 107 -1.94 56.76 30.90
CA LEU A 107 -3.23 56.92 30.25
C LEU A 107 -3.44 55.88 29.16
N VAL A 108 -2.54 55.81 28.18
CA VAL A 108 -2.79 54.98 27.00
C VAL A 108 -2.72 53.51 27.36
N SER A 109 -1.74 53.12 28.20
CA SER A 109 -1.57 51.70 28.51
C SER A 109 -2.77 51.08 29.21
N PRO A 110 -3.32 51.66 30.29
CA PRO A 110 -4.51 51.06 30.91
C PRO A 110 -5.70 50.97 29.99
N THR A 111 -5.94 52.02 29.19
CA THR A 111 -7.06 52.00 28.24
C THR A 111 -6.87 50.92 27.17
N LEU A 112 -5.66 50.81 26.64
CA LEU A 112 -5.38 49.77 25.65
C LEU A 112 -5.58 48.39 26.24
N LEU A 113 -5.12 48.17 27.47
CA LEU A 113 -5.29 46.87 28.10
C LEU A 113 -6.76 46.56 28.33
N GLY A 114 -7.52 47.56 28.77
CA GLY A 114 -8.95 47.35 28.94
C GLY A 114 -9.64 47.00 27.64
N ILE A 115 -9.24 47.66 26.55
CA ILE A 115 -9.91 47.44 25.27
C ILE A 115 -9.58 46.06 24.73
N THR A 116 -8.31 45.66 24.81
CA THR A 116 -7.94 44.29 24.36
C THR A 116 -8.61 43.27 25.29
N MET A 117 -8.79 43.62 26.57
CA MET A 117 -9.48 42.71 27.53
C MET A 117 -10.94 42.59 27.09
N LEU A 118 -11.55 43.70 26.67
CA LEU A 118 -12.95 43.67 26.19
C LEU A 118 -13.01 42.83 24.91
N LEU A 119 -11.91 42.78 24.15
CA LEU A 119 -11.85 41.93 22.93
C LEU A 119 -11.73 40.46 23.37
N ALA A 120 -11.00 40.21 24.46
CA ALA A 120 -10.84 38.85 24.95
C ALA A 120 -12.17 38.26 25.41
N THR A 121 -12.94 39.01 26.21
CA THR A 121 -14.21 38.47 26.69
C THR A 121 -15.22 38.33 25.56
N PHE A 122 -15.24 39.29 24.63
CA PHE A 122 -16.08 39.14 23.44
C PHE A 122 -15.68 37.90 22.64
N LEU A 123 -14.38 37.58 22.64
CA LEU A 123 -13.88 36.44 21.83
C LEU A 123 -14.34 35.10 22.43
N ILE A 124 -14.25 34.94 23.75
CA ILE A 124 -14.77 33.68 24.37
C ILE A 124 -16.28 33.60 24.13
N GLN A 125 -16.96 34.75 24.15
CA GLN A 125 -18.42 34.78 23.88
C GLN A 125 -18.69 34.24 22.46
N ILE A 126 -18.02 34.79 21.46
CA ILE A 126 -18.26 34.35 20.09
C ILE A 126 -17.74 32.93 19.88
N GLU A 127 -16.70 32.53 20.61
CA GLU A 127 -16.23 31.15 20.53
C GLU A 127 -17.27 30.19 21.10
N ARG A 128 -17.95 30.60 22.18
CA ARG A 128 -19.11 29.83 22.61
C ARG A 128 -20.17 29.75 21.51
N ARG A 129 -20.45 30.89 20.88
CA ARG A 129 -21.47 30.91 19.83
C ARG A 129 -21.12 29.97 18.69
N ARG A 130 -19.84 29.86 18.36
CA ARG A 130 -19.36 29.10 17.22
C ARG A 130 -18.92 27.70 17.58
N GLY A 131 -19.06 27.29 18.84
CA GLY A 131 -18.82 25.93 19.22
C GLY A 131 -17.37 25.50 19.15
N VAL A 132 -16.53 26.07 19.98
CA VAL A 132 -15.13 25.66 20.10
C VAL A 132 -14.87 25.39 21.57
N GLN A 133 -14.49 24.15 21.89
CA GLN A 133 -14.30 23.77 23.29
C GLN A 133 -12.94 24.23 23.80
N SER A 134 -11.88 23.98 23.04
CA SER A 134 -10.53 24.37 23.42
C SER A 134 -10.05 25.45 22.47
N SER A 135 -9.61 26.57 23.05
CA SER A 135 -9.23 27.74 22.28
C SER A 135 -7.72 27.91 22.35
N GLY A 136 -7.06 27.70 21.20
CA GLY A 136 -5.62 27.92 21.16
C GLY A 136 -5.26 29.38 21.36
N ILE A 137 -6.02 30.27 20.73
CA ILE A 137 -5.74 31.70 20.87
C ILE A 137 -5.94 32.15 22.31
N MET A 138 -7.04 31.70 22.93
CA MET A 138 -7.32 32.05 24.32
C MET A 138 -6.53 31.20 25.31
N LEU A 139 -5.54 30.46 24.84
CA LEU A 139 -4.56 29.85 25.71
C LEU A 139 -3.19 30.47 25.54
N THR A 140 -2.73 30.64 24.31
CA THR A 140 -1.45 31.30 24.07
C THR A 140 -1.51 32.77 24.49
N PHE A 141 -2.65 33.43 24.28
CA PHE A 141 -2.76 34.83 24.67
C PHE A 141 -2.65 34.99 26.18
N TRP A 142 -3.34 34.13 26.92
CA TRP A 142 -3.21 34.19 28.37
C TRP A 142 -1.82 33.79 28.83
N LEU A 143 -1.18 32.84 28.14
CA LEU A 143 0.18 32.47 28.51
C LEU A 143 1.14 33.65 28.32
N ILE A 144 1.03 34.36 27.20
CA ILE A 144 1.90 35.51 26.95
C ILE A 144 1.61 36.62 27.96
N ALA A 145 0.33 36.88 28.23
CA ALA A 145 -0.02 37.87 29.24
C ALA A 145 0.55 37.48 30.59
N LEU A 146 0.44 36.19 30.92
CA LEU A 146 0.94 35.71 32.24
C LEU A 146 2.44 35.98 32.34
N LEU A 147 3.21 35.60 31.30
CA LEU A 147 4.68 35.79 31.33
C LEU A 147 4.99 37.28 31.51
N CYS A 148 4.31 38.14 30.76
CA CYS A 148 4.54 39.60 30.87
C CYS A 148 4.18 40.06 32.29
N ALA A 149 3.04 39.60 32.82
CA ALA A 149 2.64 39.95 34.20
C ALA A 149 3.69 39.44 35.17
N LEU A 150 4.18 38.21 34.97
CA LEU A 150 5.21 37.62 35.87
C LEU A 150 6.44 38.54 35.91
N ALA A 151 6.88 39.02 34.73
CA ALA A 151 8.07 39.90 34.67
C ALA A 151 7.81 41.17 35.48
N ILE A 152 6.65 41.81 35.26
CA ILE A 152 6.29 43.04 36.01
C ILE A 152 6.13 42.68 37.49
N LEU A 153 5.49 41.53 37.78
CA LEU A 153 5.26 41.11 39.19
C LEU A 153 6.61 41.05 39.92
N ARG A 154 7.56 40.27 39.39
CA ARG A 154 8.87 40.18 40.04
C ARG A 154 9.46 41.56 40.24
N SER A 155 9.36 42.42 39.23
CA SER A 155 9.90 43.76 39.39
C SER A 155 9.18 44.53 40.51
N LYS A 156 7.86 44.41 40.58
CA LYS A 156 7.11 45.17 41.56
C LYS A 156 7.30 44.64 42.97
N ILE A 157 7.55 43.33 43.10
CA ILE A 157 7.82 42.79 44.42
C ILE A 157 9.25 43.08 44.86
N MET A 158 10.18 43.23 43.91
CA MET A 158 11.52 43.66 44.27
C MET A 158 11.59 45.14 44.58
N THR A 159 10.73 45.96 43.98
CA THR A 159 10.71 47.38 44.30
C THR A 159 10.30 47.60 45.75
N ALA A 160 9.39 46.79 46.26
CA ALA A 160 8.97 46.87 47.66
C ALA A 160 9.20 45.54 48.37
N VAL A 169 0.56 49.43 46.55
CA VAL A 169 -0.29 50.15 47.48
C VAL A 169 -1.30 50.99 46.71
N PHE A 170 -0.78 51.87 45.84
CA PHE A 170 -1.63 52.77 45.07
C PHE A 170 -2.05 52.18 43.73
N ARG A 171 -1.08 51.87 42.87
CA ARG A 171 -1.32 51.23 41.59
C ARG A 171 -0.71 49.85 41.52
N ASP A 172 0.04 49.45 42.55
CA ASP A 172 0.58 48.10 42.61
C ASP A 172 -0.52 47.08 42.87
N VAL A 173 -1.46 47.41 43.76
CA VAL A 173 -2.50 46.45 44.13
C VAL A 173 -3.40 46.16 42.93
N THR A 174 -3.63 47.16 42.08
CA THR A 174 -4.37 46.90 40.85
C THR A 174 -3.64 45.86 40.00
N PHE A 175 -2.31 45.92 39.96
CA PHE A 175 -1.58 44.95 39.16
C PHE A 175 -1.62 43.57 39.78
N TYR A 176 -1.56 43.47 41.12
CA TYR A 176 -1.72 42.16 41.75
C TYR A 176 -3.09 41.56 41.43
N ILE A 177 -4.14 42.37 41.51
CA ILE A 177 -5.47 41.86 41.16
C ILE A 177 -5.50 41.42 39.71
N TYR A 178 -4.91 42.22 38.83
CA TYR A 178 -4.85 41.87 37.42
C TYR A 178 -4.14 40.53 37.21
N PHE A 179 -3.02 40.33 37.90
CA PHE A 179 -2.23 39.11 37.70
C PHE A 179 -2.97 37.89 38.24
N SER A 180 -3.60 38.02 39.41
CA SER A 180 -4.34 36.88 39.95
C SER A 180 -5.50 36.51 39.04
N LEU A 181 -6.22 37.52 38.54
CA LEU A 181 -7.32 37.23 37.62
C LEU A 181 -6.81 36.61 36.32
N VAL A 182 -5.67 37.09 35.82
CA VAL A 182 -5.13 36.52 34.58
C VAL A 182 -4.73 35.07 34.80
N LEU A 183 -4.12 34.77 35.95
CA LEU A 183 -3.72 33.40 36.24
C LEU A 183 -4.94 32.48 36.33
N ILE A 184 -5.98 32.92 37.01
CA ILE A 184 -7.18 32.08 37.12
C ILE A 184 -7.83 31.92 35.76
N GLN A 185 -7.79 32.99 34.95
CA GLN A 185 -8.37 32.92 33.58
C GLN A 185 -7.57 31.88 32.77
N LEU A 186 -6.24 31.89 32.88
CA LEU A 186 -5.41 30.94 32.15
C LEU A 186 -5.69 29.51 32.59
N VAL A 187 -5.85 29.29 33.89
CA VAL A 187 -6.18 27.95 34.38
C VAL A 187 -7.54 27.51 33.84
N LEU A 188 -8.51 28.42 33.84
CA LEU A 188 -9.83 28.09 33.31
C LEU A 188 -9.76 27.77 31.83
N SER A 189 -8.94 28.50 31.07
CA SER A 189 -8.90 28.31 29.63
C SER A 189 -8.35 26.95 29.23
N CYS A 190 -7.68 26.24 30.14
CA CYS A 190 -7.18 24.91 29.84
C CYS A 190 -8.29 23.87 29.77
N PHE A 191 -9.31 23.96 30.60
CA PHE A 191 -10.40 23.00 30.60
C PHE A 191 -11.24 23.12 29.33
N SER A 192 -11.74 21.99 28.87
CA SER A 192 -12.55 21.94 27.65
C SER A 192 -14.03 21.99 28.00
N ASP A 193 -14.76 22.80 27.25
CA ASP A 193 -16.17 23.02 27.49
C ASP A 193 -17.01 21.85 27.00
N ARG A 194 -18.30 21.89 27.31
CA ARG A 194 -19.20 20.81 26.93
C ARG A 194 -19.38 20.77 25.42
N SER A 195 -19.71 19.59 24.91
CA SER A 195 -19.92 19.41 23.49
C SER A 195 -21.19 20.14 23.05
N PRO A 196 -21.30 20.54 21.78
CA PRO A 196 -22.50 21.19 21.25
C PRO A 196 -23.76 20.34 21.42
N ASN A 206 -17.55 4.85 18.32
CA ASN A 206 -16.22 5.19 18.83
C ASN A 206 -15.63 6.36 18.05
N PRO A 207 -16.13 7.56 18.31
CA PRO A 207 -15.67 8.74 17.57
C PRO A 207 -14.23 9.10 17.94
N CYS A 208 -13.58 9.79 17.01
CA CYS A 208 -12.22 10.23 17.23
C CYS A 208 -12.17 11.30 18.31
N PRO A 209 -11.41 11.13 19.42
CA PRO A 209 -11.43 12.11 20.52
C PRO A 209 -10.82 13.44 20.08
N GLU A 210 -10.25 13.48 18.86
CA GLU A 210 -9.58 14.72 18.37
C GLU A 210 -10.58 15.89 18.42
N SER A 211 -11.83 15.66 18.01
CA SER A 211 -12.85 16.74 17.98
C SER A 211 -13.03 17.33 19.38
N SER A 212 -13.10 16.48 20.41
CA SER A 212 -13.34 16.95 21.80
C SER A 212 -12.00 17.18 22.51
N ALA A 213 -10.89 16.85 21.87
CA ALA A 213 -9.55 16.99 22.50
C ALA A 213 -9.27 18.48 22.78
N SER A 214 -8.63 18.76 23.92
CA SER A 214 -8.27 20.17 24.26
C SER A 214 -7.08 20.61 23.40
N PHE A 215 -6.81 21.92 23.33
CA PHE A 215 -5.64 22.43 22.58
C PHE A 215 -4.39 21.84 23.21
N LEU A 216 -4.27 21.93 24.54
CA LEU A 216 -3.13 21.29 25.23
C LEU A 216 -3.06 19.84 24.78
N SER A 217 -4.23 19.20 24.59
CA SER A 217 -4.25 17.82 24.11
C SER A 217 -4.12 17.73 22.60
N ARG A 218 -4.39 18.82 21.87
CA ARG A 218 -4.25 18.81 20.42
C ARG A 218 -2.87 19.24 19.95
N ILE A 219 -2.02 19.72 20.84
CA ILE A 219 -0.64 20.04 20.51
C ILE A 219 0.32 18.96 21.00
N THR A 220 0.00 18.34 22.14
CA THR A 220 0.75 17.21 22.65
C THR A 220 0.23 15.87 22.12
N PHE A 221 -0.89 15.88 21.41
CA PHE A 221 -1.50 14.65 20.88
C PHE A 221 -1.73 13.63 22.00
N TRP A 222 -2.20 14.11 23.14
CA TRP A 222 -2.41 13.25 24.30
C TRP A 222 -3.60 12.32 24.10
N TRP A 223 -4.56 12.71 23.26
CA TRP A 223 -5.78 11.94 23.12
C TRP A 223 -5.56 10.57 22.47
N ILE A 224 -4.42 10.37 21.79
CA ILE A 224 -4.09 9.04 21.28
C ILE A 224 -3.36 8.18 22.29
N THR A 225 -2.90 8.76 23.41
CA THR A 225 -2.16 8.00 24.41
C THR A 225 -2.95 6.80 24.89
N GLY A 226 -4.28 6.92 24.95
CA GLY A 226 -5.10 5.79 25.35
C GLY A 226 -4.88 4.57 24.48
N MET A 227 -4.90 4.76 23.15
CA MET A 227 -4.55 3.64 22.27
C MET A 227 -3.16 3.13 22.56
N MET A 228 -2.22 4.04 22.82
CA MET A 228 -0.87 3.62 23.17
C MET A 228 -0.88 2.73 24.40
N VAL A 229 -1.74 3.04 25.37
CA VAL A 229 -1.91 2.12 26.49
C VAL A 229 -2.64 0.86 26.04
N GLN A 230 -3.74 1.04 25.31
CA GLN A 230 -4.58 -0.10 24.97
C GLN A 230 -3.83 -1.07 24.06
N GLY A 231 -3.12 -0.54 23.06
CA GLY A 231 -2.34 -1.41 22.20
C GLY A 231 -1.31 -2.22 22.95
N TYR A 232 -0.89 -1.75 24.13
CA TYR A 232 0.05 -2.51 24.91
C TYR A 232 -0.61 -3.69 25.63
N ARG A 233 -1.89 -3.56 25.97
CA ARG A 233 -2.53 -4.66 26.73
C ARG A 233 -3.26 -5.58 25.75
N GLN A 234 -4.21 -5.03 24.99
CA GLN A 234 -5.02 -5.80 24.07
C GLN A 234 -4.61 -5.49 22.64
N PRO A 235 -4.23 -6.48 21.85
CA PRO A 235 -3.92 -6.22 20.44
C PRO A 235 -5.11 -5.59 19.72
N LEU A 236 -4.80 -4.65 18.84
CA LEU A 236 -5.83 -3.83 18.22
C LEU A 236 -6.55 -4.61 17.12
N GLU A 237 -7.83 -4.33 16.95
CA GLU A 237 -8.64 -4.83 15.86
C GLU A 237 -9.40 -3.67 15.22
N SER A 238 -10.10 -3.96 14.13
CA SER A 238 -10.75 -2.90 13.36
C SER A 238 -11.84 -2.21 14.16
N THR A 239 -12.51 -2.93 15.07
CA THR A 239 -13.60 -2.33 15.84
C THR A 239 -13.09 -1.29 16.82
N ASP A 240 -11.90 -1.48 17.38
CA ASP A 240 -11.37 -0.51 18.33
C ASP A 240 -10.99 0.79 17.64
N LEU A 241 -10.63 0.72 16.36
CA LEU A 241 -10.18 1.91 15.64
C LEU A 241 -11.28 2.97 15.62
N TRP A 242 -10.90 4.21 15.88
CA TRP A 242 -11.87 5.28 15.96
C TRP A 242 -12.51 5.54 14.60
N SER A 243 -13.73 6.08 14.63
CA SER A 243 -14.43 6.43 13.37
C SER A 243 -13.73 7.64 12.72
N LEU A 244 -13.82 7.77 11.39
CA LEU A 244 -13.17 8.90 10.68
C LEU A 244 -13.89 10.20 11.01
N ASN A 245 -13.18 11.34 10.96
CA ASN A 245 -13.81 12.66 11.20
C ASN A 245 -14.79 12.94 10.06
N LYS A 246 -15.90 13.63 10.34
CA LYS A 246 -16.89 13.87 9.30
C LYS A 246 -16.27 14.63 8.12
N GLU A 247 -15.32 15.51 8.40
CA GLU A 247 -14.61 16.22 7.35
C GLU A 247 -13.55 15.37 6.66
N ASP A 248 -13.31 14.15 7.15
CA ASP A 248 -12.30 13.26 6.61
C ASP A 248 -12.87 12.06 5.88
N THR A 249 -14.14 11.73 6.09
CA THR A 249 -14.74 10.58 5.43
C THR A 249 -14.82 10.80 3.91
N SER A 250 -14.78 9.69 3.17
CA SER A 250 -14.83 9.77 1.72
C SER A 250 -16.14 10.38 1.24
N GLU A 251 -17.20 10.20 2.04
CA GLU A 251 -18.55 10.67 1.64
C GLU A 251 -18.54 12.20 1.51
N GLN A 252 -17.55 12.86 2.10
CA GLN A 252 -17.54 14.35 2.09
C GLN A 252 -16.42 14.86 1.17
N VAL A 253 -15.24 14.24 1.23
CA VAL A 253 -14.12 14.75 0.45
C VAL A 253 -14.31 14.54 -1.04
N VAL A 254 -14.77 13.35 -1.44
CA VAL A 254 -14.86 12.99 -2.85
C VAL A 254 -15.85 13.87 -3.62
N PRO A 255 -17.07 14.11 -3.12
CA PRO A 255 -17.97 15.02 -3.85
C PRO A 255 -17.42 16.41 -4.02
N VAL A 256 -16.57 16.88 -3.11
CA VAL A 256 -15.94 18.19 -3.28
C VAL A 256 -15.07 18.19 -4.54
N LEU A 257 -14.20 17.18 -4.66
CA LEU A 257 -13.35 17.10 -5.84
C LEU A 257 -14.16 16.87 -7.10
N VAL A 258 -15.21 16.04 -7.02
CA VAL A 258 -16.03 15.76 -8.20
C VAL A 258 -16.72 17.05 -8.67
N LYS A 259 -17.30 17.80 -7.74
CA LYS A 259 -17.97 19.05 -8.09
C LYS A 259 -16.98 20.06 -8.65
N ASN A 260 -15.81 20.20 -8.04
CA ASN A 260 -14.83 21.16 -8.52
C ASN A 260 -14.30 20.78 -9.89
N TRP A 261 -14.07 19.48 -10.13
CA TRP A 261 -13.64 19.04 -11.45
C TRP A 261 -14.73 19.25 -12.50
N LYS A 262 -15.99 19.04 -12.12
CA LYS A 262 -17.08 19.34 -13.03
C LYS A 262 -17.09 20.82 -13.41
N LYS A 263 -16.91 21.69 -12.41
CA LYS A 263 -16.85 23.13 -12.68
C LYS A 263 -15.67 23.47 -13.59
N GLU A 264 -14.51 22.88 -13.30
CA GLU A 264 -13.31 23.19 -14.09
C GLU A 264 -13.46 22.73 -15.54
N CYS A 265 -14.03 21.55 -15.75
CA CYS A 265 -14.29 21.07 -17.10
C CYS A 265 -15.32 21.93 -17.81
N ALA A 266 -16.37 22.36 -17.09
CA ALA A 266 -17.36 23.23 -17.70
C ALA A 266 -16.77 24.58 -18.09
N LYS A 267 -15.78 25.05 -17.32
CA LYS A 267 -15.09 26.29 -17.67
C LYS A 267 -14.38 26.15 -19.01
N SER A 268 -13.74 25.01 -19.25
CA SER A 268 -13.03 24.77 -20.50
C SER A 268 -13.73 23.70 -21.32
N PRO A 311 -8.65 21.72 -19.53
CA PRO A 311 -8.80 21.18 -18.18
C PRO A 311 -7.46 20.86 -17.53
N SER A 312 -7.30 21.24 -16.28
CA SER A 312 -6.05 21.00 -15.54
C SER A 312 -6.41 20.43 -14.18
N LEU A 313 -5.88 19.24 -13.88
CA LEU A 313 -6.15 18.63 -12.58
C LEU A 313 -5.44 19.38 -11.46
N PHE A 314 -4.31 20.04 -11.77
CA PHE A 314 -3.60 20.79 -10.75
C PHE A 314 -4.43 21.95 -10.22
N LYS A 315 -5.19 22.60 -11.11
CA LYS A 315 -6.08 23.67 -10.69
C LYS A 315 -7.03 23.20 -9.60
N VAL A 316 -7.74 22.09 -9.85
CA VAL A 316 -8.67 21.55 -8.87
C VAL A 316 -7.91 21.11 -7.62
N LEU A 317 -6.73 20.52 -7.81
CA LEU A 317 -5.99 19.97 -6.68
C LEU A 317 -5.60 21.06 -5.69
N TYR A 318 -5.09 22.19 -6.17
CA TYR A 318 -4.73 23.25 -5.24
C TYR A 318 -5.86 24.23 -4.98
N LYS A 319 -7.01 24.06 -5.64
CA LYS A 319 -8.19 24.84 -5.27
C LYS A 319 -8.98 24.19 -4.15
N THR A 320 -9.08 22.86 -4.13
CA THR A 320 -9.83 22.18 -3.10
C THR A 320 -9.01 21.92 -1.84
N PHE A 321 -7.80 21.39 -1.99
CA PHE A 321 -6.95 21.08 -0.84
C PHE A 321 -6.00 22.21 -0.49
N GLY A 322 -5.96 23.28 -1.27
CA GLY A 322 -5.08 24.40 -1.02
C GLY A 322 -5.37 25.17 0.26
N PRO A 323 -6.63 25.56 0.49
CA PRO A 323 -6.94 26.33 1.71
C PRO A 323 -6.56 25.64 3.01
N TYR A 324 -6.75 24.33 3.10
CA TYR A 324 -6.36 23.62 4.32
C TYR A 324 -4.85 23.44 4.37
N PHE A 325 -4.21 23.28 3.21
CA PHE A 325 -2.77 23.14 3.14
C PHE A 325 -2.03 24.45 3.39
N LEU A 326 -2.76 25.57 3.40
CA LEU A 326 -2.10 26.90 3.56
C LEU A 326 -1.45 27.01 4.94
N MET A 327 -2.11 26.55 5.99
CA MET A 327 -1.57 26.72 7.34
C MET A 327 -0.23 26.03 7.51
N SER A 328 0.01 24.96 6.74
CA SER A 328 1.29 24.21 6.84
C SER A 328 2.43 25.17 6.51
N PHE A 329 2.17 26.18 5.68
CA PHE A 329 3.22 27.15 5.30
C PHE A 329 3.59 28.01 6.52
N LEU A 330 2.61 28.66 7.15
CA LEU A 330 2.91 29.43 8.35
C LEU A 330 3.63 28.57 9.38
N PHE A 331 3.15 27.33 9.56
CA PHE A 331 3.78 26.44 10.54
C PHE A 331 5.23 26.13 10.15
N LYS A 332 5.48 25.85 8.88
CA LYS A 332 6.84 25.56 8.45
C LYS A 332 7.76 26.77 8.57
N ALA A 333 7.25 27.96 8.25
CA ALA A 333 8.06 29.18 8.39
C ALA A 333 8.43 29.41 9.85
N VAL A 334 7.45 29.29 10.75
CA VAL A 334 7.72 29.48 12.16
C VAL A 334 8.70 28.43 12.66
N HIS A 335 8.55 27.18 12.20
CA HIS A 335 9.46 26.12 12.62
C HIS A 335 10.89 26.38 12.14
N ASP A 336 11.03 26.89 10.91
CA ASP A 336 12.36 27.25 10.41
C ASP A 336 12.99 28.33 11.27
N LEU A 337 12.21 29.37 11.59
CA LEU A 337 12.74 30.45 12.42
C LEU A 337 13.14 29.94 13.80
N MET A 338 12.30 29.09 14.38
CA MET A 338 12.57 28.58 15.75
C MET A 338 13.86 27.74 15.75
N MET A 339 14.04 26.89 14.72
CA MET A 339 15.24 26.00 14.71
C MET A 339 16.49 26.85 14.48
N PHE A 340 16.39 27.93 13.69
CA PHE A 340 17.54 28.84 13.47
C PHE A 340 17.83 29.61 14.76
N ALA A 341 16.80 29.85 15.59
CA ALA A 341 17.03 30.48 16.87
C ALA A 341 17.96 29.65 17.77
N GLY A 342 18.03 28.34 17.56
CA GLY A 342 18.86 27.47 18.35
C GLY A 342 20.34 27.79 18.28
N PRO A 343 20.91 27.82 17.08
CA PRO A 343 22.32 28.22 16.95
C PRO A 343 22.61 29.63 17.45
N GLU A 344 21.65 30.56 17.37
CA GLU A 344 21.86 31.88 17.96
C GLU A 344 21.99 31.78 19.48
N ILE A 345 21.14 30.98 20.12
CA ILE A 345 21.24 30.80 21.56
C ILE A 345 22.54 30.09 21.91
N LEU A 346 22.99 29.17 21.05
CA LEU A 346 24.28 28.53 21.26
C LEU A 346 25.41 29.54 21.17
N LYS A 347 25.32 30.49 20.23
CA LYS A 347 26.29 31.57 20.14
C LYS A 347 26.32 32.39 21.42
N LEU A 348 25.15 32.76 21.92
CA LEU A 348 25.09 33.55 23.14
C LEU A 348 25.63 32.77 24.33
N LEU A 349 25.33 31.48 24.40
CA LEU A 349 25.83 30.64 25.49
C LEU A 349 27.34 30.48 25.42
N ILE A 350 27.89 30.32 24.22
CA ILE A 350 29.34 30.22 24.07
C ILE A 350 29.99 31.53 24.47
N ASN A 351 29.40 32.66 24.07
CA ASN A 351 29.92 33.95 24.50
C ASN A 351 29.89 34.08 26.03
N PHE A 352 28.80 33.64 26.65
CA PHE A 352 28.68 33.73 28.10
C PHE A 352 29.71 32.87 28.80
N VAL A 353 29.87 31.62 28.37
CA VAL A 353 30.83 30.72 28.99
C VAL A 353 32.25 31.22 28.79
N ASN A 354 32.56 31.68 27.57
CA ASN A 354 33.88 32.19 27.22
C ASN A 354 34.21 33.49 27.94
N ASP A 355 33.21 34.18 28.48
CA ASP A 355 33.40 35.49 29.11
C ASP A 355 33.11 35.38 30.60
N LYS A 356 34.15 35.53 31.41
CA LYS A 356 33.99 35.54 32.85
C LYS A 356 33.47 36.92 33.28
N LYS A 357 33.46 37.17 34.59
CA LYS A 357 33.00 38.44 35.18
C LYS A 357 31.62 38.85 34.67
N ALA A 358 30.86 37.88 34.15
CA ALA A 358 29.52 38.03 33.61
C ALA A 358 28.49 37.57 34.63
N PRO A 359 27.28 38.13 34.60
CA PRO A 359 26.25 37.71 35.56
C PRO A 359 25.91 36.23 35.39
N GLU A 360 25.69 35.57 36.52
CA GLU A 360 25.38 34.14 36.49
C GLU A 360 23.98 33.88 35.93
N TRP A 361 23.06 34.82 36.10
CA TRP A 361 21.70 34.62 35.61
C TRP A 361 21.61 34.66 34.09
N GLN A 362 22.64 35.20 33.41
CA GLN A 362 22.60 35.26 31.96
C GLN A 362 22.58 33.87 31.35
N GLY A 363 23.40 32.96 31.87
CA GLY A 363 23.42 31.60 31.35
C GLY A 363 22.11 30.86 31.60
N TYR A 364 21.52 31.07 32.79
CA TYR A 364 20.24 30.44 33.09
C TYR A 364 19.15 30.97 32.16
N PHE A 365 19.16 32.29 31.90
CA PHE A 365 18.22 32.86 30.94
C PHE A 365 18.42 32.26 29.56
N TYR A 366 19.67 32.10 29.14
CA TYR A 366 19.94 31.54 27.81
C TYR A 366 19.48 30.10 27.70
N THR A 367 19.72 29.29 28.74
CA THR A 367 19.30 27.89 28.67
C THR A 367 17.78 27.76 28.74
N ALA A 368 17.12 28.60 29.54
CA ALA A 368 15.66 28.58 29.56
C ALA A 368 15.10 29.00 28.21
N LEU A 369 15.70 30.02 27.58
CA LEU A 369 15.24 30.44 26.26
C LEU A 369 15.47 29.35 25.23
N LEU A 370 16.60 28.64 25.31
CA LEU A 370 16.86 27.54 24.40
C LEU A 370 15.83 26.43 24.57
N PHE A 371 15.50 26.09 25.81
CA PHE A 371 14.50 25.06 26.06
C PHE A 371 13.14 25.48 25.53
N ILE A 372 12.74 26.74 25.77
CA ILE A 372 11.46 27.22 25.29
C ILE A 372 11.41 27.21 23.76
N SER A 373 12.49 27.66 23.12
CA SER A 373 12.53 27.67 21.66
C SER A 373 12.45 26.25 21.10
N ALA A 374 13.16 25.31 21.73
CA ALA A 374 13.13 23.93 21.24
C ALA A 374 11.73 23.33 21.40
N CYS A 375 11.07 23.58 22.52
CA CYS A 375 9.71 23.05 22.71
C CYS A 375 8.74 23.66 21.71
N LEU A 376 8.82 24.97 21.50
CA LEU A 376 7.93 25.63 20.55
C LEU A 376 8.18 25.11 19.13
N GLN A 377 9.45 24.92 18.77
CA GLN A 377 9.76 24.38 17.45
C GLN A 377 9.21 22.97 17.30
N THR A 378 9.34 22.14 18.34
CA THR A 378 8.75 20.81 18.31
C THR A 378 7.25 20.87 18.04
N LEU A 379 6.53 21.67 18.84
CA LEU A 379 5.09 21.72 18.69
C LEU A 379 4.68 22.22 17.32
N VAL A 380 5.29 23.33 16.89
CA VAL A 380 4.92 23.93 15.57
C VAL A 380 5.25 22.93 14.45
N LEU A 381 6.46 22.37 14.47
CA LEU A 381 6.88 21.41 13.40
C LEU A 381 5.90 20.24 13.33
N HIS A 382 5.57 19.64 14.47
CA HIS A 382 4.71 18.45 14.44
C HIS A 382 3.26 18.79 14.11
N GLN A 383 2.78 19.99 14.46
CA GLN A 383 1.49 20.42 13.94
C GLN A 383 1.55 20.59 12.42
N TYR A 384 2.67 21.11 11.93
CA TYR A 384 2.85 21.29 10.46
C TYR A 384 2.71 19.93 9.76
N PHE A 385 3.45 18.92 10.24
CA PHE A 385 3.41 17.58 9.61
C PHE A 385 2.00 16.99 9.74
N HIS A 386 1.39 17.12 10.92
CA HIS A 386 0.00 16.64 11.10
C HIS A 386 -0.86 17.24 9.97
N ILE A 387 -0.73 18.55 9.74
CA ILE A 387 -1.49 19.21 8.68
C ILE A 387 -1.14 18.61 7.32
N CYS A 388 0.15 18.40 7.07
CA CYS A 388 0.57 17.83 5.80
C CYS A 388 0.05 16.40 5.64
N PHE A 389 0.12 15.60 6.70
CA PHE A 389 -0.26 14.20 6.59
C PHE A 389 -1.77 14.05 6.45
N VAL A 390 -2.54 14.90 7.14
CA VAL A 390 -4.00 14.88 6.97
C VAL A 390 -4.37 15.32 5.56
N SER A 391 -3.71 16.36 5.05
CA SER A 391 -3.99 16.83 3.70
C SER A 391 -3.66 15.79 2.65
N GLY A 392 -2.55 15.08 2.80
CA GLY A 392 -2.20 14.02 1.88
C GLY A 392 -3.20 12.87 1.89
N MET A 393 -3.65 12.51 3.09
CA MET A 393 -4.66 11.47 3.21
C MET A 393 -5.97 11.89 2.56
N ARG A 394 -6.36 13.16 2.74
CA ARG A 394 -7.56 13.67 2.09
C ARG A 394 -7.40 13.65 0.57
N ILE A 395 -6.22 14.01 0.08
CA ILE A 395 -5.96 13.99 -1.35
C ILE A 395 -6.10 12.57 -1.89
N LYS A 396 -5.52 11.60 -1.18
CA LYS A 396 -5.61 10.21 -1.60
C LYS A 396 -7.06 9.73 -1.61
N THR A 397 -7.81 10.05 -0.55
CA THR A 397 -9.20 9.63 -0.47
C THR A 397 -10.02 10.22 -1.61
N ALA A 398 -9.85 11.52 -1.87
CA ALA A 398 -10.61 12.16 -2.94
C ALA A 398 -10.23 11.61 -4.30
N VAL A 399 -8.94 11.38 -4.54
CA VAL A 399 -8.50 10.84 -5.82
C VAL A 399 -9.06 9.43 -6.03
N ILE A 400 -9.01 8.59 -4.98
CA ILE A 400 -9.52 7.23 -5.11
C ILE A 400 -11.03 7.25 -5.39
N GLY A 401 -11.77 8.09 -4.66
CA GLY A 401 -13.19 8.18 -4.88
C GLY A 401 -13.54 8.70 -6.26
N ALA A 402 -12.81 9.72 -6.73
CA ALA A 402 -13.07 10.27 -8.06
C ALA A 402 -12.75 9.25 -9.15
N VAL A 403 -11.67 8.48 -8.99
CA VAL A 403 -11.34 7.45 -9.95
C VAL A 403 -12.44 6.38 -9.97
N TYR A 404 -12.91 5.98 -8.79
CA TYR A 404 -13.97 4.97 -8.72
C TYR A 404 -15.25 5.46 -9.38
N ARG A 405 -15.61 6.73 -9.13
CA ARG A 405 -16.85 7.25 -9.70
C ARG A 405 -16.73 7.48 -11.20
N LYS A 406 -15.54 7.86 -11.68
CA LYS A 406 -15.35 8.05 -13.12
C LYS A 406 -15.27 6.72 -13.85
N ALA A 407 -14.85 5.66 -13.18
CA ALA A 407 -14.82 4.35 -13.82
C ALA A 407 -16.21 3.87 -14.20
N LEU A 408 -17.22 4.22 -13.41
CA LEU A 408 -18.59 3.81 -13.68
C LEU A 408 -19.28 4.66 -14.72
N VAL A 409 -18.69 5.79 -15.11
CA VAL A 409 -19.25 6.65 -16.14
C VAL A 409 -18.43 6.64 -17.42
N ILE A 410 -17.22 6.08 -17.40
CA ILE A 410 -16.35 6.13 -18.56
C ILE A 410 -16.97 5.35 -19.72
N THR A 411 -16.66 5.79 -20.94
CA THR A 411 -17.12 5.11 -22.14
C THR A 411 -16.33 3.82 -22.37
N ASN A 412 -16.96 2.90 -23.09
CA ASN A 412 -16.27 1.62 -23.36
C ASN A 412 -14.98 1.98 -24.09
N ALA A 413 -15.09 2.83 -25.11
CA ALA A 413 -13.91 3.19 -25.91
C ALA A 413 -12.79 3.61 -24.95
N ALA A 414 -13.09 4.54 -24.06
CA ALA A 414 -12.03 5.05 -23.18
C ALA A 414 -11.60 3.97 -22.19
N ARG A 415 -12.55 3.28 -21.56
CA ARG A 415 -12.24 2.23 -20.55
C ARG A 415 -11.19 1.27 -21.12
N LYS A 416 -11.34 0.87 -22.38
CA LYS A 416 -10.42 -0.12 -23.02
C LYS A 416 -9.09 0.58 -23.35
N SER A 417 -9.13 1.88 -23.62
CA SER A 417 -7.90 2.65 -23.97
C SER A 417 -6.89 2.53 -22.83
N SER A 418 -7.36 2.54 -21.58
CA SER A 418 -6.46 2.41 -20.40
C SER A 418 -6.49 0.97 -19.88
N THR A 419 -5.35 0.29 -19.87
CA THR A 419 -5.27 -1.10 -19.33
C THR A 419 -6.05 -1.17 -18.01
N VAL A 420 -6.83 -2.23 -17.80
CA VAL A 420 -7.54 -2.38 -16.50
C VAL A 420 -6.51 -2.19 -15.38
N GLY A 421 -5.40 -2.93 -15.44
CA GLY A 421 -4.36 -2.79 -14.42
C GLY A 421 -3.91 -1.35 -14.25
N GLU A 422 -3.89 -0.59 -15.33
CA GLU A 422 -3.53 0.83 -15.23
C GLU A 422 -4.55 1.59 -14.39
N ILE A 423 -5.83 1.29 -14.56
CA ILE A 423 -6.86 1.98 -13.79
C ILE A 423 -6.75 1.62 -12.31
N VAL A 424 -6.39 0.37 -12.00
CA VAL A 424 -6.16 -0.01 -10.61
C VAL A 424 -4.93 0.71 -10.06
N ASN A 425 -3.90 0.85 -10.91
CA ASN A 425 -2.66 1.55 -10.49
C ASN A 425 -2.99 3.00 -10.12
N LEU A 426 -3.98 3.60 -10.79
CA LEU A 426 -4.32 5.02 -10.52
C LEU A 426 -4.61 5.21 -9.03
N MET A 427 -5.30 4.24 -8.42
CA MET A 427 -5.57 4.31 -6.96
C MET A 427 -4.43 3.61 -6.20
N SER A 428 -3.75 2.67 -6.84
CA SER A 428 -2.66 1.90 -6.17
C SER A 428 -1.43 2.78 -5.96
N VAL A 429 -0.97 3.49 -7.00
CA VAL A 429 0.30 4.28 -6.88
C VAL A 429 -0.02 5.78 -6.99
N ASP A 430 -0.62 6.21 -8.10
CA ASP A 430 -0.88 7.66 -8.31
C ASP A 430 -1.50 8.27 -7.03
N ALA A 431 -2.51 7.62 -6.46
CA ALA A 431 -3.15 8.11 -5.22
C ALA A 431 -2.12 8.08 -4.08
N GLN A 432 -1.38 6.98 -3.95
CA GLN A 432 -0.35 6.85 -2.89
C GLN A 432 0.72 7.92 -3.09
N ARG A 433 1.31 7.99 -4.29
CA ARG A 433 2.39 8.93 -4.55
C ARG A 433 1.99 10.35 -4.15
N PHE A 434 0.74 10.74 -4.42
CA PHE A 434 0.28 12.06 -4.02
C PHE A 434 0.31 12.23 -2.51
N MET A 435 -0.24 11.24 -1.80
CA MET A 435 -0.28 11.31 -0.31
C MET A 435 1.15 11.38 0.22
N ASP A 436 2.04 10.54 -0.32
CA ASP A 436 3.43 10.52 0.15
C ASP A 436 4.11 11.86 -0.11
N LEU A 437 3.88 12.42 -1.31
CA LEU A 437 4.55 13.69 -1.70
C LEU A 437 3.97 14.87 -0.91
N ALA A 438 2.65 14.88 -0.69
CA ALA A 438 2.00 16.03 -0.03
C ALA A 438 2.76 16.44 1.25
N THR A 439 3.14 15.47 2.08
CA THR A 439 3.78 15.80 3.38
C THR A 439 5.09 16.57 3.17
N TYR A 440 5.56 16.69 1.92
CA TYR A 440 6.87 17.34 1.66
C TYR A 440 6.74 18.40 0.57
N ILE A 441 5.54 18.77 0.19
CA ILE A 441 5.52 19.78 -0.90
C ILE A 441 6.14 21.03 -0.31
N ASN A 442 5.92 21.30 0.97
CA ASN A 442 6.40 22.59 1.54
C ASN A 442 7.92 22.67 1.47
N MET A 443 8.60 21.52 1.33
CA MET A 443 10.09 21.53 1.34
C MET A 443 10.59 22.37 0.17
N ILE A 444 9.86 22.33 -0.96
CA ILE A 444 10.30 23.07 -2.18
C ILE A 444 10.51 24.55 -1.83
N TRP A 445 9.84 25.04 -0.78
CA TRP A 445 10.00 26.44 -0.40
C TRP A 445 10.80 26.60 0.88
N SER A 446 10.85 25.56 1.72
CA SER A 446 11.51 25.74 3.04
C SER A 446 12.94 25.19 3.03
N ALA A 447 13.23 24.19 2.20
CA ALA A 447 14.63 23.69 2.09
C ALA A 447 15.56 24.85 1.68
N PRO A 448 15.26 25.63 0.61
CA PRO A 448 16.10 26.78 0.25
C PRO A 448 16.17 27.79 1.41
N LEU A 449 15.03 28.05 2.07
CA LEU A 449 15.00 29.02 3.19
C LEU A 449 15.95 28.53 4.29
N GLN A 450 15.90 27.26 4.63
CA GLN A 450 16.77 26.77 5.72
C GLN A 450 18.21 26.77 5.20
N VAL A 451 18.42 26.83 3.89
CA VAL A 451 19.81 26.97 3.35
C VAL A 451 20.18 28.46 3.33
N ILE A 452 19.33 29.31 2.74
CA ILE A 452 19.67 30.76 2.60
C ILE A 452 19.90 31.36 3.99
N LEU A 453 18.98 31.14 4.93
CA LEU A 453 19.11 31.76 6.28
C LEU A 453 20.36 31.20 6.96
N ALA A 454 20.58 29.89 6.85
CA ALA A 454 21.80 29.27 7.45
C ALA A 454 23.04 29.90 6.80
N LEU A 455 23.04 30.05 5.48
CA LEU A 455 24.19 30.68 4.78
C LEU A 455 24.40 32.09 5.34
N TYR A 456 23.33 32.88 5.46
CA TYR A 456 23.45 34.23 6.08
C TYR A 456 24.08 34.08 7.46
N LEU A 457 23.57 33.14 8.26
CA LEU A 457 24.12 32.92 9.60
C LEU A 457 25.58 32.52 9.50
N LEU A 458 25.90 31.62 8.57
CA LEU A 458 27.30 31.25 8.38
C LEU A 458 28.12 32.45 7.94
N TRP A 459 27.53 33.30 7.09
CA TRP A 459 28.22 34.51 6.66
C TRP A 459 28.51 35.42 7.84
N LEU A 460 27.68 35.36 8.89
CA LEU A 460 27.94 36.18 10.07
C LEU A 460 29.12 35.63 10.88
N ASN A 461 29.43 34.35 10.72
CA ASN A 461 30.46 33.73 11.55
C ASN A 461 31.80 33.64 10.82
N LEU A 462 31.79 33.17 9.57
CA LEU A 462 33.02 32.91 8.84
C LEU A 462 33.36 34.00 7.83
N GLY A 463 32.37 34.47 7.08
CA GLY A 463 32.59 35.52 6.11
C GLY A 463 32.52 35.00 4.69
N PRO A 464 33.40 35.50 3.82
CA PRO A 464 33.43 35.00 2.43
C PRO A 464 33.80 33.53 2.33
N SER A 465 34.44 32.97 3.37
CA SER A 465 34.83 31.56 3.32
C SER A 465 33.63 30.65 3.14
N VAL A 466 32.45 31.08 3.58
CA VAL A 466 31.23 30.29 3.42
C VAL A 466 30.95 30.00 1.95
N LEU A 467 31.45 30.85 1.04
CA LEU A 467 31.31 30.56 -0.39
C LEU A 467 31.85 29.17 -0.72
N ALA A 468 32.97 28.79 -0.10
CA ALA A 468 33.50 27.44 -0.32
C ALA A 468 32.46 26.39 0.04
N GLY A 469 31.79 26.56 1.18
CA GLY A 469 30.70 25.68 1.53
C GLY A 469 29.66 25.60 0.44
N VAL A 470 29.28 26.75 -0.13
CA VAL A 470 28.30 26.76 -1.21
C VAL A 470 28.81 25.91 -2.37
N ALA A 471 30.10 26.01 -2.68
CA ALA A 471 30.66 25.19 -3.75
C ALA A 471 30.39 23.72 -3.50
N VAL A 472 30.53 23.30 -2.24
CA VAL A 472 30.28 21.91 -1.90
C VAL A 472 28.83 21.53 -2.20
N MET A 473 27.92 22.45 -1.88
CA MET A 473 26.48 22.20 -2.22
C MET A 473 26.34 22.10 -3.74
N VAL A 474 27.02 22.98 -4.48
CA VAL A 474 26.94 22.96 -5.97
C VAL A 474 27.55 21.65 -6.47
N LEU A 475 28.41 21.02 -5.67
CA LEU A 475 29.07 19.76 -6.07
C LEU A 475 28.33 18.58 -5.47
N MET A 476 27.26 18.83 -4.71
CA MET A 476 26.54 17.72 -4.02
C MET A 476 25.08 17.69 -4.44
N VAL A 477 24.32 18.75 -4.13
CA VAL A 477 22.88 18.74 -4.41
C VAL A 477 22.57 18.34 -5.84
N PRO A 478 23.24 18.86 -6.87
CA PRO A 478 22.95 18.38 -8.23
C PRO A 478 23.18 16.89 -8.40
N LEU A 479 24.35 16.40 -8.01
CA LEU A 479 24.68 14.99 -8.18
C LEU A 479 23.61 14.10 -7.56
N ASN A 480 23.28 14.34 -6.29
CA ASN A 480 22.23 13.57 -5.63
C ASN A 480 20.97 13.59 -6.46
N ALA A 481 20.56 14.77 -6.92
CA ALA A 481 19.36 14.86 -7.74
C ALA A 481 19.44 13.92 -8.92
N VAL A 482 20.54 13.97 -9.67
CA VAL A 482 20.71 13.04 -10.79
C VAL A 482 20.64 11.62 -10.27
N MET A 483 21.45 11.31 -9.25
CA MET A 483 21.41 9.96 -8.63
C MET A 483 19.95 9.64 -8.24
N ALA A 484 19.25 10.59 -7.61
CA ALA A 484 17.90 10.31 -7.16
C ALA A 484 17.03 9.90 -8.34
N MET A 485 17.12 10.64 -9.45
CA MET A 485 16.34 10.28 -10.62
C MET A 485 16.69 8.87 -11.07
N LYS A 486 17.99 8.57 -11.12
CA LYS A 486 18.41 7.23 -11.52
C LYS A 486 17.80 6.19 -10.60
N THR A 487 17.73 6.47 -9.30
CA THR A 487 17.12 5.53 -8.37
C THR A 487 15.72 5.17 -8.85
N LYS A 488 14.91 6.19 -9.16
CA LYS A 488 13.56 5.93 -9.62
C LYS A 488 13.57 5.04 -10.85
N THR A 489 14.48 5.31 -11.79
CA THR A 489 14.60 4.47 -12.97
C THR A 489 14.80 3.02 -12.57
N TYR A 490 15.79 2.77 -11.70
CA TYR A 490 16.05 1.41 -11.27
C TYR A 490 14.83 0.83 -10.58
N GLN A 491 14.14 1.66 -9.77
CA GLN A 491 12.92 1.21 -9.12
C GLN A 491 11.94 0.67 -10.14
N VAL A 492 11.75 1.42 -11.24
CA VAL A 492 10.85 0.95 -12.29
C VAL A 492 11.32 -0.39 -12.82
N ALA A 493 12.62 -0.51 -13.11
CA ALA A 493 13.16 -1.76 -13.60
C ALA A 493 12.93 -2.88 -12.60
N HIS A 494 13.02 -2.56 -11.31
CA HIS A 494 12.71 -3.55 -10.28
C HIS A 494 11.29 -4.07 -10.46
N MET A 495 10.32 -3.16 -10.56
CA MET A 495 8.94 -3.58 -10.79
C MET A 495 8.77 -4.26 -12.14
N LYS A 496 9.70 -4.04 -13.08
CA LYS A 496 9.67 -4.80 -14.31
C LYS A 496 9.90 -6.28 -14.01
N SER A 497 10.92 -6.58 -13.21
CA SER A 497 11.25 -7.97 -12.93
C SER A 497 10.29 -8.58 -11.91
N LYS A 498 9.86 -7.78 -10.92
CA LYS A 498 8.93 -8.29 -9.91
C LYS A 498 7.66 -8.79 -10.56
N ASP A 499 7.02 -7.94 -11.37
CA ASP A 499 5.85 -8.37 -12.11
C ASP A 499 6.18 -9.52 -13.06
N ASN A 500 7.43 -9.59 -13.50
CA ASN A 500 7.84 -10.69 -14.41
C ASN A 500 7.87 -12.01 -13.64
N ARG A 501 8.07 -11.97 -12.32
CA ARG A 501 8.19 -13.21 -11.55
C ARG A 501 6.87 -13.61 -10.89
N ILE A 502 6.15 -12.64 -10.30
CA ILE A 502 4.95 -12.96 -9.54
C ILE A 502 3.94 -13.68 -10.42
N LYS A 503 3.68 -13.14 -11.62
CA LYS A 503 2.80 -13.83 -12.56
C LYS A 503 3.30 -15.24 -12.83
N LEU A 504 4.59 -15.37 -13.14
CA LEU A 504 5.19 -16.71 -13.36
C LEU A 504 4.95 -17.56 -12.11
N MET A 505 5.19 -16.99 -10.93
CA MET A 505 4.98 -17.74 -9.66
C MET A 505 3.51 -18.19 -9.60
N ASN A 506 2.58 -17.31 -10.00
CA ASN A 506 1.15 -17.68 -10.04
C ASN A 506 0.97 -18.91 -10.95
N GLU A 507 1.58 -18.88 -12.14
CA GLU A 507 1.51 -20.02 -13.08
C GLU A 507 2.07 -21.27 -12.39
N ILE A 508 3.10 -21.11 -11.56
CA ILE A 508 3.62 -22.24 -10.81
C ILE A 508 2.63 -22.64 -9.72
N LEU A 509 2.04 -21.65 -9.03
CA LEU A 509 1.15 -21.97 -7.93
C LEU A 509 -0.17 -22.55 -8.42
N ASN A 510 -0.68 -22.04 -9.54
CA ASN A 510 -1.84 -22.63 -10.20
C ASN A 510 -1.33 -23.63 -11.22
N GLY A 511 -1.18 -24.88 -10.80
CA GLY A 511 -0.63 -25.89 -11.67
C GLY A 511 0.47 -26.73 -11.05
N ILE A 512 0.57 -26.70 -9.72
CA ILE A 512 1.59 -27.49 -9.03
C ILE A 512 1.39 -28.98 -9.28
N LYS A 513 0.13 -29.42 -9.40
CA LYS A 513 -0.15 -30.82 -9.74
C LYS A 513 0.55 -31.22 -11.03
N VAL A 514 0.36 -30.42 -12.08
CA VAL A 514 0.94 -30.79 -13.42
C VAL A 514 2.47 -30.70 -13.36
N LEU A 515 3.00 -29.66 -12.70
CA LEU A 515 4.47 -29.45 -12.62
C LEU A 515 5.12 -30.64 -11.92
N LYS A 516 4.65 -30.97 -10.72
CA LYS A 516 5.21 -32.14 -9.97
C LYS A 516 5.20 -33.36 -10.88
N LEU A 517 4.07 -33.62 -11.54
CA LEU A 517 3.93 -34.81 -12.43
C LEU A 517 4.95 -34.71 -13.58
N TYR A 518 5.08 -33.53 -14.19
CA TYR A 518 6.02 -33.34 -15.33
C TYR A 518 7.44 -33.12 -14.79
N ALA A 519 7.61 -33.19 -13.46
CA ALA A 519 8.96 -33.09 -12.84
C ALA A 519 9.78 -31.92 -13.40
N TRP A 520 9.16 -30.79 -13.75
CA TRP A 520 9.98 -29.63 -14.17
C TRP A 520 10.34 -28.74 -12.97
N GLU A 521 10.12 -29.23 -11.75
CA GLU A 521 10.35 -28.39 -10.54
C GLU A 521 11.74 -27.76 -10.57
N LEU A 522 12.77 -28.49 -10.99
CA LEU A 522 14.13 -27.96 -10.91
C LEU A 522 14.39 -26.88 -11.96
N ALA A 523 13.82 -27.03 -13.16
CA ALA A 523 14.01 -26.02 -14.19
C ALA A 523 13.38 -24.70 -13.78
N PHE A 524 12.07 -24.78 -13.49
CA PHE A 524 11.30 -23.58 -13.11
C PHE A 524 12.03 -22.95 -11.92
N LYS A 525 12.54 -23.79 -11.02
CA LYS A 525 13.36 -23.23 -9.92
C LYS A 525 14.40 -22.31 -10.54
N ASP A 526 15.17 -22.82 -11.51
CA ASP A 526 16.23 -22.00 -12.19
C ASP A 526 15.56 -20.87 -12.97
N LYS A 527 14.49 -21.15 -13.70
CA LYS A 527 13.75 -20.08 -14.42
C LYS A 527 13.44 -18.97 -13.42
N VAL A 528 12.66 -19.26 -12.39
CA VAL A 528 12.41 -18.30 -11.33
C VAL A 528 13.72 -17.72 -10.82
N LEU A 529 14.73 -18.58 -10.62
CA LEU A 529 15.99 -18.08 -10.01
C LEU A 529 16.66 -17.11 -10.99
N ALA A 530 16.51 -17.37 -12.30
CA ALA A 530 17.13 -16.49 -13.32
C ALA A 530 16.64 -15.06 -13.12
N ILE A 531 15.33 -14.84 -13.04
CA ILE A 531 14.80 -13.45 -12.93
C ILE A 531 15.24 -12.84 -11.59
N ARG A 532 15.33 -13.64 -10.52
CA ARG A 532 15.85 -13.07 -9.24
C ARG A 532 17.25 -12.54 -9.49
N GLN A 533 18.09 -13.33 -10.15
CA GLN A 533 19.42 -12.83 -10.50
C GLN A 533 19.34 -11.56 -11.32
N GLU A 534 18.39 -11.51 -12.27
CA GLU A 534 18.18 -10.26 -13.01
C GLU A 534 17.72 -9.14 -12.06
N GLU A 535 16.81 -9.47 -11.15
CA GLU A 535 16.41 -8.54 -10.10
C GLU A 535 17.62 -7.99 -9.36
N LEU A 536 18.45 -8.91 -8.87
CA LEU A 536 19.63 -8.48 -8.07
C LEU A 536 20.52 -7.63 -8.97
N LYS A 537 20.57 -7.95 -10.27
CA LYS A 537 21.33 -7.09 -11.21
C LYS A 537 20.80 -5.66 -11.06
N VAL A 538 19.50 -5.51 -10.78
CA VAL A 538 18.94 -4.16 -10.67
C VAL A 538 18.98 -3.69 -9.21
N LEU A 539 18.85 -4.64 -8.28
CA LEU A 539 18.87 -4.28 -6.85
C LEU A 539 20.29 -3.87 -6.45
N LYS A 540 21.31 -4.51 -7.05
CA LYS A 540 22.69 -4.14 -6.75
C LYS A 540 23.01 -2.75 -7.29
N LYS A 541 22.47 -2.41 -8.46
CA LYS A 541 22.59 -1.03 -8.94
C LYS A 541 21.92 -0.05 -7.98
N SER A 542 20.70 -0.38 -7.53
CA SER A 542 20.03 0.47 -6.56
C SER A 542 20.79 0.52 -5.24
N ALA A 543 21.52 -0.55 -4.91
CA ALA A 543 22.34 -0.58 -3.71
C ALA A 543 23.52 0.37 -3.83
N TYR A 544 24.12 0.42 -5.02
CA TYR A 544 25.23 1.39 -5.24
C TYR A 544 24.67 2.80 -5.08
N LEU A 545 23.48 3.07 -5.64
CA LEU A 545 22.88 4.39 -5.51
C LEU A 545 22.56 4.73 -4.06
N ALA A 546 22.02 3.75 -3.32
CA ALA A 546 21.69 3.98 -1.91
C ALA A 546 22.93 4.19 -1.06
N ALA A 547 24.03 3.53 -1.38
CA ALA A 547 25.29 3.80 -0.68
C ALA A 547 25.75 5.23 -0.91
N VAL A 548 25.67 5.68 -2.17
CA VAL A 548 25.98 7.08 -2.45
C VAL A 548 25.06 8.01 -1.67
N GLY A 549 23.79 7.64 -1.55
CA GLY A 549 22.84 8.47 -0.81
C GLY A 549 23.16 8.56 0.67
N THR A 550 23.50 7.44 1.34
CA THR A 550 23.82 7.62 2.78
C THR A 550 25.14 8.39 2.92
N PHE A 551 26.11 8.14 2.03
CA PHE A 551 27.31 8.96 2.15
C PHE A 551 26.98 10.44 2.01
N THR A 552 26.18 10.79 1.01
CA THR A 552 25.83 12.19 0.76
C THR A 552 24.86 12.73 1.79
N TRP A 553 24.29 11.87 2.63
CA TRP A 553 23.38 12.39 3.69
C TRP A 553 24.13 12.57 5.00
N VAL A 554 24.76 11.51 5.52
CA VAL A 554 25.35 11.61 6.85
C VAL A 554 26.61 12.46 6.83
N CYS A 555 27.34 12.43 5.70
CA CYS A 555 28.64 13.16 5.65
C CYS A 555 28.44 14.60 5.15
N THR A 556 27.22 14.94 4.72
CA THR A 556 26.99 16.30 4.15
C THR A 556 27.39 17.38 5.16
N PRO A 557 27.08 17.30 6.48
CA PRO A 557 27.43 18.38 7.40
C PRO A 557 28.95 18.54 7.54
N PHE A 558 29.68 17.42 7.60
CA PHE A 558 31.15 17.48 7.75
C PHE A 558 31.76 18.02 6.45
N LEU A 559 31.35 17.47 5.30
CA LEU A 559 31.97 17.89 4.06
C LEU A 559 31.92 19.41 3.96
N VAL A 560 30.75 19.99 4.21
CA VAL A 560 30.62 21.44 4.17
C VAL A 560 31.50 22.08 5.25
N ALA A 561 31.49 21.52 6.46
CA ALA A 561 32.26 22.08 7.56
C ALA A 561 33.76 22.05 7.25
N LEU A 562 34.25 20.94 6.71
CA LEU A 562 35.66 20.80 6.39
C LEU A 562 36.07 21.81 5.32
N SER A 563 35.29 21.91 4.25
CA SER A 563 35.64 22.87 3.21
C SER A 563 35.66 24.29 3.75
N THR A 564 34.62 24.67 4.49
CA THR A 564 34.52 26.04 4.96
C THR A 564 35.56 26.35 6.02
N PHE A 565 35.88 25.39 6.89
CA PHE A 565 36.89 25.63 7.93
C PHE A 565 38.28 25.70 7.32
N ALA A 566 38.59 24.82 6.37
CA ALA A 566 39.88 24.89 5.70
C ALA A 566 40.06 26.22 5.00
N VAL A 567 39.06 26.65 4.23
CA VAL A 567 39.17 27.94 3.55
C VAL A 567 39.29 29.07 4.56
N TYR A 568 38.45 29.05 5.60
CA TYR A 568 38.45 30.13 6.58
C TYR A 568 39.80 30.26 7.28
N VAL A 569 40.42 29.14 7.65
CA VAL A 569 41.71 29.21 8.33
C VAL A 569 42.88 29.35 7.38
N THR A 570 42.69 29.16 6.08
CA THR A 570 43.81 29.27 5.15
C THR A 570 43.90 30.61 4.44
N VAL A 571 42.77 31.22 4.06
CA VAL A 571 42.88 32.46 3.28
C VAL A 571 43.47 33.61 4.10
N ASP A 572 43.22 33.65 5.41
CA ASP A 572 43.73 34.73 6.24
C ASP A 572 44.46 34.16 7.45
N GLU A 573 45.62 34.74 7.75
CA GLU A 573 46.39 34.30 8.91
C GLU A 573 45.79 34.81 10.22
N ASN A 574 45.12 35.95 10.19
CA ASN A 574 44.48 36.49 11.38
C ASN A 574 43.08 35.94 11.59
N ASN A 575 42.64 34.99 10.77
CA ASN A 575 41.30 34.42 10.85
C ASN A 575 41.26 33.49 12.07
N ILE A 576 40.87 34.05 13.21
CA ILE A 576 40.81 33.29 14.45
C ILE A 576 39.65 32.31 14.38
N LEU A 577 39.84 31.12 14.96
CA LEU A 577 38.73 30.13 15.03
C LEU A 577 38.35 29.89 16.49
N ASP A 578 37.40 30.68 17.01
CA ASP A 578 36.92 30.49 18.40
C ASP A 578 35.71 29.57 18.40
N ALA A 579 35.40 28.93 19.54
CA ALA A 579 34.22 28.07 19.59
C ALA A 579 33.00 28.78 19.01
N GLN A 580 32.81 30.05 19.38
CA GLN A 580 31.68 30.82 18.87
C GLN A 580 31.59 30.79 17.35
N LYS A 581 32.72 30.91 16.67
CA LYS A 581 32.73 30.95 15.22
C LYS A 581 32.96 29.58 14.59
N ALA A 582 33.03 28.51 15.39
CA ALA A 582 33.08 27.17 14.82
C ALA A 582 31.87 26.33 15.19
N PHE A 583 31.63 26.11 16.48
CA PHE A 583 30.59 25.15 16.88
C PHE A 583 29.22 25.63 16.46
N VAL A 584 28.94 26.92 16.62
CA VAL A 584 27.69 27.47 16.11
C VAL A 584 27.55 27.16 14.63
N SER A 585 28.61 27.45 13.86
CA SER A 585 28.58 27.09 12.45
C SER A 585 28.37 25.59 12.28
N LEU A 586 29.06 24.79 13.11
CA LEU A 586 28.87 23.35 13.07
C LEU A 586 27.39 23.01 13.28
N ALA A 587 26.76 23.65 14.26
CA ALA A 587 25.34 23.40 14.49
C ALA A 587 24.53 23.70 13.24
N LEU A 588 24.83 24.84 12.59
CA LEU A 588 24.14 25.18 11.36
C LEU A 588 24.29 24.07 10.33
N PHE A 589 25.48 23.48 10.24
CA PHE A 589 25.69 22.40 9.28
C PHE A 589 24.80 21.21 9.60
N ASN A 590 24.55 21.00 10.89
CA ASN A 590 23.60 19.91 11.26
C ASN A 590 22.20 20.35 10.81
N ILE A 591 21.93 21.65 10.78
CA ILE A 591 20.56 22.12 10.45
C ILE A 591 20.44 22.21 8.92
N LEU A 592 21.56 22.11 8.23
CA LEU A 592 21.55 22.18 6.73
C LEU A 592 21.74 20.76 6.20
N ARG A 593 21.73 19.76 7.08
CA ARG A 593 21.85 18.36 6.63
C ARG A 593 20.51 17.96 6.04
N PHE A 594 19.43 18.27 6.74
CA PHE A 594 18.10 17.81 6.30
C PHE A 594 17.70 18.50 5.01
N PRO A 595 17.42 19.80 5.00
CA PRO A 595 16.87 20.43 3.79
C PRO A 595 17.73 20.24 2.57
N LEU A 596 19.04 20.06 2.77
CA LEU A 596 19.96 19.93 1.64
C LEU A 596 19.69 18.67 0.84
N ASN A 597 19.59 17.52 1.52
CA ASN A 597 19.51 16.23 0.78
C ASN A 597 18.07 15.77 0.56
N ILE A 598 17.11 16.28 1.34
CA ILE A 598 15.69 15.90 1.05
C ILE A 598 15.21 16.70 -0.16
N LEU A 599 15.80 17.87 -0.40
CA LEU A 599 15.41 18.73 -1.55
C LEU A 599 15.49 17.91 -2.85
N PRO A 600 16.62 17.26 -3.21
CA PRO A 600 16.65 16.43 -4.43
C PRO A 600 15.53 15.40 -4.48
N MET A 601 15.48 14.59 -3.43
CA MET A 601 14.46 13.52 -3.33
C MET A 601 13.09 14.11 -3.65
N VAL A 602 12.71 15.16 -2.93
CA VAL A 602 11.40 15.77 -3.11
C VAL A 602 11.21 16.20 -4.55
N ILE A 603 12.21 16.86 -5.14
CA ILE A 603 12.12 17.23 -6.54
C ILE A 603 11.89 16.00 -7.39
N SER A 604 12.65 14.92 -7.12
CA SER A 604 12.38 13.66 -7.80
C SER A 604 10.94 13.24 -7.57
N SER A 605 10.51 13.19 -6.30
CA SER A 605 9.14 12.81 -5.99
C SER A 605 8.14 13.76 -6.63
N ILE A 606 8.55 15.00 -6.93
CA ILE A 606 7.65 15.89 -7.66
C ILE A 606 7.52 15.44 -9.11
N VAL A 607 8.66 15.25 -9.78
CA VAL A 607 8.62 15.00 -11.23
C VAL A 607 7.87 13.72 -11.51
N GLN A 608 8.18 12.66 -10.77
CA GLN A 608 7.42 11.42 -10.89
C GLN A 608 5.95 11.66 -10.62
N ALA A 609 5.63 12.36 -9.52
CA ALA A 609 4.23 12.68 -9.25
C ALA A 609 3.61 13.40 -10.43
N SER A 610 4.40 14.27 -11.08
CA SER A 610 3.90 15.01 -12.23
C SER A 610 3.31 14.07 -13.27
N VAL A 611 4.06 13.04 -13.67
CA VAL A 611 3.53 12.16 -14.71
C VAL A 611 2.32 11.42 -14.18
N SER A 612 2.36 11.03 -12.91
CA SER A 612 1.19 10.43 -12.28
C SER A 612 0.00 11.35 -12.43
N LEU A 613 0.20 12.64 -12.12
CA LEU A 613 -0.88 13.61 -12.26
C LEU A 613 -1.45 13.57 -13.66
N LYS A 614 -0.57 13.57 -14.67
CA LYS A 614 -1.06 13.55 -16.05
C LYS A 614 -1.92 12.34 -16.29
N ARG A 615 -1.48 11.17 -15.81
CA ARG A 615 -2.29 9.96 -15.97
C ARG A 615 -3.66 10.17 -15.37
N LEU A 616 -3.71 10.74 -14.16
CA LEU A 616 -5.00 11.02 -13.53
C LEU A 616 -5.84 11.93 -14.41
N ARG A 617 -5.24 12.99 -14.94
CA ARG A 617 -5.99 13.88 -15.83
C ARG A 617 -6.52 13.10 -17.03
N VAL A 618 -5.69 12.21 -17.58
CA VAL A 618 -6.12 11.42 -18.71
C VAL A 618 -7.35 10.60 -18.35
N PHE A 619 -7.40 10.10 -17.11
CA PHE A 619 -8.56 9.33 -16.69
C PHE A 619 -9.76 10.23 -16.41
N LEU A 620 -9.51 11.46 -15.96
CA LEU A 620 -10.60 12.34 -15.56
C LEU A 620 -11.11 13.21 -16.70
N SER A 621 -10.45 13.18 -17.86
CA SER A 621 -10.92 13.90 -19.04
C SER A 621 -11.59 12.99 -20.06
N HIS A 622 -11.75 11.70 -19.74
CA HIS A 622 -12.33 10.76 -20.69
C HIS A 622 -13.82 11.02 -20.87
N GLU A 623 -14.34 10.62 -22.03
CA GLU A 623 -15.74 10.87 -22.36
C GLU A 623 -16.66 10.10 -21.43
N ASP A 624 -17.85 10.65 -21.24
CA ASP A 624 -18.86 10.07 -20.37
C ASP A 624 -19.98 9.45 -21.18
N LEU A 625 -20.71 8.52 -20.55
CA LEU A 625 -21.84 7.84 -21.25
C LEU A 625 -23.15 8.51 -20.86
N ASP A 626 -23.68 9.37 -21.74
CA ASP A 626 -24.95 10.09 -21.43
C ASP A 626 -26.07 9.07 -21.18
N PRO A 627 -26.76 9.12 -20.03
CA PRO A 627 -27.88 8.21 -19.76
C PRO A 627 -29.05 8.51 -20.70
N ASP A 628 -29.14 9.74 -21.20
CA ASP A 628 -30.24 10.14 -22.11
C ASP A 628 -30.18 9.29 -23.39
N SER A 629 -29.06 8.60 -23.62
CA SER A 629 -28.89 7.78 -24.85
C SER A 629 -30.02 6.77 -24.94
N ILE A 630 -30.30 6.06 -23.84
CA ILE A 630 -31.43 5.08 -23.82
C ILE A 630 -32.53 5.64 -22.93
N GLN A 631 -33.69 5.96 -23.50
CA GLN A 631 -34.80 6.49 -22.74
C GLN A 631 -35.29 5.41 -21.78
N ARG A 632 -35.03 5.60 -20.49
CA ARG A 632 -35.40 4.63 -19.46
C ARG A 632 -36.69 5.10 -18.80
N ARG A 633 -37.80 4.75 -19.45
CA ARG A 633 -39.13 5.17 -18.95
C ARG A 633 -39.60 4.20 -17.87
N PRO A 634 -40.07 4.70 -16.71
CA PRO A 634 -40.65 3.82 -15.69
C PRO A 634 -42.03 3.32 -16.10
N ILE A 635 -42.40 2.17 -15.55
CA ILE A 635 -43.69 1.56 -15.85
C ILE A 635 -44.83 2.46 -15.35
N ASN A 642 -43.98 -2.63 -26.96
CA ASN A 642 -43.79 -1.28 -26.45
C ASN A 642 -42.89 -1.29 -25.22
N SER A 643 -42.54 -2.48 -24.75
CA SER A 643 -41.61 -2.60 -23.63
C SER A 643 -40.21 -2.15 -24.05
N ILE A 644 -39.75 -2.60 -25.20
CA ILE A 644 -38.49 -2.15 -25.79
C ILE A 644 -38.79 -1.58 -27.17
N THR A 645 -38.35 -0.36 -27.41
CA THR A 645 -38.63 0.32 -28.66
C THR A 645 -37.33 0.81 -29.26
N VAL A 646 -37.07 0.42 -30.52
CA VAL A 646 -35.91 0.91 -31.26
C VAL A 646 -36.38 1.29 -32.66
N LYS A 647 -36.15 2.54 -33.05
CA LYS A 647 -36.44 2.97 -34.41
C LYS A 647 -35.22 3.64 -35.02
N ASN A 648 -34.79 3.13 -36.17
CA ASN A 648 -33.74 3.74 -37.00
C ASN A 648 -32.50 4.07 -36.17
N ALA A 649 -32.11 3.14 -35.32
CA ALA A 649 -31.00 3.35 -34.40
C ALA A 649 -29.74 2.68 -34.93
N THR A 650 -28.69 3.47 -35.06
CA THR A 650 -27.36 2.96 -35.36
C THR A 650 -26.44 3.28 -34.20
N PHE A 651 -25.66 2.27 -33.78
CA PHE A 651 -24.77 2.34 -32.63
C PHE A 651 -23.35 2.01 -33.06
N THR A 652 -22.39 2.52 -32.26
CA THR A 652 -20.98 2.33 -32.50
C THR A 652 -20.31 1.86 -31.21
N TRP A 653 -19.17 1.21 -31.36
CA TRP A 653 -18.31 0.95 -30.21
C TRP A 653 -17.29 2.05 -29.97
N ALA A 654 -17.22 3.03 -30.86
CA ALA A 654 -16.31 4.17 -30.71
C ALA A 654 -16.80 5.32 -31.59
N ARG A 655 -16.32 6.52 -31.28
CA ARG A 655 -16.74 7.71 -32.01
C ARG A 655 -16.35 7.64 -33.49
N ASN A 656 -15.14 7.18 -33.78
CA ASN A 656 -14.64 7.18 -35.15
C ASN A 656 -14.80 5.83 -35.85
N ASP A 657 -15.00 4.74 -35.10
CA ASP A 657 -15.17 3.44 -35.72
C ASP A 657 -16.52 3.36 -36.42
N PRO A 658 -16.66 2.49 -37.42
CA PRO A 658 -17.91 2.38 -38.15
C PRO A 658 -19.00 1.79 -37.27
N PRO A 659 -20.27 2.00 -37.62
CA PRO A 659 -21.35 1.40 -36.84
C PRO A 659 -21.30 -0.12 -36.84
N THR A 660 -21.64 -0.71 -35.70
CA THR A 660 -21.78 -2.15 -35.57
C THR A 660 -23.20 -2.63 -35.79
N LEU A 661 -24.19 -1.80 -35.45
CA LEU A 661 -25.60 -2.09 -35.67
C LEU A 661 -26.16 -0.98 -36.55
N HIS A 662 -26.44 -1.29 -37.81
CA HIS A 662 -26.87 -0.29 -38.78
C HIS A 662 -28.38 -0.33 -38.93
N GLY A 663 -29.04 0.79 -38.62
CA GLY A 663 -30.45 0.98 -38.91
C GLY A 663 -31.37 -0.06 -38.29
N ILE A 664 -31.17 -0.36 -37.01
CA ILE A 664 -31.96 -1.37 -36.33
C ILE A 664 -33.30 -0.77 -35.92
N THR A 665 -34.39 -1.51 -36.16
CA THR A 665 -35.70 -1.14 -35.65
C THR A 665 -36.43 -2.40 -35.20
N PHE A 666 -37.03 -2.34 -34.02
CA PHE A 666 -37.87 -3.43 -33.52
C PHE A 666 -38.61 -2.96 -32.28
N SER A 667 -39.80 -3.52 -32.09
CA SER A 667 -40.64 -3.25 -30.93
C SER A 667 -40.93 -4.57 -30.23
N VAL A 668 -40.44 -4.70 -29.00
CA VAL A 668 -40.67 -5.88 -28.18
C VAL A 668 -41.77 -5.55 -27.18
N PRO A 669 -42.94 -6.19 -27.25
CA PRO A 669 -44.01 -5.88 -26.31
C PRO A 669 -43.72 -6.46 -24.93
N GLU A 670 -44.51 -6.01 -23.96
CA GLU A 670 -44.31 -6.42 -22.58
C GLU A 670 -44.58 -7.91 -22.42
N GLY A 671 -43.73 -8.56 -21.62
CA GLY A 671 -43.88 -9.97 -21.35
C GLY A 671 -43.78 -10.88 -22.55
N SER A 672 -42.83 -10.60 -23.45
CA SER A 672 -42.64 -11.39 -24.66
C SER A 672 -41.22 -11.91 -24.71
N LEU A 673 -41.05 -13.10 -25.28
CA LEU A 673 -39.76 -13.76 -25.39
C LEU A 673 -39.22 -13.53 -26.79
N VAL A 674 -38.09 -12.83 -26.89
CA VAL A 674 -37.48 -12.47 -28.16
C VAL A 674 -36.09 -13.05 -28.19
N ALA A 675 -35.78 -13.77 -29.28
CA ALA A 675 -34.49 -14.42 -29.45
C ALA A 675 -33.73 -13.72 -30.56
N VAL A 676 -32.52 -13.25 -30.25
CA VAL A 676 -31.65 -12.71 -31.27
C VAL A 676 -30.90 -13.84 -31.95
N VAL A 677 -30.91 -13.83 -33.28
CA VAL A 677 -30.42 -14.94 -34.09
C VAL A 677 -29.42 -14.38 -35.10
N GLY A 678 -28.29 -15.05 -35.22
CA GLY A 678 -27.29 -14.65 -36.20
C GLY A 678 -26.08 -15.56 -36.13
N GLN A 679 -25.12 -15.26 -37.00
CA GLN A 679 -23.86 -15.97 -37.01
C GLN A 679 -22.87 -15.29 -36.06
N VAL A 680 -21.63 -15.78 -36.05
CA VAL A 680 -20.61 -15.20 -35.17
C VAL A 680 -20.19 -13.84 -35.71
N GLY A 681 -20.12 -12.86 -34.83
CA GLY A 681 -19.80 -11.51 -35.25
C GLY A 681 -20.93 -10.81 -35.95
N CYS A 682 -22.17 -11.28 -35.77
CA CYS A 682 -23.31 -10.68 -36.45
C CYS A 682 -23.70 -9.36 -35.81
N GLY A 683 -23.69 -9.28 -34.48
CA GLY A 683 -24.17 -8.10 -33.80
C GLY A 683 -25.27 -8.41 -32.80
N LYS A 684 -25.28 -9.65 -32.29
CA LYS A 684 -26.29 -10.03 -31.31
C LYS A 684 -25.98 -9.43 -29.94
N SER A 685 -24.76 -9.66 -29.44
CA SER A 685 -24.38 -9.10 -28.14
C SER A 685 -24.34 -7.58 -28.19
N SER A 686 -24.03 -7.01 -29.36
CA SER A 686 -24.04 -5.56 -29.50
C SER A 686 -25.43 -4.98 -29.28
N LEU A 687 -26.48 -5.71 -29.66
CA LEU A 687 -27.84 -5.23 -29.43
C LEU A 687 -28.12 -5.10 -27.94
N LEU A 688 -27.77 -6.13 -27.16
CA LEU A 688 -28.01 -6.06 -25.73
C LEU A 688 -27.13 -5.02 -25.07
N SER A 689 -25.90 -4.84 -25.56
CA SER A 689 -25.05 -3.75 -25.05
C SER A 689 -25.67 -2.39 -25.37
N ALA A 690 -26.28 -2.25 -26.54
CA ALA A 690 -26.89 -0.98 -26.93
C ALA A 690 -28.12 -0.68 -26.10
N LEU A 691 -28.89 -1.70 -25.74
CA LEU A 691 -30.05 -1.48 -24.88
C LEU A 691 -29.66 -1.06 -23.47
N LEU A 692 -28.41 -1.28 -23.08
CA LEU A 692 -27.91 -0.91 -21.76
C LEU A 692 -27.13 0.40 -21.78
N ALA A 693 -27.13 1.12 -22.90
CA ALA A 693 -26.33 2.33 -23.08
C ALA A 693 -24.84 2.04 -22.89
N GLU A 694 -24.39 0.91 -23.43
CA GLU A 694 -22.96 0.61 -23.50
C GLU A 694 -22.36 0.94 -24.86
N MET A 695 -23.11 0.71 -25.93
CA MET A 695 -22.72 1.16 -27.26
C MET A 695 -22.83 2.67 -27.36
N ASP A 696 -22.10 3.24 -28.31
CA ASP A 696 -22.11 4.67 -28.58
C ASP A 696 -23.16 4.89 -29.66
N LYS A 697 -24.26 5.54 -29.30
CA LYS A 697 -25.39 5.70 -30.22
C LYS A 697 -25.11 6.88 -31.15
N VAL A 698 -24.83 6.58 -32.42
CA VAL A 698 -24.65 7.66 -33.39
C VAL A 698 -26.00 8.19 -33.86
N GLU A 699 -27.03 7.34 -33.93
CA GLU A 699 -28.34 7.85 -34.28
C GLU A 699 -29.42 6.92 -33.75
N GLY A 700 -30.64 7.43 -33.70
CA GLY A 700 -31.80 6.60 -33.40
C GLY A 700 -32.61 7.00 -32.18
N HIS A 701 -33.39 6.05 -31.66
CA HIS A 701 -34.27 6.31 -30.51
C HIS A 701 -34.55 4.98 -29.83
N VAL A 702 -34.12 4.83 -28.58
CA VAL A 702 -34.31 3.62 -27.81
C VAL A 702 -35.07 3.97 -26.53
N THR A 703 -36.10 3.18 -26.23
CA THR A 703 -37.06 3.51 -25.17
C THR A 703 -37.32 2.28 -24.31
N VAL A 704 -36.26 1.67 -23.78
CA VAL A 704 -36.42 0.53 -22.87
C VAL A 704 -37.21 0.97 -21.65
N LYS A 705 -38.27 0.22 -21.33
CA LYS A 705 -39.21 0.60 -20.28
C LYS A 705 -39.06 -0.31 -19.08
N GLY A 706 -38.67 0.26 -17.94
CA GLY A 706 -38.58 -0.47 -16.70
C GLY A 706 -37.18 -0.98 -16.42
N SER A 707 -37.04 -1.60 -15.26
CA SER A 707 -35.74 -2.08 -14.80
C SER A 707 -35.21 -3.18 -15.70
N VAL A 708 -33.90 -3.22 -15.86
CA VAL A 708 -33.23 -4.14 -16.77
C VAL A 708 -32.29 -5.03 -15.96
N ALA A 709 -32.41 -6.34 -16.17
CA ALA A 709 -31.52 -7.32 -15.59
C ALA A 709 -30.67 -7.93 -16.71
N TYR A 710 -29.36 -7.79 -16.59
CA TYR A 710 -28.43 -8.18 -17.64
C TYR A 710 -27.72 -9.46 -17.24
N VAL A 711 -27.79 -10.47 -18.09
CA VAL A 711 -26.96 -11.65 -17.93
C VAL A 711 -25.88 -11.58 -18.99
N PRO A 712 -24.67 -11.16 -18.64
CA PRO A 712 -23.62 -10.98 -19.66
C PRO A 712 -23.10 -12.32 -20.15
N GLN A 713 -22.47 -12.28 -21.33
CA GLN A 713 -21.83 -13.48 -21.86
C GLN A 713 -20.68 -13.93 -20.95
N GLN A 714 -19.79 -13.02 -20.61
CA GLN A 714 -18.69 -13.31 -19.68
C GLN A 714 -19.21 -13.06 -18.27
N ALA A 715 -19.40 -14.13 -17.51
CA ALA A 715 -20.04 -14.02 -16.21
C ALA A 715 -19.16 -13.26 -15.22
N TRP A 716 -19.74 -12.27 -14.57
CA TRP A 716 -19.06 -11.48 -13.55
C TRP A 716 -19.48 -12.00 -12.18
N ILE A 717 -18.51 -12.50 -11.42
CA ILE A 717 -18.75 -13.10 -10.12
C ILE A 717 -18.04 -12.26 -9.07
N GLN A 718 -18.79 -11.75 -8.10
CA GLN A 718 -18.19 -11.07 -6.96
C GLN A 718 -17.52 -12.08 -6.03
N ASN A 719 -16.46 -11.64 -5.36
CA ASN A 719 -15.75 -12.52 -4.44
C ASN A 719 -16.52 -12.80 -3.16
N ILE A 720 -17.68 -12.18 -2.98
CA ILE A 720 -18.56 -12.45 -1.85
C ILE A 720 -19.17 -13.83 -2.02
N SER A 721 -19.85 -14.31 -0.98
CA SER A 721 -20.43 -15.65 -0.99
C SER A 721 -21.46 -15.77 -2.11
N LEU A 722 -21.75 -17.02 -2.49
CA LEU A 722 -22.69 -17.28 -3.57
C LEU A 722 -24.08 -16.73 -3.25
N ARG A 723 -24.47 -16.80 -1.97
CA ARG A 723 -25.76 -16.24 -1.56
C ARG A 723 -25.81 -14.74 -1.86
N GLU A 724 -24.76 -14.01 -1.51
CA GLU A 724 -24.74 -12.58 -1.79
C GLU A 724 -24.49 -12.28 -3.26
N ASN A 725 -23.91 -13.23 -4.02
CA ASN A 725 -23.85 -13.09 -5.46
C ASN A 725 -25.25 -13.12 -6.07
N ILE A 726 -26.08 -14.08 -5.64
CA ILE A 726 -27.44 -14.17 -6.16
C ILE A 726 -28.29 -13.01 -5.63
N LEU A 727 -28.13 -12.67 -4.36
CA LEU A 727 -28.92 -11.59 -3.77
C LEU A 727 -28.58 -10.25 -4.42
N PHE A 728 -27.30 -9.98 -4.60
CA PHE A 728 -26.81 -8.73 -5.19
C PHE A 728 -27.30 -7.52 -4.39
N GLY A 729 -27.12 -7.59 -3.08
CA GLY A 729 -27.54 -6.47 -2.21
C GLY A 729 -29.01 -6.50 -1.86
N ARG A 730 -29.83 -7.14 -2.69
CA ARG A 730 -31.31 -7.11 -2.43
C ARG A 730 -31.63 -7.93 -1.18
N GLN A 731 -32.71 -7.58 -0.47
CA GLN A 731 -33.09 -8.28 0.77
C GLN A 731 -33.28 -9.77 0.48
N LEU A 732 -33.08 -10.63 1.49
CA LEU A 732 -33.23 -12.06 1.27
C LEU A 732 -34.67 -12.49 1.50
N GLN A 733 -35.24 -13.18 0.52
CA GLN A 733 -36.57 -13.78 0.62
C GLN A 733 -36.36 -15.28 0.44
N GLU A 734 -36.58 -16.03 1.51
CA GLU A 734 -36.22 -17.44 1.57
C GLU A 734 -37.00 -18.20 0.49
N ARG A 735 -38.30 -17.92 0.37
CA ARG A 735 -39.10 -18.62 -0.63
C ARG A 735 -38.67 -18.27 -2.05
N TYR A 736 -38.41 -16.98 -2.31
CA TYR A 736 -38.02 -16.57 -3.66
C TYR A 736 -36.61 -17.05 -3.99
N TYR A 737 -35.70 -16.94 -3.03
CA TYR A 737 -34.34 -17.45 -3.24
C TYR A 737 -34.35 -18.95 -3.51
N LYS A 738 -35.15 -19.69 -2.73
CA LYS A 738 -35.19 -21.14 -2.87
C LYS A 738 -36.00 -21.55 -4.08
N ALA A 739 -36.78 -20.63 -4.65
CA ALA A 739 -37.39 -20.90 -5.94
C ALA A 739 -36.43 -20.59 -7.09
N VAL A 740 -35.50 -19.66 -6.88
CA VAL A 740 -34.58 -19.28 -7.94
C VAL A 740 -33.43 -20.28 -8.06
N VAL A 741 -32.94 -20.79 -6.94
CA VAL A 741 -31.70 -21.57 -6.95
C VAL A 741 -31.88 -22.85 -7.77
N GLU A 742 -32.96 -23.59 -7.53
CA GLU A 742 -33.11 -24.87 -8.23
C GLU A 742 -33.63 -24.67 -9.65
N ALA A 743 -34.38 -23.59 -9.89
CA ALA A 743 -34.85 -23.30 -11.24
C ALA A 743 -33.69 -23.07 -12.19
N CYS A 744 -32.56 -22.60 -11.67
CA CYS A 744 -31.32 -22.53 -12.43
C CYS A 744 -30.53 -23.82 -12.37
N ALA A 745 -31.07 -24.84 -11.70
CA ALA A 745 -30.37 -26.11 -11.49
C ALA A 745 -29.07 -25.91 -10.73
N LEU A 746 -29.06 -24.96 -9.80
CA LEU A 746 -27.89 -24.70 -8.98
C LEU A 746 -27.80 -25.60 -7.75
N LEU A 747 -28.76 -26.50 -7.56
CA LEU A 747 -28.72 -27.38 -6.40
C LEU A 747 -27.54 -28.35 -6.43
N PRO A 748 -27.23 -29.04 -7.53
CA PRO A 748 -26.01 -29.86 -7.54
C PRO A 748 -24.75 -29.06 -7.30
N ASP A 749 -24.67 -27.85 -7.85
CA ASP A 749 -23.51 -26.98 -7.63
C ASP A 749 -23.40 -26.58 -6.17
N LEU A 750 -24.53 -26.30 -5.52
CA LEU A 750 -24.52 -26.01 -4.10
C LEU A 750 -24.05 -27.23 -3.31
N GLU A 751 -24.47 -28.42 -3.73
CA GLU A 751 -24.08 -29.64 -3.01
C GLU A 751 -22.58 -29.90 -3.10
N ILE A 752 -22.00 -29.77 -4.30
CA ILE A 752 -20.58 -30.08 -4.44
C ILE A 752 -19.73 -29.05 -3.69
N LEU A 753 -20.14 -27.79 -3.73
CA LEU A 753 -19.38 -26.75 -3.07
C LEU A 753 -19.34 -26.99 -1.56
N PRO A 754 -18.22 -26.69 -0.90
CA PRO A 754 -18.07 -27.07 0.52
C PRO A 754 -19.13 -26.50 1.44
N SER A 755 -19.25 -25.17 1.48
CA SER A 755 -20.15 -24.52 2.43
C SER A 755 -21.55 -24.33 1.89
N GLY A 756 -21.83 -24.83 0.69
CA GLY A 756 -23.15 -24.65 0.09
C GLY A 756 -23.22 -23.35 -0.66
N ASP A 757 -24.24 -22.55 -0.36
CA ASP A 757 -24.37 -21.23 -0.95
C ASP A 757 -23.57 -20.17 -0.19
N ARG A 758 -23.03 -20.51 0.97
CA ARG A 758 -22.17 -19.60 1.72
C ARG A 758 -20.71 -19.67 1.29
N THR A 759 -20.39 -20.52 0.31
CA THR A 759 -19.01 -20.65 -0.13
C THR A 759 -18.55 -19.38 -0.81
N GLU A 760 -17.25 -19.10 -0.69
CA GLU A 760 -16.66 -17.89 -1.25
C GLU A 760 -16.29 -18.17 -2.70
N ILE A 761 -17.20 -17.86 -3.61
CA ILE A 761 -16.94 -18.04 -5.04
C ILE A 761 -16.18 -16.82 -5.55
N GLY A 762 -15.64 -16.94 -6.75
CA GLY A 762 -14.84 -15.89 -7.34
C GLY A 762 -13.41 -16.34 -7.58
N GLU A 763 -12.61 -15.41 -8.10
CA GLU A 763 -11.21 -15.71 -8.39
C GLU A 763 -10.43 -16.04 -7.12
N LYS A 764 -10.64 -15.27 -6.05
CA LYS A 764 -9.87 -15.47 -4.83
C LYS A 764 -10.31 -16.72 -4.09
N GLY A 765 -11.60 -16.95 -3.99
CA GLY A 765 -12.10 -18.11 -3.28
C GLY A 765 -12.08 -19.38 -4.12
N VAL A 766 -13.13 -20.19 -4.01
CA VAL A 766 -13.20 -21.41 -4.81
C VAL A 766 -13.51 -21.06 -6.24
N ASN A 767 -12.77 -21.67 -7.17
CA ASN A 767 -13.01 -21.44 -8.58
C ASN A 767 -14.23 -22.24 -9.05
N LEU A 768 -14.98 -21.67 -9.97
CA LEU A 768 -16.18 -22.29 -10.49
C LEU A 768 -16.06 -22.48 -12.00
N SER A 769 -16.68 -23.55 -12.49
CA SER A 769 -16.72 -23.79 -13.91
C SER A 769 -17.57 -22.73 -14.61
N GLY A 770 -17.34 -22.59 -15.92
CA GLY A 770 -18.05 -21.57 -16.66
C GLY A 770 -19.56 -21.71 -16.58
N GLY A 771 -20.07 -22.94 -16.70
CA GLY A 771 -21.49 -23.15 -16.59
C GLY A 771 -22.06 -22.75 -15.25
N GLN A 772 -21.33 -23.05 -14.17
CA GLN A 772 -21.76 -22.63 -12.85
C GLN A 772 -21.77 -21.11 -12.73
N LYS A 773 -20.79 -20.44 -13.33
CA LYS A 773 -20.77 -18.98 -13.29
C LYS A 773 -21.95 -18.38 -14.04
N GLN A 774 -22.27 -18.96 -15.21
CA GLN A 774 -23.46 -18.50 -15.97
C GLN A 774 -24.70 -18.74 -15.10
N ARG A 775 -24.78 -19.90 -14.44
CA ARG A 775 -26.01 -20.10 -13.63
C ARG A 775 -26.05 -18.95 -12.61
N VAL A 776 -25.00 -18.83 -11.80
CA VAL A 776 -25.05 -17.78 -10.74
C VAL A 776 -25.53 -16.47 -11.37
N SER A 777 -24.91 -16.05 -12.48
CA SER A 777 -25.30 -14.78 -13.10
C SER A 777 -26.79 -14.76 -13.41
N LEU A 778 -27.31 -15.84 -14.00
CA LEU A 778 -28.72 -15.91 -14.30
C LEU A 778 -29.57 -15.91 -13.03
N ALA A 779 -29.12 -16.61 -11.99
CA ALA A 779 -29.85 -16.60 -10.73
C ALA A 779 -29.90 -15.21 -10.12
N ARG A 780 -28.78 -14.48 -10.19
CA ARG A 780 -28.76 -13.11 -9.69
C ARG A 780 -29.74 -12.24 -10.45
N ALA A 781 -29.74 -12.36 -11.78
CA ALA A 781 -30.67 -11.58 -12.58
C ALA A 781 -32.13 -11.92 -12.26
N VAL A 782 -32.41 -13.22 -12.09
CA VAL A 782 -33.78 -13.64 -11.82
C VAL A 782 -34.24 -13.15 -10.46
N TYR A 783 -33.36 -13.22 -9.47
CA TYR A 783 -33.71 -12.74 -8.11
C TYR A 783 -33.96 -11.22 -8.18
N CYS A 784 -33.14 -10.50 -8.96
CA CYS A 784 -33.29 -9.05 -9.04
C CYS A 784 -34.69 -8.64 -9.46
N ASP A 785 -35.41 -9.53 -10.16
CA ASP A 785 -36.84 -9.36 -10.41
C ASP A 785 -37.09 -8.07 -11.20
N SER A 786 -36.40 -7.94 -12.33
CA SER A 786 -36.63 -6.83 -13.22
C SER A 786 -37.79 -7.16 -14.16
N ASP A 787 -38.23 -6.16 -14.91
CA ASP A 787 -39.27 -6.38 -15.89
C ASP A 787 -38.70 -6.70 -17.27
N VAL A 788 -37.55 -6.14 -17.61
CA VAL A 788 -36.88 -6.40 -18.86
C VAL A 788 -35.59 -7.17 -18.54
N TYR A 789 -35.39 -8.29 -19.24
CA TYR A 789 -34.21 -9.11 -19.10
C TYR A 789 -33.46 -9.15 -20.42
N LEU A 790 -32.15 -8.92 -20.37
CA LEU A 790 -31.28 -9.00 -21.53
C LEU A 790 -30.30 -10.14 -21.26
N LEU A 791 -30.56 -11.28 -21.88
CA LEU A 791 -29.82 -12.52 -21.59
C LEU A 791 -28.85 -12.77 -22.74
N ASP A 792 -27.64 -12.24 -22.64
CA ASP A 792 -26.64 -12.37 -23.70
C ASP A 792 -26.04 -13.74 -23.55
N ASP A 793 -26.69 -14.73 -24.18
CA ASP A 793 -26.22 -16.11 -24.25
C ASP A 793 -26.02 -16.69 -22.84
N PRO A 794 -27.10 -16.83 -22.05
CA PRO A 794 -26.93 -17.34 -20.69
C PRO A 794 -26.65 -18.84 -20.66
N LEU A 795 -26.96 -19.52 -21.76
CA LEU A 795 -26.87 -20.98 -21.83
C LEU A 795 -25.74 -21.44 -22.73
N SER A 796 -24.65 -20.67 -22.81
CA SER A 796 -23.53 -21.08 -23.64
C SER A 796 -22.75 -22.22 -23.01
N ALA A 797 -22.46 -22.13 -21.71
CA ALA A 797 -21.60 -23.09 -21.05
C ALA A 797 -22.35 -24.17 -20.30
N VAL A 798 -23.67 -24.09 -20.19
CA VAL A 798 -24.44 -25.15 -19.54
C VAL A 798 -24.74 -26.24 -20.55
N ASP A 799 -24.81 -27.47 -20.06
CA ASP A 799 -25.03 -28.62 -20.93
C ASP A 799 -26.46 -28.63 -21.45
N ALA A 800 -26.71 -29.49 -22.45
CA ALA A 800 -27.99 -29.48 -23.14
C ALA A 800 -29.14 -29.79 -22.20
N HIS A 801 -28.99 -30.80 -21.35
CA HIS A 801 -30.04 -31.11 -20.40
C HIS A 801 -30.22 -30.00 -19.37
N VAL A 802 -29.11 -29.49 -18.84
CA VAL A 802 -29.18 -28.38 -17.89
C VAL A 802 -29.74 -27.14 -18.57
N GLY A 803 -29.35 -26.88 -19.82
CA GLY A 803 -29.88 -25.74 -20.54
C GLY A 803 -31.38 -25.85 -20.77
N LYS A 804 -31.86 -27.03 -21.16
CA LYS A 804 -33.29 -27.22 -21.37
C LYS A 804 -34.06 -27.07 -20.07
N HIS A 805 -33.51 -27.62 -18.97
CA HIS A 805 -34.15 -27.46 -17.67
C HIS A 805 -34.23 -25.98 -17.28
N ILE A 806 -33.14 -25.24 -17.49
CA ILE A 806 -33.11 -23.83 -17.15
C ILE A 806 -34.14 -23.07 -17.97
N PHE A 807 -34.18 -23.33 -19.27
CA PHE A 807 -35.15 -22.63 -20.11
C PHE A 807 -36.57 -22.97 -19.69
N GLU A 808 -36.81 -24.22 -19.29
CA GLU A 808 -38.14 -24.61 -18.86
C GLU A 808 -38.56 -23.87 -17.59
N ASN A 809 -37.66 -23.75 -16.61
CA ASN A 809 -38.07 -23.19 -15.32
C ASN A 809 -37.75 -21.70 -15.17
N VAL A 810 -37.02 -21.09 -16.08
CA VAL A 810 -36.62 -19.70 -15.90
C VAL A 810 -37.10 -18.83 -17.05
N ILE A 811 -36.62 -19.12 -18.25
CA ILE A 811 -36.85 -18.22 -19.38
C ILE A 811 -38.12 -18.56 -20.15
N GLY A 812 -38.57 -19.80 -20.10
CA GLY A 812 -39.72 -20.23 -20.88
C GLY A 812 -41.01 -19.59 -20.42
N PRO A 813 -42.04 -19.68 -21.25
CA PRO A 813 -43.34 -19.09 -20.89
C PRO A 813 -43.96 -19.71 -19.65
N LYS A 814 -43.52 -20.91 -19.25
CA LYS A 814 -44.03 -21.56 -18.04
C LYS A 814 -42.98 -21.63 -16.93
N GLY A 815 -41.99 -20.75 -16.97
CA GLY A 815 -40.92 -20.72 -15.99
C GLY A 815 -41.15 -19.67 -14.92
N LEU A 816 -40.05 -19.06 -14.47
CA LEU A 816 -40.16 -18.00 -13.48
C LEU A 816 -40.50 -16.66 -14.12
N LEU A 817 -39.91 -16.38 -15.29
CA LEU A 817 -40.12 -15.11 -15.98
C LEU A 817 -41.17 -15.34 -17.06
N LYS A 818 -42.42 -15.44 -16.64
CA LYS A 818 -43.52 -15.60 -17.59
C LYS A 818 -44.03 -14.26 -18.08
N ASN A 819 -44.14 -13.28 -17.18
CA ASN A 819 -44.65 -11.96 -17.52
C ASN A 819 -43.54 -10.95 -17.77
N LYS A 820 -42.28 -11.37 -17.72
CA LYS A 820 -41.15 -10.47 -17.90
C LYS A 820 -40.74 -10.40 -19.35
N THR A 821 -40.40 -9.20 -19.81
CA THR A 821 -39.98 -8.97 -21.19
C THR A 821 -38.56 -9.52 -21.34
N ARG A 822 -38.44 -10.74 -21.86
CA ARG A 822 -37.12 -11.41 -21.90
C ARG A 822 -36.48 -11.35 -23.29
N LEU A 823 -35.25 -10.85 -23.38
CA LEU A 823 -34.50 -10.85 -24.66
C LEU A 823 -33.39 -11.89 -24.54
N LEU A 824 -33.28 -12.83 -25.48
CA LEU A 824 -32.29 -13.93 -25.33
C LEU A 824 -31.40 -14.04 -26.57
N VAL A 825 -30.12 -13.71 -26.45
CA VAL A 825 -29.20 -13.91 -27.55
C VAL A 825 -28.81 -15.38 -27.57
N THR A 826 -29.10 -16.07 -28.67
CA THR A 826 -28.90 -17.51 -28.74
C THR A 826 -28.39 -17.90 -30.10
N HIS A 827 -27.67 -19.02 -30.14
CA HIS A 827 -27.30 -19.69 -31.39
C HIS A 827 -27.74 -21.14 -31.39
N ALA A 828 -28.72 -21.49 -30.56
CA ALA A 828 -29.22 -22.85 -30.45
C ALA A 828 -30.69 -22.88 -30.88
N ILE A 829 -31.01 -23.80 -31.78
CA ILE A 829 -32.36 -23.86 -32.34
C ILE A 829 -33.35 -24.57 -31.43
N SER A 830 -32.87 -25.30 -30.43
CA SER A 830 -33.73 -26.21 -29.67
C SER A 830 -34.92 -25.48 -29.04
N TYR A 831 -34.70 -24.24 -28.58
CA TYR A 831 -35.78 -23.51 -27.88
C TYR A 831 -36.40 -22.45 -28.79
N LEU A 832 -35.94 -22.36 -30.05
CA LEU A 832 -36.45 -21.31 -30.94
C LEU A 832 -37.96 -21.38 -31.18
N PRO A 833 -38.57 -22.55 -31.42
CA PRO A 833 -40.03 -22.56 -31.66
C PRO A 833 -40.86 -22.04 -30.50
N GLN A 834 -40.34 -22.09 -29.27
CA GLN A 834 -41.08 -21.58 -28.13
C GLN A 834 -40.99 -20.06 -28.00
N MET A 835 -40.07 -19.44 -28.76
CA MET A 835 -39.86 -17.96 -28.68
C MET A 835 -41.04 -17.25 -29.34
N ASP A 836 -41.56 -16.20 -28.71
CA ASP A 836 -42.64 -15.41 -29.28
C ASP A 836 -42.19 -14.67 -30.53
N VAL A 837 -41.05 -13.97 -30.43
CA VAL A 837 -40.52 -13.19 -31.55
C VAL A 837 -39.07 -13.57 -31.75
N ILE A 838 -38.68 -13.78 -33.00
CA ILE A 838 -37.29 -14.06 -33.36
C ILE A 838 -36.79 -12.88 -34.19
N ILE A 839 -35.77 -12.21 -33.65
CA ILE A 839 -35.09 -11.12 -34.34
C ILE A 839 -33.83 -11.72 -34.93
N VAL A 840 -33.88 -12.07 -36.20
CA VAL A 840 -32.73 -12.60 -36.92
C VAL A 840 -32.07 -11.45 -37.68
N MET A 841 -30.76 -11.35 -37.56
CA MET A 841 -30.01 -10.24 -38.14
C MET A 841 -28.76 -10.78 -38.83
N SER A 842 -28.15 -9.93 -39.64
CA SER A 842 -26.96 -10.30 -40.40
C SER A 842 -26.13 -9.06 -40.63
N GLY A 843 -24.88 -9.09 -40.16
CA GLY A 843 -24.00 -7.95 -40.31
C GLY A 843 -24.48 -6.71 -39.60
N GLY A 844 -25.02 -6.86 -38.39
CA GLY A 844 -25.52 -5.73 -37.64
C GLY A 844 -26.66 -5.00 -38.30
N LYS A 845 -27.57 -5.73 -38.95
CA LYS A 845 -28.72 -5.13 -39.62
C LYS A 845 -29.95 -6.00 -39.39
N ILE A 846 -31.07 -5.37 -39.11
CA ILE A 846 -32.31 -6.10 -38.92
C ILE A 846 -32.68 -6.80 -40.22
N SER A 847 -32.92 -8.12 -40.13
CA SER A 847 -33.18 -8.95 -41.30
C SER A 847 -34.42 -9.80 -41.04
N GLU A 848 -35.58 -9.29 -41.46
CA GLU A 848 -36.87 -10.00 -41.44
C GLU A 848 -37.11 -10.70 -40.10
N MET A 849 -37.29 -9.87 -39.07
CA MET A 849 -37.70 -10.37 -37.77
C MET A 849 -39.14 -10.88 -37.83
N GLY A 850 -39.48 -11.77 -36.90
CA GLY A 850 -40.82 -12.30 -36.84
C GLY A 850 -40.87 -13.52 -35.94
N SER A 851 -42.07 -14.11 -35.87
CA SER A 851 -42.26 -15.31 -35.08
C SER A 851 -41.75 -16.54 -35.83
N TYR A 852 -41.53 -17.61 -35.06
CA TYR A 852 -40.83 -18.78 -35.59
C TYR A 852 -41.58 -19.40 -36.77
N GLN A 853 -42.87 -19.67 -36.58
CA GLN A 853 -43.64 -20.31 -37.65
C GLN A 853 -43.75 -19.41 -38.87
N GLU A 854 -44.01 -18.12 -38.67
CA GLU A 854 -44.10 -17.19 -39.78
C GLU A 854 -42.76 -17.06 -40.50
N LEU A 855 -41.66 -16.99 -39.74
CA LEU A 855 -40.34 -16.89 -40.38
C LEU A 855 -40.02 -18.15 -41.17
N LEU A 856 -40.35 -19.32 -40.62
CA LEU A 856 -40.14 -20.56 -41.37
C LEU A 856 -40.97 -20.60 -42.64
N ALA A 857 -42.23 -20.15 -42.56
CA ALA A 857 -43.09 -20.11 -43.74
C ALA A 857 -42.53 -19.17 -44.79
N ARG A 858 -41.99 -18.02 -44.36
CA ARG A 858 -41.45 -17.05 -45.30
C ARG A 858 -40.28 -17.63 -46.08
N ASP A 859 -39.52 -18.54 -45.48
CA ASP A 859 -38.41 -19.22 -46.13
C ASP A 859 -37.38 -18.23 -46.66
N GLY A 860 -36.89 -17.38 -45.77
CA GLY A 860 -35.88 -16.40 -46.15
C GLY A 860 -34.61 -16.48 -45.33
N ALA A 861 -34.29 -15.40 -44.63
CA ALA A 861 -33.06 -15.35 -43.85
C ALA A 861 -33.09 -16.36 -42.71
N PHE A 862 -34.26 -16.55 -42.08
CA PHE A 862 -34.33 -17.52 -40.99
C PHE A 862 -34.19 -18.95 -41.50
N ALA A 863 -34.77 -19.24 -42.66
CA ALA A 863 -34.56 -20.56 -43.26
C ALA A 863 -33.09 -20.77 -43.60
N GLU A 864 -32.43 -19.75 -44.12
CA GLU A 864 -31.01 -19.85 -44.42
C GLU A 864 -30.21 -20.09 -43.15
N PHE A 865 -30.55 -19.37 -42.07
CA PHE A 865 -29.90 -19.57 -40.78
C PHE A 865 -30.08 -21.00 -40.28
N LEU A 866 -31.30 -21.52 -40.36
CA LEU A 866 -31.54 -22.89 -39.93
C LEU A 866 -30.75 -23.87 -40.77
N ARG A 867 -30.64 -23.61 -42.08
CA ARG A 867 -29.89 -24.49 -42.96
C ARG A 867 -28.39 -24.43 -42.68
N THR A 868 -27.91 -23.33 -42.07
CA THR A 868 -26.47 -23.22 -41.81
C THR A 868 -25.95 -24.39 -40.98
N TYR A 869 -26.71 -24.82 -39.99
CA TYR A 869 -26.34 -26.00 -39.20
C TYR A 869 -27.57 -26.69 -38.62
N VAL A 957 8.29 -10.03 18.96
CA VAL A 957 9.12 -10.84 18.08
C VAL A 957 10.49 -11.05 18.72
N LYS A 958 10.92 -12.30 18.79
CA LYS A 958 12.17 -12.64 19.47
C LYS A 958 13.37 -12.21 18.64
N LEU A 959 14.54 -12.18 19.28
CA LEU A 959 15.78 -11.76 18.58
C LEU A 959 16.23 -12.88 17.63
N SER A 960 15.73 -14.11 17.84
CA SER A 960 16.20 -15.22 17.01
C SER A 960 16.05 -14.90 15.53
N VAL A 961 15.00 -14.17 15.16
CA VAL A 961 14.81 -13.80 13.76
C VAL A 961 15.86 -12.77 13.33
N TYR A 962 16.23 -11.84 14.21
CA TYR A 962 17.33 -10.94 13.89
C TYR A 962 18.63 -11.71 13.69
N TRP A 963 18.90 -12.69 14.56
CA TRP A 963 20.08 -13.54 14.37
C TRP A 963 20.01 -14.32 13.07
N ASP A 964 18.82 -14.78 12.69
CA ASP A 964 18.67 -15.54 11.46
C ASP A 964 18.89 -14.66 10.23
N TYR A 965 18.38 -13.43 10.26
CA TYR A 965 18.67 -12.50 9.17
C TYR A 965 20.15 -12.13 9.13
N MET A 966 20.78 -12.02 10.30
CA MET A 966 22.22 -11.79 10.35
C MET A 966 22.98 -12.93 9.68
N LYS A 967 22.56 -14.17 9.93
CA LYS A 967 23.15 -15.32 9.25
C LYS A 967 22.90 -15.26 7.75
N ALA A 968 21.68 -14.88 7.34
CA ALA A 968 21.34 -14.82 5.93
C ALA A 968 22.20 -13.79 5.20
N ILE A 969 22.47 -12.66 5.85
CA ILE A 969 23.36 -11.67 5.25
C ILE A 969 24.76 -12.25 5.06
N GLY A 970 25.24 -12.97 6.08
CA GLY A 970 26.62 -13.41 6.10
C GLY A 970 27.32 -12.84 7.31
N LEU A 971 27.85 -13.69 8.17
CA LEU A 971 28.41 -13.22 9.44
C LEU A 971 29.58 -12.27 9.22
N PHE A 972 30.45 -12.59 8.26
CA PHE A 972 31.60 -11.72 8.02
C PHE A 972 31.16 -10.35 7.53
N ILE A 973 30.18 -10.30 6.62
CA ILE A 973 29.71 -9.02 6.10
C ILE A 973 29.05 -8.21 7.21
N SER A 974 28.25 -8.86 8.05
CA SER A 974 27.59 -8.17 9.14
C SER A 974 28.59 -7.62 10.14
N PHE A 975 29.61 -8.41 10.50
CA PHE A 975 30.61 -7.94 11.44
C PHE A 975 31.48 -6.84 10.84
N LEU A 976 31.77 -6.92 9.54
CA LEU A 976 32.48 -5.84 8.88
C LEU A 976 31.65 -4.56 8.89
N SER A 977 30.34 -4.68 8.66
CA SER A 977 29.47 -3.50 8.71
C SER A 977 29.45 -2.90 10.10
N ILE A 978 29.39 -3.75 11.14
CA ILE A 978 29.41 -3.25 12.51
C ILE A 978 30.72 -2.54 12.81
N PHE A 979 31.85 -3.15 12.39
CA PHE A 979 33.15 -2.53 12.62
C PHE A 979 33.25 -1.18 11.92
N LEU A 980 32.82 -1.12 10.66
CA LEU A 980 32.85 0.15 9.94
C LEU A 980 31.92 1.19 10.56
N PHE A 981 30.75 0.79 11.03
CA PHE A 981 29.87 1.75 11.69
C PHE A 981 30.48 2.29 12.98
N LEU A 982 31.10 1.41 13.78
CA LEU A 982 31.78 1.87 14.98
C LEU A 982 32.92 2.82 14.62
N CYS A 983 33.68 2.50 13.57
CA CYS A 983 34.75 3.38 13.13
C CYS A 983 34.21 4.74 12.72
N ASN A 984 33.09 4.75 11.99
CA ASN A 984 32.47 6.01 11.58
C ASN A 984 32.09 6.87 12.78
N HIS A 985 31.40 6.27 13.74
CA HIS A 985 30.91 7.08 14.85
C HIS A 985 32.05 7.53 15.76
N VAL A 986 33.05 6.67 15.95
CA VAL A 986 34.23 7.08 16.69
C VAL A 986 34.94 8.22 15.99
N ALA A 987 35.05 8.15 14.65
CA ALA A 987 35.70 9.21 13.90
C ALA A 987 34.95 10.53 14.04
N SER A 988 33.61 10.49 13.96
CA SER A 988 32.83 11.72 14.09
C SER A 988 32.98 12.32 15.47
N LEU A 989 32.84 11.50 16.52
CA LEU A 989 32.98 12.00 17.88
C LEU A 989 34.38 12.56 18.12
N VAL A 990 35.41 11.86 17.64
CA VAL A 990 36.78 12.29 17.86
C VAL A 990 37.07 13.56 17.08
N SER A 991 36.50 13.69 15.88
CA SER A 991 36.68 14.92 15.10
C SER A 991 36.03 16.11 15.80
N ASN A 992 34.85 15.92 16.38
CA ASN A 992 34.23 17.03 17.09
C ASN A 992 35.00 17.36 18.37
N TYR A 993 35.52 16.36 19.07
CA TYR A 993 36.37 16.63 20.22
C TYR A 993 37.64 17.36 19.80
N TRP A 994 38.21 16.99 18.65
CA TRP A 994 39.37 17.67 18.11
C TRP A 994 39.06 19.12 17.78
N LEU A 995 37.86 19.37 17.27
CA LEU A 995 37.43 20.74 17.02
C LEU A 995 37.33 21.52 18.32
N SER A 996 36.81 20.87 19.37
CA SER A 996 36.73 21.54 20.68
C SER A 996 38.12 21.88 21.20
N LEU A 997 39.08 20.98 21.05
CA LEU A 997 40.46 21.27 21.45
C LEU A 997 41.05 22.38 20.61
N TRP A 998 40.79 22.37 19.30
CA TRP A 998 41.33 23.37 18.39
C TRP A 998 40.80 24.76 18.72
N THR A 999 39.51 24.86 19.03
CA THR A 999 38.93 26.14 19.43
C THR A 999 39.42 26.61 20.79
N ASP A 1000 40.09 25.75 21.56
CA ASP A 1000 40.66 26.12 22.84
C ASP A 1000 42.12 26.55 22.72
N ASP A 1001 42.63 26.63 21.49
CA ASP A 1001 44.01 27.13 21.28
C ASP A 1001 44.01 28.62 21.61
N PRO A 1002 44.91 29.08 22.52
CA PRO A 1002 44.92 30.48 22.95
C PRO A 1002 45.38 31.39 21.80
N ILE A 1003 44.63 32.46 21.55
CA ILE A 1003 45.03 33.42 20.48
C ILE A 1003 46.41 33.95 20.84
N VAL A 1004 47.33 33.95 19.88
CA VAL A 1004 48.69 34.52 20.13
C VAL A 1004 49.00 35.56 19.06
N ASN A 1005 49.13 36.83 19.46
CA ASN A 1005 49.49 37.92 18.51
C ASN A 1005 48.51 37.88 17.33
N GLY A 1006 47.30 37.34 17.55
CA GLY A 1006 46.27 37.33 16.49
C GLY A 1006 46.32 36.09 15.63
N THR A 1007 46.64 34.93 16.21
CA THR A 1007 46.64 33.64 15.44
C THR A 1007 46.74 32.45 16.39
N GLN A 1008 46.77 31.23 15.84
CA GLN A 1008 46.92 30.00 16.67
C GLN A 1008 48.15 29.24 16.17
N GLU A 1009 49.03 28.79 17.07
CA GLU A 1009 50.24 28.11 16.66
C GLU A 1009 49.94 26.84 15.86
N HIS A 1010 48.99 26.04 16.34
CA HIS A 1010 48.61 24.78 15.68
C HIS A 1010 47.37 25.04 14.84
N THR A 1011 47.59 25.42 13.58
CA THR A 1011 46.52 25.58 12.61
C THR A 1011 46.61 24.56 11.49
N GLN A 1012 47.77 24.43 10.86
CA GLN A 1012 47.96 23.41 9.83
C GLN A 1012 47.86 22.01 10.41
N VAL A 1013 48.43 21.80 11.60
CA VAL A 1013 48.42 20.46 12.20
C VAL A 1013 47.01 20.08 12.63
N ARG A 1014 46.34 20.98 13.34
CA ARG A 1014 44.95 20.70 13.78
C ARG A 1014 44.09 20.41 12.54
N LEU A 1015 44.13 21.32 11.56
CA LEU A 1015 43.30 21.16 10.38
C LEU A 1015 43.63 19.87 9.64
N SER A 1016 44.90 19.49 9.61
CA SER A 1016 45.29 18.25 8.96
C SER A 1016 44.70 17.04 9.68
N VAL A 1017 44.75 17.06 11.02
CA VAL A 1017 44.16 15.96 11.78
C VAL A 1017 42.65 15.92 11.57
N TYR A 1018 42.00 17.09 11.57
CA TYR A 1018 40.56 17.15 11.34
C TYR A 1018 40.20 16.60 9.96
N GLY A 1019 40.95 16.98 8.94
CA GLY A 1019 40.69 16.50 7.60
C GLY A 1019 40.93 15.02 7.44
N ALA A 1020 42.00 14.50 8.05
CA ALA A 1020 42.27 13.07 7.98
C ALA A 1020 41.17 12.28 8.68
N LEU A 1021 40.75 12.73 9.86
CA LEU A 1021 39.68 12.06 10.59
C LEU A 1021 38.40 12.05 9.78
N GLY A 1022 38.06 13.19 9.17
CA GLY A 1022 36.83 13.25 8.39
C GLY A 1022 36.88 12.49 7.08
N ILE A 1023 38.04 12.44 6.43
CA ILE A 1023 38.17 11.62 5.23
C ILE A 1023 37.99 10.15 5.59
N SER A 1024 38.58 9.72 6.70
CA SER A 1024 38.34 8.37 7.19
C SER A 1024 36.86 8.16 7.48
N GLN A 1025 36.21 9.16 8.07
CA GLN A 1025 34.78 9.07 8.37
C GLN A 1025 33.96 8.89 7.09
N GLY A 1026 34.28 9.66 6.05
CA GLY A 1026 33.52 9.56 4.82
C GLY A 1026 33.72 8.25 4.09
N ILE A 1027 34.98 7.83 3.93
CA ILE A 1027 35.23 6.56 3.26
C ILE A 1027 34.65 5.41 4.07
N THR A 1028 34.67 5.52 5.39
CA THR A 1028 34.10 4.49 6.25
C THR A 1028 32.57 4.45 6.16
N VAL A 1029 31.93 5.62 6.04
CA VAL A 1029 30.49 5.65 5.78
C VAL A 1029 30.17 4.95 4.47
N PHE A 1030 30.94 5.27 3.42
CA PHE A 1030 30.68 4.64 2.13
C PHE A 1030 30.84 3.13 2.22
N GLY A 1031 31.93 2.69 2.87
CA GLY A 1031 32.14 1.24 3.05
C GLY A 1031 31.03 0.63 3.88
N TYR A 1032 30.65 1.27 4.98
CA TYR A 1032 29.59 0.72 5.87
C TYR A 1032 28.29 0.52 5.09
N SER A 1033 27.84 1.58 4.40
CA SER A 1033 26.57 1.49 3.63
C SER A 1033 26.71 0.42 2.54
N MET A 1034 27.80 0.47 1.76
CA MET A 1034 28.00 -0.51 0.66
C MET A 1034 28.02 -1.92 1.23
N ALA A 1035 28.78 -2.16 2.32
CA ALA A 1035 28.92 -3.53 2.86
C ALA A 1035 27.55 -4.11 3.22
N VAL A 1036 26.76 -3.38 4.02
CA VAL A 1036 25.44 -3.90 4.46
C VAL A 1036 24.51 -4.02 3.25
N SER A 1037 24.62 -3.10 2.29
CA SER A 1037 23.80 -3.17 1.06
C SER A 1037 24.11 -4.47 0.32
N ILE A 1038 25.39 -4.81 0.17
CA ILE A 1038 25.80 -6.09 -0.50
C ILE A 1038 25.30 -7.25 0.35
N GLY A 1039 25.40 -7.14 1.67
CA GLY A 1039 24.89 -8.19 2.57
C GLY A 1039 23.39 -8.40 2.34
N GLY A 1040 22.63 -7.30 2.24
CA GLY A 1040 21.19 -7.43 1.93
C GLY A 1040 21.00 -8.18 0.62
N ILE A 1041 21.70 -7.76 -0.44
CA ILE A 1041 21.62 -8.48 -1.70
C ILE A 1041 21.84 -9.98 -1.48
N PHE A 1042 22.89 -10.32 -0.73
CA PHE A 1042 23.20 -11.72 -0.48
C PHE A 1042 22.10 -12.40 0.32
N ALA A 1043 21.57 -11.70 1.34
CA ALA A 1043 20.51 -12.27 2.16
C ALA A 1043 19.25 -12.50 1.35
N SER A 1044 18.91 -11.56 0.45
CA SER A 1044 17.75 -11.74 -0.40
C SER A 1044 17.94 -12.92 -1.34
N ARG A 1045 19.13 -13.05 -1.93
CA ARG A 1045 19.43 -14.21 -2.77
C ARG A 1045 19.22 -15.51 -2.01
N ARG A 1046 19.85 -15.62 -0.84
CA ARG A 1046 19.79 -16.87 -0.08
C ARG A 1046 18.37 -17.15 0.41
N LEU A 1047 17.65 -16.11 0.85
CA LEU A 1047 16.30 -16.31 1.36
C LEU A 1047 15.35 -16.73 0.24
N HIS A 1048 15.46 -16.13 -0.94
CA HIS A 1048 14.64 -16.56 -2.06
C HIS A 1048 14.97 -17.99 -2.47
N LEU A 1049 16.26 -18.34 -2.49
CA LEU A 1049 16.64 -19.70 -2.82
C LEU A 1049 16.06 -20.69 -1.81
N ASP A 1050 16.16 -20.37 -0.52
CA ASP A 1050 15.61 -21.24 0.50
C ASP A 1050 14.10 -21.38 0.38
N LEU A 1051 13.41 -20.26 0.16
CA LEU A 1051 11.95 -20.30 0.05
C LEU A 1051 11.52 -21.14 -1.15
N LEU A 1052 12.18 -20.91 -2.29
CA LEU A 1052 11.84 -21.66 -3.52
C LEU A 1052 12.10 -23.15 -3.29
N HIS A 1053 13.26 -23.50 -2.71
CA HIS A 1053 13.62 -24.89 -2.50
C HIS A 1053 12.65 -25.57 -1.54
N ASN A 1054 12.29 -24.89 -0.45
CA ASN A 1054 11.37 -25.48 0.51
C ASN A 1054 9.97 -25.63 -0.08
N VAL A 1055 9.51 -24.64 -0.85
CA VAL A 1055 8.18 -24.74 -1.46
C VAL A 1055 8.14 -25.90 -2.45
N LEU A 1056 9.17 -26.03 -3.28
CA LEU A 1056 9.20 -27.11 -4.26
C LEU A 1056 9.37 -28.47 -3.60
N ARG A 1057 10.05 -28.50 -2.44
CA ARG A 1057 10.31 -29.80 -1.76
C ARG A 1057 9.06 -30.24 -0.99
N SER A 1058 8.15 -29.31 -0.67
CA SER A 1058 6.94 -29.65 0.10
C SER A 1058 5.96 -30.46 -0.76
N PRO A 1059 5.27 -31.49 -0.22
CA PRO A 1059 4.30 -32.27 -0.99
C PRO A 1059 3.06 -31.45 -1.29
N ILE A 1060 2.27 -31.96 -2.24
CA ILE A 1060 1.12 -31.20 -2.73
C ILE A 1060 0.01 -31.12 -1.69
N SER A 1061 0.06 -31.95 -0.64
CA SER A 1061 -0.88 -31.78 0.46
C SER A 1061 -0.73 -30.40 1.08
N PHE A 1062 0.52 -29.95 1.27
CA PHE A 1062 0.76 -28.59 1.74
C PHE A 1062 0.21 -27.57 0.74
N PHE A 1063 0.42 -27.81 -0.55
CA PHE A 1063 -0.05 -26.86 -1.57
C PHE A 1063 -1.56 -26.70 -1.52
N GLU A 1064 -2.29 -27.80 -1.35
CA GLU A 1064 -3.74 -27.71 -1.27
C GLU A 1064 -4.18 -27.10 0.05
N ARG A 1065 -3.46 -27.40 1.14
CA ARG A 1065 -3.86 -26.89 2.45
C ARG A 1065 -3.71 -25.38 2.53
N THR A 1066 -2.54 -24.86 2.17
CA THR A 1066 -2.31 -23.42 2.33
C THR A 1066 -2.97 -22.66 1.19
N PRO A 1067 -3.69 -21.58 1.47
CA PRO A 1067 -4.22 -20.75 0.40
C PRO A 1067 -3.09 -20.17 -0.44
N SER A 1068 -3.36 -20.03 -1.74
CA SER A 1068 -2.38 -19.44 -2.64
C SER A 1068 -2.07 -18.00 -2.27
N GLY A 1069 -2.96 -17.34 -1.52
CA GLY A 1069 -2.71 -15.95 -1.15
C GLY A 1069 -1.47 -15.79 -0.30
N ASN A 1070 -1.33 -16.62 0.74
CA ASN A 1070 -0.16 -16.50 1.61
C ASN A 1070 1.09 -17.03 0.95
N LEU A 1071 0.97 -18.05 0.09
CA LEU A 1071 2.13 -18.51 -0.67
C LEU A 1071 2.65 -17.42 -1.59
N VAL A 1072 1.75 -16.69 -2.26
CA VAL A 1072 2.16 -15.56 -3.09
C VAL A 1072 2.73 -14.45 -2.22
N ASN A 1073 2.12 -14.19 -1.07
CA ASN A 1073 2.62 -13.14 -0.17
C ASN A 1073 4.01 -13.48 0.34
N ARG A 1074 4.35 -14.76 0.43
CA ARG A 1074 5.74 -15.12 0.76
C ARG A 1074 6.70 -14.55 -0.29
N PHE A 1075 6.31 -14.59 -1.57
CA PHE A 1075 7.17 -14.13 -2.64
C PHE A 1075 6.96 -12.67 -3.01
N SER A 1076 5.79 -12.10 -2.72
CA SER A 1076 5.48 -10.74 -3.12
C SER A 1076 5.07 -9.92 -1.90
N LYS A 1077 5.47 -8.65 -1.90
CA LYS A 1077 5.16 -7.69 -0.84
C LYS A 1077 5.82 -8.07 0.48
N GLU A 1078 6.56 -9.17 0.50
CA GLU A 1078 7.34 -9.60 1.66
C GLU A 1078 8.80 -9.80 1.32
N LEU A 1079 9.10 -10.41 0.18
CA LEU A 1079 10.47 -10.36 -0.34
C LEU A 1079 10.87 -8.92 -0.66
N ASP A 1080 9.90 -8.09 -1.07
CA ASP A 1080 10.19 -6.68 -1.33
C ASP A 1080 10.65 -5.98 -0.06
N THR A 1081 10.00 -6.27 1.08
CA THR A 1081 10.44 -5.68 2.33
C THR A 1081 11.85 -6.14 2.69
N VAL A 1082 12.15 -7.41 2.45
CA VAL A 1082 13.46 -7.94 2.80
C VAL A 1082 14.55 -7.31 1.95
N ASP A 1083 14.30 -7.18 0.64
CA ASP A 1083 15.37 -6.79 -0.27
C ASP A 1083 15.47 -5.29 -0.51
N SER A 1084 14.39 -4.53 -0.30
CA SER A 1084 14.40 -3.10 -0.57
C SER A 1084 14.20 -2.22 0.66
N MET A 1085 13.71 -2.77 1.76
CA MET A 1085 13.42 -1.98 2.95
C MET A 1085 14.35 -2.31 4.11
N ILE A 1086 14.55 -3.60 4.40
CA ILE A 1086 15.29 -3.98 5.61
C ILE A 1086 16.71 -3.43 5.64
N PRO A 1087 17.51 -3.52 4.57
CA PRO A 1087 18.85 -2.91 4.65
C PRO A 1087 18.82 -1.42 4.91
N GLN A 1088 17.95 -0.68 4.23
CA GLN A 1088 17.87 0.75 4.46
C GLN A 1088 17.41 1.05 5.88
N VAL A 1089 16.39 0.32 6.36
CA VAL A 1089 15.85 0.60 7.69
C VAL A 1089 16.88 0.25 8.76
N ILE A 1090 17.64 -0.82 8.57
CA ILE A 1090 18.65 -1.17 9.56
C ILE A 1090 19.80 -0.17 9.56
N LYS A 1091 20.19 0.32 8.37
CA LYS A 1091 21.18 1.39 8.32
C LYS A 1091 20.70 2.61 9.09
N MET A 1092 19.47 3.04 8.83
CA MET A 1092 18.93 4.23 9.46
C MET A 1092 18.79 4.06 10.97
N PHE A 1093 18.31 2.88 11.38
CA PHE A 1093 18.17 2.59 12.83
C PHE A 1093 19.54 2.68 13.49
N MET A 1094 20.51 1.89 13.00
CA MET A 1094 21.82 1.88 13.62
C MET A 1094 22.41 3.28 13.67
N GLY A 1095 22.27 4.04 12.57
CA GLY A 1095 22.77 5.40 12.56
C GLY A 1095 22.15 6.25 13.64
N SER A 1096 20.82 6.22 13.74
CA SER A 1096 20.15 7.03 14.75
C SER A 1096 20.52 6.58 16.16
N LEU A 1097 20.58 5.27 16.40
CA LEU A 1097 20.89 4.77 17.72
C LEU A 1097 22.28 5.18 18.17
N PHE A 1098 23.27 5.00 17.29
CA PHE A 1098 24.62 5.35 17.68
C PHE A 1098 24.87 6.85 17.67
N ASN A 1099 24.05 7.60 16.92
CA ASN A 1099 24.15 9.09 16.99
C ASN A 1099 23.65 9.52 18.38
N VAL A 1100 22.53 8.92 18.83
CA VAL A 1100 22.01 9.23 20.16
C VAL A 1100 23.02 8.83 21.23
N ILE A 1101 23.62 7.66 21.09
CA ILE A 1101 24.61 7.19 22.07
C ILE A 1101 25.82 8.12 22.09
N GLY A 1102 26.29 8.53 20.92
CA GLY A 1102 27.43 9.43 20.87
C GLY A 1102 27.15 10.79 21.46
N ALA A 1103 25.95 11.32 21.19
CA ALA A 1103 25.58 12.60 21.79
C ALA A 1103 25.51 12.49 23.31
N CYS A 1104 24.93 11.39 23.82
CA CYS A 1104 24.88 11.18 25.25
C CYS A 1104 26.28 11.06 25.85
N ILE A 1105 27.16 10.34 25.15
CA ILE A 1105 28.53 10.17 25.63
C ILE A 1105 29.26 11.51 25.67
N ILE A 1106 29.08 12.33 24.64
CA ILE A 1106 29.73 13.64 24.60
C ILE A 1106 29.20 14.52 25.72
N ILE A 1107 27.88 14.52 25.95
CA ILE A 1107 27.31 15.32 27.02
C ILE A 1107 27.82 14.85 28.37
N LEU A 1108 27.88 13.54 28.58
CA LEU A 1108 28.41 13.00 29.84
C LEU A 1108 29.87 13.38 30.04
N LEU A 1109 30.67 13.29 28.97
CA LEU A 1109 32.07 13.67 29.06
C LEU A 1109 32.22 15.14 29.42
N ALA A 1110 31.41 16.00 28.80
CA ALA A 1110 31.48 17.42 29.11
C ALA A 1110 31.01 17.69 30.53
N THR A 1111 29.75 17.36 30.82
CA THR A 1111 29.18 17.56 32.16
C THR A 1111 28.80 16.21 32.75
N PRO A 1112 29.65 15.63 33.63
CA PRO A 1112 29.30 14.33 34.21
C PRO A 1112 28.09 14.39 35.11
N MET A 1113 27.81 15.54 35.72
CA MET A 1113 26.66 15.66 36.62
C MET A 1113 25.34 15.44 35.89
N ALA A 1114 25.33 15.49 34.56
CA ALA A 1114 24.13 15.18 33.79
C ALA A 1114 23.77 13.70 33.84
N ALA A 1115 24.62 12.87 34.43
CA ALA A 1115 24.31 11.44 34.53
C ALA A 1115 23.01 11.21 35.28
N VAL A 1116 22.73 12.03 36.29
CA VAL A 1116 21.49 11.90 37.05
C VAL A 1116 20.28 12.12 36.16
N ILE A 1117 20.46 12.87 35.06
CA ILE A 1117 19.38 13.10 34.11
C ILE A 1117 19.03 11.82 33.37
N ILE A 1118 20.00 10.92 33.19
CA ILE A 1118 19.79 9.75 32.34
C ILE A 1118 18.66 8.85 32.82
N PRO A 1119 18.58 8.46 34.10
CA PRO A 1119 17.52 7.52 34.52
C PRO A 1119 16.12 8.06 34.25
N PRO A 1120 15.71 9.22 34.82
CA PRO A 1120 14.30 9.63 34.71
C PRO A 1120 13.86 9.76 33.26
N LEU A 1121 14.58 10.58 32.49
CA LEU A 1121 14.29 10.70 31.07
C LEU A 1121 14.35 9.35 30.39
N GLY A 1122 15.35 8.53 30.73
CA GLY A 1122 15.39 7.19 30.19
C GLY A 1122 14.12 6.41 30.50
N LEU A 1123 13.68 6.49 31.76
CA LEU A 1123 12.40 5.90 32.12
C LEU A 1123 11.29 6.49 31.26
N ILE A 1124 11.26 7.82 31.12
CA ILE A 1124 10.28 8.46 30.26
C ILE A 1124 10.43 7.96 28.84
N TYR A 1125 11.68 7.77 28.39
CA TYR A 1125 11.90 7.18 27.08
C TYR A 1125 11.36 5.75 27.03
N PHE A 1126 11.67 4.95 28.05
CA PHE A 1126 11.38 3.53 28.00
C PHE A 1126 9.91 3.28 27.75
N PHE A 1127 9.04 3.89 28.57
CA PHE A 1127 7.61 3.75 28.37
C PHE A 1127 7.20 4.20 26.98
N VAL A 1128 7.71 5.36 26.55
CA VAL A 1128 7.39 5.84 25.20
C VAL A 1128 7.95 4.87 24.16
N GLN A 1129 9.11 4.29 24.44
CA GLN A 1129 9.63 3.24 23.57
C GLN A 1129 8.74 2.00 23.64
N ARG A 1130 8.25 1.65 24.83
CA ARG A 1130 7.47 0.43 24.98
C ARG A 1130 6.06 0.59 24.42
N PHE A 1131 5.43 1.74 24.66
CA PHE A 1131 4.03 1.91 24.29
C PHE A 1131 3.86 2.06 22.78
N TYR A 1132 4.69 2.89 22.15
CA TYR A 1132 4.50 3.19 20.73
C TYR A 1132 4.78 1.96 19.87
N VAL A 1133 5.91 1.31 20.07
CA VAL A 1133 6.32 0.20 19.21
C VAL A 1133 5.29 -0.92 19.29
N ALA A 1134 4.73 -1.16 20.47
CA ALA A 1134 3.69 -2.17 20.59
C ALA A 1134 2.46 -1.80 19.78
N SER A 1135 2.06 -0.52 19.82
CA SER A 1135 0.81 -0.12 19.16
C SER A 1135 1.01 0.10 17.67
N SER A 1136 2.05 0.85 17.30
CA SER A 1136 2.25 1.23 15.91
C SER A 1136 2.29 0.01 14.99
N ARG A 1137 2.93 -1.07 15.44
CA ARG A 1137 2.97 -2.30 14.65
C ARG A 1137 1.58 -2.72 14.23
N GLN A 1138 0.66 -2.80 15.19
CA GLN A 1138 -0.71 -3.16 14.87
C GLN A 1138 -1.31 -2.17 13.89
N LEU A 1139 -1.09 -0.87 14.13
CA LEU A 1139 -1.60 0.15 13.23
C LEU A 1139 -1.00 0.01 11.84
N LYS A 1140 0.25 -0.45 11.74
CA LYS A 1140 0.85 -0.64 10.44
C LYS A 1140 0.49 -1.98 9.82
N ARG A 1141 -0.14 -2.88 10.58
CA ARG A 1141 -0.67 -4.11 10.00
C ARG A 1141 -2.09 -3.89 9.51
N LEU A 1142 -2.96 -3.35 10.38
CA LEU A 1142 -4.36 -3.14 10.03
C LEU A 1142 -4.49 -2.30 8.77
N GLU A 1143 -3.72 -1.23 8.67
CA GLU A 1143 -3.71 -0.43 7.44
C GLU A 1143 -3.38 -1.29 6.24
N SER A 1144 -2.28 -2.05 6.30
CA SER A 1144 -1.93 -2.92 5.20
C SER A 1144 -2.98 -3.99 4.96
N VAL A 1145 -3.80 -4.29 5.98
CA VAL A 1145 -4.89 -5.24 5.79
C VAL A 1145 -5.97 -4.63 4.91
N SER A 1146 -6.28 -3.35 5.11
CA SER A 1146 -7.42 -2.73 4.43
C SER A 1146 -7.04 -2.07 3.11
N ARG A 1147 -5.76 -2.02 2.77
CA ARG A 1147 -5.36 -1.38 1.51
C ARG A 1147 -5.69 -2.26 0.31
N SER A 1148 -5.45 -3.56 0.42
CA SER A 1148 -5.73 -4.46 -0.69
C SER A 1148 -7.20 -4.53 -1.07
N PRO A 1149 -8.16 -4.65 -0.14
CA PRO A 1149 -9.57 -4.72 -0.56
C PRO A 1149 -10.02 -3.51 -1.38
N VAL A 1150 -9.52 -2.32 -1.07
CA VAL A 1150 -9.93 -1.12 -1.81
C VAL A 1150 -9.66 -1.31 -3.29
N TYR A 1151 -8.47 -1.80 -3.64
CA TYR A 1151 -8.19 -2.12 -5.03
C TYR A 1151 -8.97 -3.36 -5.47
N SER A 1152 -9.08 -4.35 -4.57
CA SER A 1152 -9.77 -5.58 -4.92
C SER A 1152 -11.22 -5.31 -5.29
N HIS A 1153 -11.88 -4.42 -4.55
CA HIS A 1153 -13.21 -3.99 -4.93
C HIS A 1153 -13.18 -3.30 -6.30
N PHE A 1154 -12.23 -2.39 -6.49
CA PHE A 1154 -12.20 -1.59 -7.72
C PHE A 1154 -12.04 -2.49 -8.94
N ASN A 1155 -11.11 -3.44 -8.88
CA ASN A 1155 -10.99 -4.43 -9.95
C ASN A 1155 -12.32 -5.08 -10.23
N GLU A 1156 -12.96 -5.60 -9.18
CA GLU A 1156 -14.31 -6.20 -9.35
C GLU A 1156 -15.20 -5.19 -10.07
N THR A 1157 -15.20 -3.93 -9.59
CA THR A 1157 -16.05 -2.92 -10.22
C THR A 1157 -15.71 -2.76 -11.70
N LEU A 1158 -14.41 -2.78 -12.02
CA LEU A 1158 -13.99 -2.57 -13.40
C LEU A 1158 -14.43 -3.71 -14.32
N LEU A 1159 -14.36 -4.94 -13.81
CA LEU A 1159 -14.71 -6.09 -14.64
C LEU A 1159 -16.20 -6.10 -14.98
N GLY A 1160 -17.05 -5.72 -14.04
CA GLY A 1160 -18.48 -5.82 -14.23
C GLY A 1160 -19.21 -4.51 -14.43
N VAL A 1161 -18.54 -3.53 -15.06
CA VAL A 1161 -19.14 -2.21 -15.23
C VAL A 1161 -20.48 -2.30 -15.94
N SER A 1162 -20.56 -3.14 -16.97
CA SER A 1162 -21.83 -3.32 -17.67
C SER A 1162 -22.89 -3.89 -16.75
N VAL A 1163 -22.52 -4.84 -15.89
CA VAL A 1163 -23.46 -5.42 -14.94
C VAL A 1163 -23.86 -4.38 -13.90
N ILE A 1164 -22.93 -3.54 -13.47
CA ILE A 1164 -23.25 -2.50 -12.49
C ILE A 1164 -24.26 -1.52 -13.09
N ARG A 1165 -24.04 -1.10 -14.33
CA ARG A 1165 -24.94 -0.13 -14.94
C ARG A 1165 -26.29 -0.76 -15.29
N ALA A 1166 -26.29 -2.01 -15.75
CA ALA A 1166 -27.54 -2.65 -16.14
C ALA A 1166 -28.49 -2.80 -14.95
N PHE A 1167 -27.96 -3.21 -13.80
CA PHE A 1167 -28.77 -3.32 -12.60
C PHE A 1167 -29.01 -1.97 -11.92
N GLU A 1168 -28.38 -0.90 -12.41
CA GLU A 1168 -28.54 0.43 -11.85
C GLU A 1168 -28.14 0.47 -10.37
N GLU A 1169 -27.11 -0.30 -10.01
CA GLU A 1169 -26.61 -0.38 -8.65
C GLU A 1169 -25.30 0.37 -8.48
N GLN A 1170 -25.15 1.50 -9.18
CA GLN A 1170 -23.93 2.29 -9.05
C GLN A 1170 -23.76 2.85 -7.65
N GLU A 1171 -24.85 3.31 -7.04
CA GLU A 1171 -24.77 3.94 -5.74
C GLU A 1171 -24.31 2.97 -4.67
N ARG A 1172 -24.79 1.73 -4.72
CA ARG A 1172 -24.40 0.73 -3.72
C ARG A 1172 -22.89 0.47 -3.79
N PHE A 1173 -22.36 0.30 -5.00
CA PHE A 1173 -20.93 0.02 -5.13
C PHE A 1173 -20.09 1.25 -4.80
N ILE A 1174 -20.59 2.45 -5.11
CA ILE A 1174 -19.89 3.66 -4.71
C ILE A 1174 -19.81 3.76 -3.19
N ARG A 1175 -20.91 3.47 -2.51
CA ARG A 1175 -20.91 3.49 -1.05
C ARG A 1175 -19.98 2.41 -0.48
N GLN A 1176 -19.96 1.23 -1.10
CA GLN A 1176 -19.06 0.18 -0.64
C GLN A 1176 -17.60 0.58 -0.80
N SER A 1177 -17.26 1.21 -1.93
CA SER A 1177 -15.90 1.69 -2.12
C SER A 1177 -15.55 2.77 -1.10
N ASP A 1178 -16.49 3.67 -0.82
CA ASP A 1178 -16.27 4.68 0.20
C ASP A 1178 -16.04 4.04 1.57
N LEU A 1179 -16.80 3.00 1.89
CA LEU A 1179 -16.61 2.29 3.16
C LEU A 1179 -15.25 1.62 3.22
N LYS A 1180 -14.80 1.02 2.11
CA LYS A 1180 -13.47 0.41 2.09
C LYS A 1180 -12.38 1.44 2.29
N VAL A 1181 -12.49 2.58 1.61
CA VAL A 1181 -11.48 3.63 1.76
C VAL A 1181 -11.50 4.19 3.18
N ASP A 1182 -12.68 4.37 3.76
CA ASP A 1182 -12.76 4.83 5.14
C ASP A 1182 -12.18 3.80 6.10
N GLU A 1183 -12.34 2.51 5.79
CA GLU A 1183 -11.73 1.47 6.61
C GLU A 1183 -10.21 1.57 6.56
N ASN A 1184 -9.65 1.84 5.37
CA ASN A 1184 -8.22 2.03 5.27
C ASN A 1184 -7.76 3.27 6.03
N GLN A 1185 -8.51 4.37 5.92
CA GLN A 1185 -8.11 5.59 6.59
C GLN A 1185 -8.28 5.50 8.10
N LYS A 1186 -9.24 4.70 8.58
CA LYS A 1186 -9.43 4.52 10.02
C LYS A 1186 -8.24 3.84 10.67
N ALA A 1187 -7.35 3.25 9.89
CA ALA A 1187 -6.09 2.73 10.39
C ALA A 1187 -4.91 3.61 10.00
N TYR A 1188 -4.97 4.29 8.87
CA TYR A 1188 -3.87 5.16 8.47
C TYR A 1188 -3.78 6.40 9.37
N TYR A 1189 -4.93 7.01 9.69
CA TYR A 1189 -4.93 8.19 10.54
C TYR A 1189 -4.35 7.92 11.93
N PRO A 1190 -4.75 6.85 12.65
CA PRO A 1190 -4.06 6.56 13.91
C PRO A 1190 -2.58 6.35 13.75
N SER A 1191 -2.12 5.84 12.60
CA SER A 1191 -0.69 5.63 12.40
C SER A 1191 0.07 6.95 12.34
N ILE A 1192 -0.44 7.91 11.56
CA ILE A 1192 0.25 9.21 11.45
C ILE A 1192 0.13 9.97 12.76
N VAL A 1193 -1.02 9.88 13.44
CA VAL A 1193 -1.14 10.54 14.74
C VAL A 1193 -0.21 9.87 15.76
N ALA A 1194 -0.01 8.56 15.65
CA ALA A 1194 0.96 7.88 16.50
C ALA A 1194 2.37 8.39 16.25
N ASN A 1195 2.72 8.58 14.97
CA ASN A 1195 4.01 9.16 14.64
C ASN A 1195 4.17 10.54 15.27
N ARG A 1196 3.11 11.38 15.21
CA ARG A 1196 3.15 12.78 15.73
C ARG A 1196 3.09 12.81 17.25
N TRP A 1197 2.55 11.79 17.90
CA TRP A 1197 2.57 11.67 19.35
C TRP A 1197 3.95 11.22 19.83
N LEU A 1198 4.48 10.16 19.23
CA LEU A 1198 5.81 9.69 19.56
C LEU A 1198 6.83 10.79 19.33
N ALA A 1199 6.71 11.48 18.20
CA ALA A 1199 7.65 12.58 17.88
C ALA A 1199 7.67 13.56 19.04
N VAL A 1200 6.52 14.16 19.37
CA VAL A 1200 6.46 15.19 20.45
C VAL A 1200 7.08 14.63 21.72
N ARG A 1201 6.69 13.41 22.12
CA ARG A 1201 7.20 12.83 23.39
C ARG A 1201 8.73 12.78 23.39
N LEU A 1202 9.33 12.22 22.34
CA LEU A 1202 10.81 12.08 22.30
C LEU A 1202 11.47 13.46 22.21
N GLU A 1203 10.88 14.37 21.43
CA GLU A 1203 11.48 15.73 21.27
C GLU A 1203 11.67 16.38 22.65
N CYS A 1204 10.60 16.46 23.46
CA CYS A 1204 10.68 17.12 24.78
C CYS A 1204 11.80 16.50 25.61
N VAL A 1205 12.06 15.20 25.43
CA VAL A 1205 13.10 14.50 26.17
C VAL A 1205 14.44 14.99 25.63
N GLY A 1206 14.53 15.08 24.30
CA GLY A 1206 15.71 15.66 23.69
C GLY A 1206 15.77 17.17 23.88
N ASN A 1207 14.64 17.76 24.30
CA ASN A 1207 14.59 19.23 24.54
C ASN A 1207 15.04 19.52 25.98
N CYS A 1208 14.55 18.75 26.95
CA CYS A 1208 14.97 18.97 28.33
C CYS A 1208 16.42 18.60 28.55
N ILE A 1209 16.96 17.72 27.70
CA ILE A 1209 18.42 17.37 27.81
C ILE A 1209 19.20 18.55 27.23
N VAL A 1210 18.66 19.24 26.22
CA VAL A 1210 19.33 20.46 25.69
C VAL A 1210 19.37 21.48 26.83
N LEU A 1211 18.23 21.70 27.49
CA LEU A 1211 18.16 22.62 28.64
C LEU A 1211 19.12 22.13 29.73
N PHE A 1212 19.08 20.83 30.02
CA PHE A 1212 19.93 20.26 31.10
C PHE A 1212 21.41 20.36 30.71
N ALA A 1213 21.77 19.85 29.53
CA ALA A 1213 23.17 20.01 29.11
C ALA A 1213 23.61 21.47 29.22
N SER A 1214 22.76 22.40 28.74
CA SER A 1214 23.10 23.81 28.85
C SER A 1214 23.15 24.27 30.30
N LEU A 1215 22.22 23.78 31.13
CA LEU A 1215 22.17 24.18 32.54
C LEU A 1215 23.41 23.70 33.29
N PHE A 1216 23.82 22.45 33.05
CA PHE A 1216 25.02 21.95 33.71
C PHE A 1216 26.29 22.56 33.14
N ALA A 1217 26.25 23.01 31.88
CA ALA A 1217 27.38 23.79 31.36
C ALA A 1217 27.47 25.14 32.05
N VAL A 1218 26.34 25.78 32.28
CA VAL A 1218 26.33 27.08 32.95
C VAL A 1218 26.74 26.92 34.41
N ILE A 1219 26.31 25.83 35.05
CA ILE A 1219 26.63 25.61 36.46
C ILE A 1219 28.13 25.47 36.66
N SER A 1220 28.80 24.72 35.77
CA SER A 1220 30.22 24.46 35.87
C SER A 1220 31.02 25.29 34.86
N ARG A 1221 30.60 26.53 34.62
CA ARG A 1221 31.26 27.36 33.63
C ARG A 1221 32.69 27.73 34.01
N HIS A 1222 33.03 27.63 35.30
CA HIS A 1222 34.37 28.02 35.73
C HIS A 1222 35.43 26.99 35.34
N SER A 1223 35.03 25.75 35.08
CA SER A 1223 35.98 24.70 34.76
C SER A 1223 35.94 24.25 33.31
N LEU A 1224 34.87 24.56 32.57
CA LEU A 1224 34.70 24.10 31.21
C LEU A 1224 35.02 25.23 30.23
N SER A 1225 35.74 24.89 29.16
CA SER A 1225 36.03 25.84 28.11
C SER A 1225 34.80 26.04 27.22
N ALA A 1226 34.86 27.09 26.41
CA ALA A 1226 33.73 27.41 25.52
C ALA A 1226 33.52 26.32 24.49
N GLY A 1227 34.61 25.73 23.98
CA GLY A 1227 34.48 24.70 22.96
C GLY A 1227 33.71 23.49 23.46
N LEU A 1228 34.00 23.03 24.68
CA LEU A 1228 33.28 21.89 25.22
C LEU A 1228 31.80 22.18 25.38
N VAL A 1229 31.47 23.39 25.85
CA VAL A 1229 30.07 23.78 26.01
C VAL A 1229 29.36 23.78 24.67
N GLY A 1230 29.99 24.39 23.66
CA GLY A 1230 29.38 24.43 22.34
C GLY A 1230 29.20 23.05 21.74
N LEU A 1231 30.20 22.18 21.92
CA LEU A 1231 30.10 20.82 21.41
C LEU A 1231 28.94 20.07 22.05
N SER A 1232 28.84 20.14 23.38
CA SER A 1232 27.76 19.45 24.07
C SER A 1232 26.40 19.99 23.63
N VAL A 1233 26.28 21.31 23.50
CA VAL A 1233 24.99 21.90 23.12
C VAL A 1233 24.62 21.51 21.70
N SER A 1234 25.60 21.48 20.78
CA SER A 1234 25.28 21.12 19.39
C SER A 1234 24.85 19.66 19.28
N TYR A 1235 25.55 18.76 19.98
CA TYR A 1235 25.14 17.36 19.95
C TYR A 1235 23.77 17.19 20.59
N SER A 1236 23.48 17.95 21.65
CA SER A 1236 22.15 17.94 22.22
C SER A 1236 21.10 18.46 21.23
N LEU A 1237 21.47 19.44 20.41
CA LEU A 1237 20.55 19.94 19.40
C LEU A 1237 20.20 18.87 18.38
N GLN A 1238 21.17 18.06 17.98
CA GLN A 1238 20.87 17.06 16.95
C GLN A 1238 20.24 15.79 17.52
N VAL A 1239 20.51 15.45 18.78
CA VAL A 1239 19.89 14.27 19.36
C VAL A 1239 18.37 14.42 19.39
N THR A 1240 17.88 15.67 19.32
CA THR A 1240 16.46 15.93 19.19
C THR A 1240 15.82 15.07 18.09
N THR A 1241 16.26 15.30 16.84
CA THR A 1241 15.71 14.52 15.70
C THR A 1241 16.22 13.08 15.75
N TYR A 1242 17.41 12.85 16.31
CA TYR A 1242 17.99 11.51 16.30
C TYR A 1242 17.16 10.53 17.13
N LEU A 1243 16.64 10.96 18.28
CA LEU A 1243 15.84 10.06 19.12
C LEU A 1243 14.55 9.65 18.43
N ASN A 1244 13.85 10.61 17.81
CA ASN A 1244 12.62 10.30 17.11
C ASN A 1244 12.88 9.30 15.98
N TRP A 1245 13.93 9.57 15.20
CA TRP A 1245 14.26 8.66 14.08
C TRP A 1245 14.71 7.30 14.63
N LEU A 1246 15.31 7.30 15.83
CA LEU A 1246 15.77 6.04 16.47
C LEU A 1246 14.55 5.14 16.69
N VAL A 1247 13.53 5.63 17.40
CA VAL A 1247 12.34 4.77 17.72
C VAL A 1247 11.57 4.45 16.44
N ARG A 1248 11.32 5.46 15.60
CA ARG A 1248 10.62 5.22 14.31
C ARG A 1248 11.22 4.00 13.62
N MET A 1249 12.55 3.99 13.44
CA MET A 1249 13.22 2.89 12.77
C MET A 1249 13.23 1.63 13.63
N SER A 1250 13.18 1.77 14.96
CA SER A 1250 13.09 0.59 15.81
C SER A 1250 11.78 -0.13 15.60
N SER A 1251 10.67 0.61 15.52
CA SER A 1251 9.38 -0.03 15.22
C SER A 1251 9.39 -0.62 13.82
N GLU A 1252 9.96 0.10 12.86
CA GLU A 1252 10.05 -0.42 11.49
C GLU A 1252 10.86 -1.70 11.44
N MET A 1253 11.87 -1.83 12.31
CA MET A 1253 12.64 -3.07 12.39
C MET A 1253 11.76 -4.28 12.68
N GLU A 1254 10.93 -4.20 13.71
CA GLU A 1254 10.06 -5.33 14.02
C GLU A 1254 9.06 -5.57 12.89
N THR A 1255 8.45 -4.50 12.38
CA THR A 1255 7.44 -4.66 11.34
C THR A 1255 8.01 -5.29 10.08
N ASN A 1256 9.27 -5.01 9.74
CA ASN A 1256 9.88 -5.56 8.54
C ASN A 1256 10.61 -6.88 8.78
N ILE A 1257 11.03 -7.15 10.01
CA ILE A 1257 11.73 -8.39 10.34
C ILE A 1257 10.76 -9.54 10.56
N VAL A 1258 9.50 -9.22 10.89
CA VAL A 1258 8.45 -10.23 10.80
C VAL A 1258 8.45 -10.90 9.42
N ALA A 1259 8.80 -10.15 8.37
CA ALA A 1259 8.86 -10.73 7.03
C ALA A 1259 9.95 -11.79 6.92
N VAL A 1260 11.14 -11.50 7.46
CA VAL A 1260 12.20 -12.50 7.46
C VAL A 1260 11.78 -13.72 8.26
N GLU A 1261 11.06 -13.49 9.36
CA GLU A 1261 10.54 -14.62 10.14
C GLU A 1261 9.61 -15.48 9.30
N ARG A 1262 8.69 -14.86 8.57
CA ARG A 1262 7.70 -15.61 7.81
C ARG A 1262 8.28 -16.23 6.55
N LEU A 1263 9.43 -15.76 6.07
CA LEU A 1263 10.05 -16.38 4.90
C LEU A 1263 10.49 -17.81 5.21
N LYS A 1264 10.91 -18.05 6.45
CA LYS A 1264 11.39 -19.40 6.85
C LYS A 1264 10.26 -20.13 7.58
N GLU A 1265 9.03 -20.04 7.05
CA GLU A 1265 7.86 -20.66 7.73
C GLU A 1265 7.67 -22.09 7.20
N TYR A 1266 8.47 -22.49 6.21
CA TYR A 1266 8.30 -23.83 5.58
C TYR A 1266 9.63 -24.60 5.63
N SER A 1267 10.68 -24.00 6.20
CA SER A 1267 11.99 -24.64 6.19
C SER A 1267 12.00 -25.92 7.03
N GLU A 1268 11.05 -26.07 7.95
CA GLU A 1268 10.98 -27.24 8.82
C GLU A 1268 9.73 -28.08 8.61
N THR A 1269 8.85 -27.68 7.69
CA THR A 1269 7.67 -28.48 7.40
C THR A 1269 8.07 -29.79 6.71
N GLU A 1270 7.16 -30.77 6.76
CA GLU A 1270 7.44 -32.05 6.14
C GLU A 1270 7.58 -31.91 4.63
N LYS A 1271 8.67 -32.45 4.11
CA LYS A 1271 8.97 -32.37 2.69
C LYS A 1271 8.77 -33.74 2.03
N GLU A 1272 8.82 -33.73 0.70
CA GLU A 1272 8.65 -34.96 -0.07
C GLU A 1272 9.85 -35.88 0.15
N ALA A 1273 9.69 -37.12 -0.29
CA ALA A 1273 10.81 -38.04 -0.32
C ALA A 1273 11.88 -37.51 -1.26
N PRO A 1274 13.15 -37.86 -1.04
CA PRO A 1274 14.22 -37.28 -1.86
C PRO A 1274 13.98 -37.53 -3.35
N TRP A 1275 14.24 -36.49 -4.14
CA TRP A 1275 14.01 -36.60 -5.58
C TRP A 1275 14.99 -37.57 -6.23
N GLN A 1276 16.24 -37.56 -5.79
CA GLN A 1276 17.26 -38.48 -6.29
C GLN A 1276 17.92 -39.16 -5.09
N ILE A 1277 17.84 -40.48 -5.04
CA ILE A 1277 18.47 -41.20 -3.94
C ILE A 1277 19.94 -41.48 -4.25
N GLN A 1278 20.22 -42.00 -5.45
CA GLN A 1278 21.58 -42.23 -5.96
C GLN A 1278 22.27 -43.41 -5.29
N ASP A 1279 21.62 -44.00 -4.28
CA ASP A 1279 22.11 -45.28 -3.75
C ASP A 1279 21.37 -46.44 -4.36
N MET A 1280 20.05 -46.29 -4.55
CA MET A 1280 19.25 -47.34 -5.16
C MET A 1280 18.57 -46.82 -6.42
N ALA A 1281 19.32 -46.09 -7.25
CA ALA A 1281 18.78 -45.57 -8.49
C ALA A 1281 18.50 -46.71 -9.46
N PRO A 1282 17.47 -46.57 -10.29
CA PRO A 1282 17.13 -47.62 -11.24
C PRO A 1282 18.06 -47.59 -12.44
N PRO A 1283 18.07 -48.61 -13.32
CA PRO A 1283 18.88 -48.54 -14.55
C PRO A 1283 18.30 -47.53 -15.55
N LYS A 1284 19.03 -47.25 -16.63
CA LYS A 1284 18.56 -46.26 -17.64
C LYS A 1284 17.19 -46.72 -18.16
N ASP A 1285 17.08 -47.98 -18.58
CA ASP A 1285 15.76 -48.51 -19.02
C ASP A 1285 15.05 -49.13 -17.81
N TRP A 1286 14.59 -48.28 -16.89
CA TRP A 1286 13.90 -48.79 -15.67
C TRP A 1286 12.63 -49.55 -16.05
N PRO A 1287 11.66 -48.95 -16.79
CA PRO A 1287 10.46 -49.70 -17.22
C PRO A 1287 10.77 -50.60 -18.42
N GLN A 1288 11.38 -51.75 -18.12
CA GLN A 1288 11.81 -52.65 -19.17
C GLN A 1288 10.64 -53.14 -20.00
N VAL A 1289 9.54 -53.51 -19.33
CA VAL A 1289 8.33 -53.96 -20.06
C VAL A 1289 7.15 -53.11 -19.56
N GLY A 1290 7.29 -52.52 -18.36
CA GLY A 1290 6.22 -51.74 -17.79
C GLY A 1290 5.23 -52.57 -17.00
N ARG A 1291 5.76 -53.49 -16.19
CA ARG A 1291 4.92 -54.41 -15.41
C ARG A 1291 4.60 -53.73 -14.08
N VAL A 1292 3.36 -53.31 -13.93
CA VAL A 1292 2.90 -52.64 -12.73
C VAL A 1292 2.23 -53.67 -11.82
N GLU A 1293 2.49 -53.57 -10.52
CA GLU A 1293 1.90 -54.50 -9.56
C GLU A 1293 1.57 -53.74 -8.29
N PHE A 1294 0.28 -53.51 -8.06
CA PHE A 1294 -0.19 -52.96 -6.79
C PHE A 1294 -0.34 -54.10 -5.80
N ARG A 1295 0.61 -54.20 -4.87
CA ARG A 1295 0.65 -55.28 -3.90
C ARG A 1295 0.11 -54.75 -2.57
N ASP A 1296 -1.17 -55.00 -2.31
CA ASP A 1296 -1.82 -54.60 -1.06
C ASP A 1296 -1.67 -53.09 -0.83
N TYR A 1297 -2.05 -52.31 -1.83
CA TYR A 1297 -1.93 -50.87 -1.76
C TYR A 1297 -3.00 -50.25 -0.87
N GLY A 1298 -2.60 -49.24 -0.10
CA GLY A 1298 -3.56 -48.51 0.74
C GLY A 1298 -3.17 -47.05 0.80
N LEU A 1299 -3.94 -46.17 0.14
CA LEU A 1299 -3.57 -44.74 0.09
C LEU A 1299 -4.55 -43.91 0.92
N ARG A 1300 -4.04 -42.98 1.72
CA ARG A 1300 -4.92 -42.16 2.61
C ARG A 1300 -4.90 -40.71 2.12
N TYR A 1301 -5.98 -39.95 2.40
CA TYR A 1301 -6.09 -38.53 1.99
C TYR A 1301 -6.32 -38.45 0.47
N ASP A 1306 -11.46 -43.63 6.20
CA ASP A 1306 -10.14 -43.05 6.43
C ASP A 1306 -9.21 -43.33 5.25
N LEU A 1307 -9.32 -44.53 4.69
CA LEU A 1307 -8.50 -44.95 3.56
C LEU A 1307 -9.32 -44.83 2.29
N VAL A 1308 -8.93 -43.93 1.38
CA VAL A 1308 -9.64 -43.85 0.07
C VAL A 1308 -9.27 -45.12 -0.72
N LEU A 1309 -7.99 -45.48 -0.74
CA LEU A 1309 -7.55 -46.72 -1.42
C LEU A 1309 -7.30 -47.81 -0.37
N LYS A 1310 -7.81 -49.02 -0.58
CA LYS A 1310 -7.68 -50.10 0.43
C LYS A 1310 -7.74 -51.46 -0.26
N HIS A 1311 -6.96 -52.44 0.23
CA HIS A 1311 -6.99 -53.81 -0.33
C HIS A 1311 -6.89 -53.77 -1.86
N ILE A 1312 -5.79 -53.23 -2.38
CA ILE A 1312 -5.59 -53.18 -3.85
C ILE A 1312 -4.47 -54.16 -4.24
N ASN A 1313 -4.82 -55.32 -4.77
CA ASN A 1313 -3.83 -56.30 -5.21
C ASN A 1313 -4.10 -56.60 -6.68
N VAL A 1314 -3.50 -55.81 -7.57
CA VAL A 1314 -3.75 -55.96 -9.00
C VAL A 1314 -2.41 -56.01 -9.73
N THR A 1315 -2.43 -56.59 -10.92
CA THR A 1315 -1.23 -56.73 -11.73
C THR A 1315 -1.54 -56.34 -13.17
N ILE A 1316 -0.90 -55.30 -13.65
CA ILE A 1316 -1.01 -54.85 -15.03
C ILE A 1316 0.25 -55.29 -15.76
N ASP A 1317 0.09 -56.19 -16.73
CA ASP A 1317 1.23 -56.72 -17.45
C ASP A 1317 1.84 -55.66 -18.36
N GLY A 1318 3.10 -55.88 -18.73
CA GLY A 1318 3.80 -54.98 -19.62
C GLY A 1318 3.14 -54.86 -20.98
N GLY A 1319 2.89 -53.63 -21.41
CA GLY A 1319 2.27 -53.39 -22.70
C GLY A 1319 0.85 -53.91 -22.79
N GLU A 1320 0.11 -53.89 -21.69
CA GLU A 1320 -1.29 -54.29 -21.67
C GLU A 1320 -2.15 -53.09 -21.32
N LYS A 1321 -3.06 -52.75 -22.22
CA LYS A 1321 -3.95 -51.63 -21.98
C LYS A 1321 -4.94 -51.95 -20.87
N VAL A 1322 -5.00 -51.08 -19.87
CA VAL A 1322 -5.84 -51.27 -18.70
C VAL A 1322 -6.48 -49.93 -18.36
N GLY A 1323 -7.77 -49.95 -18.06
CA GLY A 1323 -8.50 -48.76 -17.67
C GLY A 1323 -9.09 -48.93 -16.28
N ILE A 1324 -9.44 -47.80 -15.66
CA ILE A 1324 -10.02 -47.78 -14.33
C ILE A 1324 -11.36 -47.07 -14.40
N VAL A 1325 -12.42 -47.78 -14.02
CA VAL A 1325 -13.77 -47.24 -14.03
C VAL A 1325 -14.27 -47.17 -12.59
N GLY A 1326 -15.08 -46.16 -12.32
CA GLY A 1326 -15.66 -45.98 -11.00
C GLY A 1326 -16.41 -44.68 -10.93
N ARG A 1327 -17.24 -44.59 -9.90
CA ARG A 1327 -18.06 -43.40 -9.69
C ARG A 1327 -17.30 -42.39 -8.85
N THR A 1328 -17.90 -41.21 -8.70
CA THR A 1328 -17.30 -40.17 -7.87
C THR A 1328 -17.20 -40.66 -6.42
N GLY A 1329 -16.04 -40.43 -5.81
CA GLY A 1329 -15.75 -40.91 -4.48
C GLY A 1329 -14.93 -42.18 -4.44
N ALA A 1330 -14.76 -42.84 -5.59
CA ALA A 1330 -13.91 -44.05 -5.66
C ALA A 1330 -12.44 -43.62 -5.67
N GLY A 1331 -11.51 -44.58 -5.76
CA GLY A 1331 -10.08 -44.26 -5.71
C GLY A 1331 -9.45 -44.21 -7.10
N LYS A 1332 -10.25 -43.93 -8.13
CA LYS A 1332 -9.74 -43.91 -9.52
C LYS A 1332 -8.55 -42.96 -9.63
N SER A 1333 -8.79 -41.66 -9.44
CA SER A 1333 -7.71 -40.65 -9.59
C SER A 1333 -6.61 -40.90 -8.54
N SER A 1334 -7.01 -41.20 -7.31
CA SER A 1334 -6.02 -41.44 -6.21
C SER A 1334 -5.06 -42.57 -6.61
N LEU A 1335 -5.48 -43.44 -7.53
CA LEU A 1335 -4.59 -44.55 -7.99
C LEU A 1335 -3.40 -43.95 -8.75
N THR A 1336 -3.64 -42.96 -9.60
CA THR A 1336 -2.51 -42.27 -10.29
C THR A 1336 -1.61 -41.65 -9.23
N LEU A 1337 -2.23 -41.00 -8.23
CA LEU A 1337 -1.44 -40.39 -7.13
C LEU A 1337 -0.59 -41.49 -6.49
N GLY A 1338 -1.00 -42.76 -6.64
CA GLY A 1338 -0.17 -43.83 -6.12
C GLY A 1338 1.01 -44.12 -7.02
N LEU A 1339 0.79 -44.01 -8.34
CA LEU A 1339 1.88 -44.29 -9.32
C LEU A 1339 2.97 -43.20 -9.24
N PHE A 1340 2.59 -41.94 -9.04
CA PHE A 1340 3.65 -40.88 -9.10
C PHE A 1340 4.14 -40.51 -7.70
N ARG A 1341 3.82 -41.31 -6.70
CA ARG A 1341 4.33 -41.06 -5.33
C ARG A 1341 4.05 -39.59 -4.96
N ILE A 1342 3.00 -39.00 -5.52
CA ILE A 1342 2.61 -37.61 -5.13
C ILE A 1342 2.32 -37.65 -3.63
N LYS A 1343 1.69 -38.73 -3.17
CA LYS A 1343 1.47 -38.89 -1.70
C LYS A 1343 2.18 -40.18 -1.29
N GLU A 1344 2.31 -40.43 0.02
CA GLU A 1344 3.09 -41.63 0.45
C GLU A 1344 2.13 -42.80 0.71
N SER A 1345 2.61 -44.03 0.53
CA SER A 1345 1.78 -45.20 0.71
C SER A 1345 1.58 -45.49 2.19
N ALA A 1346 0.33 -45.40 2.65
CA ALA A 1346 0.04 -45.76 4.03
C ALA A 1346 0.34 -47.24 4.27
N GLU A 1347 -0.04 -48.09 3.33
CA GLU A 1347 0.32 -49.51 3.38
C GLU A 1347 0.25 -50.03 1.95
N GLY A 1348 1.41 -50.30 1.36
CA GLY A 1348 1.45 -50.76 -0.02
C GLY A 1348 2.86 -50.90 -0.55
N GLU A 1349 3.03 -51.76 -1.54
CA GLU A 1349 4.33 -52.10 -2.11
C GLU A 1349 4.28 -52.10 -3.63
N ILE A 1350 3.74 -51.02 -4.21
CA ILE A 1350 3.72 -50.88 -5.67
C ILE A 1350 5.12 -51.11 -6.20
N ILE A 1351 5.25 -52.04 -7.14
CA ILE A 1351 6.57 -52.35 -7.75
C ILE A 1351 6.42 -52.34 -9.28
N ILE A 1352 7.25 -51.56 -9.97
CA ILE A 1352 7.22 -51.59 -11.47
C ILE A 1352 8.32 -52.55 -11.92
N ASP A 1353 7.96 -53.56 -12.72
CA ASP A 1353 8.95 -54.59 -13.13
C ASP A 1353 9.48 -55.27 -11.86
N ASP A 1354 10.77 -55.11 -11.56
CA ASP A 1354 11.38 -55.75 -10.36
C ASP A 1354 11.88 -54.69 -9.38
N ILE A 1355 11.34 -53.46 -9.46
CA ILE A 1355 11.87 -52.36 -8.60
C ILE A 1355 10.72 -51.71 -7.81
N ASN A 1356 10.91 -51.51 -6.51
CA ASN A 1356 9.88 -50.86 -5.65
C ASN A 1356 9.86 -49.35 -5.93
N ILE A 1357 8.68 -48.74 -5.92
CA ILE A 1357 8.58 -47.31 -6.19
C ILE A 1357 9.02 -46.50 -4.98
N ALA A 1358 8.61 -46.92 -3.78
CA ALA A 1358 8.88 -46.13 -2.57
C ALA A 1358 10.38 -45.98 -2.33
N LYS A 1359 11.17 -46.94 -2.78
CA LYS A 1359 12.62 -46.84 -2.62
C LYS A 1359 13.24 -45.86 -3.62
N ILE A 1360 12.69 -45.76 -4.81
CA ILE A 1360 13.22 -44.89 -5.87
C ILE A 1360 12.98 -43.44 -5.49
N GLY A 1361 13.93 -42.58 -5.86
CA GLY A 1361 13.70 -41.16 -5.72
C GLY A 1361 12.53 -40.68 -6.55
N LEU A 1362 11.90 -39.59 -6.11
CA LEU A 1362 10.69 -39.09 -6.82
C LEU A 1362 10.99 -38.75 -8.27
N HIS A 1363 11.96 -37.86 -8.52
CA HIS A 1363 12.23 -37.40 -9.91
C HIS A 1363 12.38 -38.61 -10.84
N ASP A 1364 13.24 -39.56 -10.48
CA ASP A 1364 13.47 -40.77 -11.32
C ASP A 1364 12.13 -41.32 -11.81
N LEU A 1365 11.26 -41.75 -10.90
CA LEU A 1365 9.99 -42.39 -11.33
C LEU A 1365 9.11 -41.38 -12.08
N ARG A 1366 9.07 -40.12 -11.62
CA ARG A 1366 8.24 -39.08 -12.27
C ARG A 1366 8.76 -38.83 -13.68
N PHE A 1367 10.05 -39.09 -13.92
CA PHE A 1367 10.60 -38.95 -15.26
C PHE A 1367 10.32 -40.18 -16.11
N LYS A 1368 10.26 -41.36 -15.48
CA LYS A 1368 10.05 -42.61 -16.23
C LYS A 1368 8.59 -42.97 -16.40
N ILE A 1369 7.66 -42.20 -15.83
CA ILE A 1369 6.23 -42.41 -15.99
C ILE A 1369 5.62 -41.09 -16.42
N THR A 1370 4.64 -41.14 -17.34
CA THR A 1370 4.03 -39.92 -17.84
C THR A 1370 2.53 -39.93 -17.56
N ILE A 1371 1.98 -38.71 -17.43
CA ILE A 1371 0.53 -38.58 -17.10
C ILE A 1371 -0.11 -37.42 -17.87
N ILE A 1372 -1.23 -37.69 -18.54
CA ILE A 1372 -2.01 -36.67 -19.25
C ILE A 1372 -3.20 -36.33 -18.37
N PRO A 1373 -3.14 -35.22 -17.63
CA PRO A 1373 -4.15 -34.96 -16.60
C PRO A 1373 -5.49 -34.49 -17.17
N GLN A 1374 -6.41 -34.15 -16.27
CA GLN A 1374 -7.74 -33.71 -16.69
C GLN A 1374 -7.66 -32.44 -17.53
N ASP A 1375 -7.15 -31.37 -16.91
CA ASP A 1375 -6.99 -30.08 -17.64
C ASP A 1375 -5.48 -29.82 -17.85
N PRO A 1376 -4.92 -29.94 -19.08
CA PRO A 1376 -3.51 -29.60 -19.31
C PRO A 1376 -3.21 -28.14 -18.97
N VAL A 1377 -2.01 -27.89 -18.41
CA VAL A 1377 -1.61 -26.49 -18.08
C VAL A 1377 -0.49 -26.05 -19.03
N LEU A 1378 -0.77 -25.04 -19.87
CA LEU A 1378 0.28 -24.51 -20.78
C LEU A 1378 0.96 -23.33 -20.10
N PHE A 1379 2.18 -23.54 -19.59
CA PHE A 1379 2.86 -22.49 -18.85
C PHE A 1379 3.31 -21.39 -19.79
N SER A 1380 3.39 -20.17 -19.25
CA SER A 1380 3.81 -19.02 -20.04
C SER A 1380 5.24 -19.23 -20.56
N GLY A 1381 5.47 -18.82 -21.80
CA GLY A 1381 6.73 -19.00 -22.48
C GLY A 1381 6.49 -19.55 -23.86
N SER A 1382 7.54 -20.14 -24.43
CA SER A 1382 7.43 -20.72 -25.75
C SER A 1382 6.81 -22.11 -25.67
N LEU A 1383 6.35 -22.61 -26.82
CA LEU A 1383 5.80 -23.96 -26.87
C LEU A 1383 6.89 -25.00 -26.61
N ARG A 1384 8.12 -24.74 -27.06
CA ARG A 1384 9.21 -25.68 -26.83
C ARG A 1384 9.51 -25.82 -25.34
N MET A 1385 9.49 -24.71 -24.60
CA MET A 1385 9.68 -24.79 -23.16
C MET A 1385 8.52 -25.49 -22.47
N ASN A 1386 7.33 -25.45 -23.07
CA ASN A 1386 6.23 -26.25 -22.55
C ASN A 1386 6.48 -27.74 -22.77
N LEU A 1387 6.84 -28.10 -24.01
CA LEU A 1387 7.08 -29.52 -24.33
C LEU A 1387 8.35 -29.99 -23.61
N ASP A 1388 9.35 -29.12 -23.47
CA ASP A 1388 10.63 -29.50 -22.83
C ASP A 1388 11.37 -28.26 -22.34
N PRO A 1389 11.22 -27.84 -21.07
CA PRO A 1389 11.98 -26.72 -20.53
C PRO A 1389 13.43 -27.18 -20.40
N PHE A 1390 13.63 -28.44 -19.98
CA PHE A 1390 15.00 -28.99 -19.84
C PHE A 1390 15.70 -28.97 -21.20
N SER A 1391 14.98 -28.61 -22.26
CA SER A 1391 15.57 -28.60 -23.60
C SER A 1391 16.45 -29.83 -23.82
N GLN A 1392 16.12 -30.93 -23.15
CA GLN A 1392 16.94 -32.14 -23.26
C GLN A 1392 16.73 -32.84 -24.60
N TYR A 1393 15.49 -32.91 -25.06
CA TYR A 1393 15.19 -33.57 -26.33
C TYR A 1393 15.55 -32.66 -27.49
N SER A 1394 16.08 -33.26 -28.55
CA SER A 1394 16.53 -32.51 -29.71
C SER A 1394 15.33 -31.93 -30.46
N ASP A 1395 15.63 -30.98 -31.36
CA ASP A 1395 14.59 -30.33 -32.14
C ASP A 1395 13.87 -31.33 -33.05
N GLU A 1396 14.61 -32.31 -33.59
CA GLU A 1396 13.98 -33.31 -34.45
C GLU A 1396 12.97 -34.14 -33.67
N GLU A 1397 13.29 -34.50 -32.43
CA GLU A 1397 12.34 -35.25 -31.60
C GLU A 1397 11.10 -34.43 -31.31
N VAL A 1398 11.28 -33.14 -31.03
CA VAL A 1398 10.13 -32.27 -30.77
C VAL A 1398 9.25 -32.19 -32.01
N TRP A 1399 9.88 -32.01 -33.18
CA TRP A 1399 9.11 -31.91 -34.42
C TRP A 1399 8.36 -33.21 -34.70
N THR A 1400 9.02 -34.36 -34.51
CA THR A 1400 8.37 -35.64 -34.74
C THR A 1400 7.20 -35.86 -33.79
N SER A 1401 7.38 -35.54 -32.51
CA SER A 1401 6.31 -35.71 -31.54
C SER A 1401 5.13 -34.78 -31.85
N LEU A 1402 5.43 -33.55 -32.25
CA LEU A 1402 4.36 -32.61 -32.58
C LEU A 1402 3.60 -33.05 -33.83
N GLU A 1403 4.32 -33.58 -34.83
CA GLU A 1403 3.64 -34.12 -36.00
C GLU A 1403 2.76 -35.31 -35.63
N LEU A 1404 3.27 -36.18 -34.76
CA LEU A 1404 2.51 -37.40 -34.37
C LEU A 1404 1.31 -37.00 -33.49
N ALA A 1405 1.28 -35.77 -32.99
CA ALA A 1405 0.20 -35.32 -32.13
C ALA A 1405 -0.85 -34.52 -32.88
N HIS A 1406 -0.95 -34.72 -34.21
CA HIS A 1406 -1.92 -34.01 -35.04
C HIS A 1406 -1.81 -32.50 -34.89
N LEU A 1407 -0.59 -32.02 -34.62
CA LEU A 1407 -0.36 -30.60 -34.38
C LEU A 1407 0.64 -29.97 -35.33
N LYS A 1408 1.19 -30.72 -36.28
CA LYS A 1408 2.20 -30.18 -37.19
C LYS A 1408 1.63 -29.01 -38.00
N GLY A 1409 0.39 -29.15 -38.47
CA GLY A 1409 -0.21 -28.09 -39.26
C GLY A 1409 -0.35 -26.79 -38.48
N PHE A 1410 -0.79 -26.88 -37.23
CA PHE A 1410 -0.97 -25.67 -36.42
C PHE A 1410 0.37 -25.13 -35.95
N VAL A 1411 1.27 -25.99 -35.49
CA VAL A 1411 2.53 -25.52 -34.92
C VAL A 1411 3.39 -24.86 -36.00
N SER A 1412 3.25 -25.28 -37.25
CA SER A 1412 4.00 -24.64 -38.32
C SER A 1412 3.38 -23.30 -38.71
N ALA A 1413 2.16 -23.04 -38.27
CA ALA A 1413 1.45 -21.82 -38.66
C ALA A 1413 1.87 -20.59 -37.86
N LEU A 1414 2.34 -20.75 -36.63
CA LEU A 1414 2.70 -19.58 -35.83
C LEU A 1414 3.93 -18.90 -36.42
N PRO A 1415 3.96 -17.57 -36.47
CA PRO A 1415 5.15 -16.88 -37.02
C PRO A 1415 6.42 -17.14 -36.23
N ASP A 1416 6.30 -17.49 -34.95
CA ASP A 1416 7.45 -17.71 -34.08
C ASP A 1416 7.92 -19.16 -34.11
N LYS A 1417 7.35 -19.99 -34.99
CA LYS A 1417 7.73 -21.39 -35.15
C LYS A 1417 7.50 -22.10 -33.83
N LEU A 1418 8.49 -22.77 -33.25
CA LEU A 1418 8.31 -23.42 -31.95
C LEU A 1418 8.31 -22.44 -30.79
N ASN A 1419 8.71 -21.19 -31.02
CA ASN A 1419 8.83 -20.19 -29.97
C ASN A 1419 7.57 -19.34 -29.82
N HIS A 1420 6.41 -19.90 -30.10
CA HIS A 1420 5.15 -19.17 -29.93
C HIS A 1420 4.94 -18.84 -28.47
N GLU A 1421 4.76 -17.56 -28.16
CA GLU A 1421 4.62 -17.10 -26.79
C GLU A 1421 3.18 -17.28 -26.34
N CYS A 1422 2.92 -18.38 -25.63
CA CYS A 1422 1.60 -18.64 -25.09
C CYS A 1422 1.44 -17.92 -23.74
N ALA A 1423 0.27 -17.33 -23.53
CA ALA A 1423 0.02 -16.52 -22.34
C ALA A 1423 -0.22 -17.43 -21.14
N GLU A 1424 -0.61 -16.82 -20.01
CA GLU A 1424 -0.86 -17.56 -18.78
C GLU A 1424 -1.96 -18.59 -18.98
N GLY A 1425 -1.61 -19.87 -18.88
CA GLY A 1425 -2.58 -20.93 -19.09
C GLY A 1425 -2.93 -21.21 -20.53
N GLY A 1426 -2.21 -20.62 -21.48
CA GLY A 1426 -2.51 -20.82 -22.88
C GLY A 1426 -3.87 -20.29 -23.29
N GLU A 1427 -4.18 -19.06 -22.87
CA GLU A 1427 -5.47 -18.47 -23.22
C GLU A 1427 -5.62 -18.29 -24.73
N ASN A 1428 -4.53 -17.92 -25.40
CA ASN A 1428 -4.58 -17.77 -26.86
C ASN A 1428 -4.91 -19.10 -27.53
N LEU A 1429 -4.30 -20.19 -27.07
CA LEU A 1429 -4.59 -21.49 -27.61
C LEU A 1429 -5.97 -21.99 -27.16
N SER A 1430 -6.56 -22.85 -27.96
CA SER A 1430 -7.85 -23.44 -27.62
C SER A 1430 -7.65 -24.61 -26.66
N VAL A 1431 -8.77 -25.05 -26.06
CA VAL A 1431 -8.69 -26.18 -25.08
C VAL A 1431 -8.21 -27.43 -25.82
N GLY A 1432 -8.74 -27.68 -27.01
CA GLY A 1432 -8.31 -28.85 -27.81
C GLY A 1432 -6.81 -28.80 -28.07
N GLN A 1433 -6.31 -27.62 -28.46
CA GLN A 1433 -4.86 -27.46 -28.74
C GLN A 1433 -4.06 -27.80 -27.48
N ARG A 1434 -4.41 -27.17 -26.36
CA ARG A 1434 -3.67 -27.39 -25.08
C ARG A 1434 -3.66 -28.89 -24.77
N GLN A 1435 -4.80 -29.56 -24.97
CA GLN A 1435 -4.84 -31.00 -24.75
C GLN A 1435 -3.87 -31.74 -25.68
N LEU A 1436 -3.83 -31.34 -26.94
CA LEU A 1436 -2.90 -31.97 -27.87
C LEU A 1436 -1.45 -31.62 -27.54
N VAL A 1437 -1.20 -30.44 -26.96
CA VAL A 1437 0.15 -30.10 -26.53
C VAL A 1437 0.57 -30.98 -25.36
N CYS A 1438 -0.35 -31.24 -24.42
CA CYS A 1438 -0.04 -32.18 -23.34
C CYS A 1438 0.22 -33.58 -23.88
N LEU A 1439 -0.57 -34.00 -24.86
CA LEU A 1439 -0.31 -35.29 -25.50
C LEU A 1439 1.06 -35.29 -26.17
N ALA A 1440 1.45 -34.17 -26.79
CA ALA A 1440 2.77 -34.06 -27.40
C ALA A 1440 3.87 -34.17 -26.36
N ARG A 1441 3.66 -33.58 -25.19
CA ARG A 1441 4.60 -33.74 -24.09
C ARG A 1441 4.77 -35.21 -23.73
N ALA A 1442 3.64 -35.90 -23.53
CA ALA A 1442 3.69 -37.31 -23.16
C ALA A 1442 4.38 -38.13 -24.23
N LEU A 1443 4.09 -37.85 -25.50
CA LEU A 1443 4.70 -38.58 -26.61
C LEU A 1443 6.20 -38.33 -26.68
N LEU A 1444 6.61 -37.07 -26.49
CA LEU A 1444 8.03 -36.74 -26.52
C LEU A 1444 8.77 -37.38 -25.36
N ARG A 1445 8.09 -37.62 -24.23
CA ARG A 1445 8.75 -38.24 -23.09
C ARG A 1445 9.29 -39.63 -23.44
N LYS A 1446 8.54 -40.40 -24.23
CA LYS A 1446 8.94 -41.74 -24.66
C LYS A 1446 9.19 -42.65 -23.46
N THR A 1447 8.12 -42.88 -22.70
CA THR A 1447 8.16 -43.74 -21.53
C THR A 1447 7.16 -44.88 -21.68
N LYS A 1448 7.44 -46.00 -21.03
CA LYS A 1448 6.64 -47.20 -21.19
C LYS A 1448 5.36 -47.20 -20.34
N ILE A 1449 5.24 -46.30 -19.36
CA ILE A 1449 4.08 -46.25 -18.48
C ILE A 1449 3.44 -44.89 -18.63
N LEU A 1450 2.17 -44.88 -19.04
CA LEU A 1450 1.44 -43.65 -19.30
C LEU A 1450 0.06 -43.75 -18.67
N VAL A 1451 -0.37 -42.67 -18.04
CA VAL A 1451 -1.69 -42.59 -17.42
C VAL A 1451 -2.49 -41.50 -18.12
N LEU A 1452 -3.78 -41.75 -18.31
CA LEU A 1452 -4.69 -40.81 -18.96
C LEU A 1452 -5.82 -40.46 -18.02
N ASP A 1453 -6.20 -39.19 -17.98
CA ASP A 1453 -7.34 -38.72 -17.21
C ASP A 1453 -8.32 -38.04 -18.16
N GLU A 1454 -9.40 -38.74 -18.49
CA GLU A 1454 -10.41 -38.21 -19.40
C GLU A 1454 -11.47 -37.44 -18.64
N ALA A 1455 -12.04 -36.43 -19.30
CA ALA A 1455 -13.09 -35.61 -18.71
C ALA A 1455 -14.39 -36.38 -18.62
N GLU A 1462 -15.08 -32.84 -28.20
CA GLU A 1462 -14.90 -32.37 -29.60
C GLU A 1462 -13.61 -32.98 -30.18
N THR A 1463 -12.47 -32.73 -29.53
CA THR A 1463 -11.18 -33.28 -30.01
C THR A 1463 -10.98 -34.68 -29.41
N ASP A 1464 -11.97 -35.18 -28.65
CA ASP A 1464 -11.85 -36.50 -28.01
C ASP A 1464 -11.51 -37.55 -29.07
N ASP A 1465 -12.20 -37.51 -30.21
CA ASP A 1465 -11.92 -38.46 -31.32
C ASP A 1465 -10.44 -38.41 -31.68
N LEU A 1466 -9.84 -37.21 -31.68
CA LEU A 1466 -8.44 -37.08 -32.08
C LEU A 1466 -7.50 -37.60 -31.01
N ILE A 1467 -7.72 -37.21 -29.75
CA ILE A 1467 -6.82 -37.65 -28.68
C ILE A 1467 -6.97 -39.14 -28.45
N GLN A 1468 -8.20 -39.67 -28.54
CA GLN A 1468 -8.39 -41.11 -28.39
C GLN A 1468 -7.67 -41.88 -29.49
N SER A 1469 -7.80 -41.43 -30.75
CA SER A 1469 -7.10 -42.09 -31.84
C SER A 1469 -5.59 -42.00 -31.66
N THR A 1470 -5.09 -40.85 -31.21
CA THR A 1470 -3.66 -40.69 -31.04
C THR A 1470 -3.13 -41.56 -29.92
N ILE A 1471 -3.87 -41.69 -28.82
CA ILE A 1471 -3.44 -42.58 -27.75
C ILE A 1471 -3.55 -44.03 -28.17
N ARG A 1472 -4.40 -44.33 -29.17
CA ARG A 1472 -4.52 -45.68 -29.68
C ARG A 1472 -3.59 -45.95 -30.87
N THR A 1473 -2.86 -44.93 -31.32
CA THR A 1473 -2.03 -45.08 -32.54
C THR A 1473 -0.66 -45.72 -32.29
N GLN A 1474 0.20 -45.08 -31.51
CA GLN A 1474 1.56 -45.57 -31.32
C GLN A 1474 1.87 -45.98 -29.89
N PHE A 1475 1.07 -45.56 -28.92
CA PHE A 1475 1.29 -45.97 -27.52
C PHE A 1475 0.82 -47.39 -27.23
N ASP A 1476 0.53 -48.19 -28.25
CA ASP A 1476 0.16 -49.58 -28.00
C ASP A 1476 1.33 -50.37 -27.42
N ASP A 1477 2.56 -49.94 -27.70
CA ASP A 1477 3.72 -50.62 -27.14
C ASP A 1477 3.82 -50.38 -25.64
N CYS A 1478 3.38 -49.20 -25.17
CA CYS A 1478 3.51 -48.82 -23.78
C CYS A 1478 2.28 -49.23 -22.98
N THR A 1479 2.48 -49.40 -21.68
CA THR A 1479 1.38 -49.72 -20.77
C THR A 1479 0.63 -48.46 -20.40
N VAL A 1480 -0.67 -48.43 -20.67
CA VAL A 1480 -1.49 -47.24 -20.48
C VAL A 1480 -2.58 -47.56 -19.47
N LEU A 1481 -2.59 -46.83 -18.36
CA LEU A 1481 -3.73 -46.77 -17.47
C LEU A 1481 -4.64 -45.62 -17.89
N THR A 1482 -5.95 -45.82 -17.75
CA THR A 1482 -6.92 -44.83 -18.22
C THR A 1482 -8.03 -44.69 -17.17
N ILE A 1483 -8.23 -43.47 -16.69
CA ILE A 1483 -9.36 -43.15 -15.82
C ILE A 1483 -10.27 -42.21 -16.59
N ALA A 1484 -11.40 -42.73 -17.04
CA ALA A 1484 -12.35 -41.99 -17.86
C ALA A 1484 -13.71 -42.01 -17.21
N HIS A 1485 -14.35 -40.84 -17.16
CA HIS A 1485 -15.73 -40.73 -16.72
C HIS A 1485 -16.72 -41.15 -17.80
N ARG A 1486 -16.23 -41.59 -18.95
CA ARG A 1486 -17.07 -42.03 -20.06
C ARG A 1486 -16.75 -43.49 -20.37
N LEU A 1487 -17.78 -44.33 -20.40
CA LEU A 1487 -17.59 -45.75 -20.64
C LEU A 1487 -17.29 -46.07 -22.09
N ASN A 1488 -17.59 -45.15 -23.01
CA ASN A 1488 -17.40 -45.42 -24.44
C ASN A 1488 -15.94 -45.68 -24.76
N THR A 1489 -15.03 -44.85 -24.24
CA THR A 1489 -13.62 -45.04 -24.53
C THR A 1489 -13.04 -46.23 -23.78
N ILE A 1490 -13.46 -46.43 -22.53
CA ILE A 1490 -12.85 -47.50 -21.69
C ILE A 1490 -13.18 -48.87 -22.27
N MET A 1491 -14.29 -48.98 -23.00
CA MET A 1491 -14.72 -50.31 -23.55
C MET A 1491 -13.61 -50.85 -24.45
N ASP A 1492 -12.92 -49.97 -25.19
CA ASP A 1492 -11.86 -50.41 -26.12
C ASP A 1492 -10.71 -51.06 -25.35
N TYR A 1493 -10.41 -50.57 -24.14
CA TYR A 1493 -9.25 -51.09 -23.37
C TYR A 1493 -9.60 -52.40 -22.66
N THR A 1494 -8.75 -53.42 -22.82
CA THR A 1494 -8.96 -54.68 -22.11
C THR A 1494 -8.66 -54.51 -20.63
N ARG A 1495 -8.85 -55.61 -19.89
CA ARG A 1495 -8.52 -55.63 -18.43
C ARG A 1495 -8.99 -54.35 -17.74
N VAL A 1496 -10.30 -54.17 -17.62
CA VAL A 1496 -10.82 -53.01 -16.90
C VAL A 1496 -10.86 -53.34 -15.41
N ILE A 1497 -10.43 -52.37 -14.59
CA ILE A 1497 -10.50 -52.48 -13.14
C ILE A 1497 -11.59 -51.52 -12.67
N VAL A 1498 -12.57 -52.06 -11.94
CA VAL A 1498 -13.69 -51.27 -11.44
C VAL A 1498 -13.48 -51.05 -9.95
N LEU A 1499 -13.64 -49.81 -9.51
CA LEU A 1499 -13.46 -49.45 -8.10
C LEU A 1499 -14.80 -48.96 -7.56
N ASP A 1500 -15.35 -49.69 -6.59
CA ASP A 1500 -16.59 -49.27 -5.96
C ASP A 1500 -16.34 -48.21 -4.89
N LYS A 1501 -15.60 -48.60 -3.85
CA LYS A 1501 -15.25 -47.66 -2.75
C LYS A 1501 -13.78 -47.86 -2.38
N GLY A 1502 -12.91 -48.04 -3.37
CA GLY A 1502 -11.49 -48.32 -3.09
C GLY A 1502 -11.17 -49.78 -3.32
N GLU A 1503 -12.15 -50.66 -3.12
CA GLU A 1503 -11.95 -52.08 -3.35
C GLU A 1503 -12.01 -52.39 -4.84
N ILE A 1504 -11.37 -53.50 -5.23
CA ILE A 1504 -11.42 -53.99 -6.60
C ILE A 1504 -12.71 -54.77 -6.77
N GLN A 1505 -13.73 -54.13 -7.33
CA GLN A 1505 -15.02 -54.80 -7.49
C GLN A 1505 -14.94 -55.90 -8.55
N GLU A 1506 -14.34 -55.57 -9.69
CA GLU A 1506 -14.19 -56.55 -10.79
C GLU A 1506 -12.77 -56.42 -11.38
N TRP A 1507 -12.10 -57.54 -11.62
CA TRP A 1507 -10.75 -57.51 -12.23
C TRP A 1507 -10.73 -58.45 -13.45
N GLY A 1508 -10.94 -57.91 -14.65
CA GLY A 1508 -10.94 -58.73 -15.84
C GLY A 1508 -11.25 -57.89 -17.07
N SER A 1509 -11.25 -58.57 -18.21
CA SER A 1509 -11.49 -57.91 -19.49
C SER A 1509 -12.95 -57.47 -19.59
N PRO A 1510 -13.23 -56.47 -20.43
CA PRO A 1510 -14.63 -56.06 -20.63
C PRO A 1510 -15.52 -57.16 -21.16
N SER A 1511 -14.96 -58.14 -21.87
CA SER A 1511 -15.74 -59.28 -22.31
C SER A 1511 -16.28 -60.06 -21.11
N ASP A 1512 -15.45 -60.24 -20.08
CA ASP A 1512 -15.93 -60.87 -18.86
C ASP A 1512 -16.80 -59.93 -18.04
N LEU A 1513 -16.72 -58.63 -18.28
CA LEU A 1513 -17.58 -57.69 -17.59
C LEU A 1513 -19.05 -57.90 -17.96
N LEU A 1514 -19.33 -58.16 -19.22
CA LEU A 1514 -20.70 -58.40 -19.67
C LEU A 1514 -20.89 -59.86 -20.07
C10 FY5 B . 12.96 10.91 4.59
C13 FY5 B . 18.69 8.92 4.99
C15 FY5 B . 17.95 10.01 7.17
C17 FY5 B . 19.35 9.80 9.14
C01 FY5 B . 14.92 12.23 4.23
C02 FY5 B . 14.35 11.15 5.17
C03 FY5 B . 14.39 11.55 6.64
C04 FY5 B . 15.53 10.87 7.40
C05 FY5 B . 16.69 10.49 6.47
C06 FY5 B . 16.28 9.44 5.45
C07 FY5 B . 14.88 9.73 4.93
C08 FY5 B . 14.55 9.50 3.45
C09 FY5 B . 13.15 10.12 3.31
C12 FY5 B . 17.36 9.38 4.39
C14 FY5 B . 18.88 9.26 6.46
C16 FY5 B . 18.20 10.26 8.52
C18 FY5 B . 20.27 9.07 8.41
C19 FY5 B . 20.04 8.79 7.08
O11 FY5 B . 11.91 11.25 5.08
O20 FY5 B . 21.46 8.58 9.02
O22 FY5 B . 20.85 8.43 11.37
O23 FY5 B . 21.98 10.41 10.51
O24 FY5 B . 23.16 8.30 10.66
S21 FY5 B . 21.89 8.97 10.51
N1 GSH C . 14.78 19.23 10.66
CA1 GSH C . 13.51 18.64 10.17
C1 GSH C . 12.70 19.73 9.45
O11 GSH C . 11.65 19.37 8.87
O12 GSH C . 13.15 20.89 9.50
CB1 GSH C . 12.74 18.03 11.34
CG1 GSH C . 11.47 17.30 10.94
CD1 GSH C . 11.64 15.80 10.76
OE1 GSH C . 11.01 15.01 11.46
N2 GSH C . 12.44 15.40 9.78
CA2 GSH C . 12.15 14.17 9.07
C2 GSH C . 10.68 14.05 8.72
O2 GSH C . 10.19 14.87 7.96
CB2 GSH C . 12.63 12.95 9.87
SG2 GSH C . 14.32 13.10 10.47
N3 GSH C . 9.96 13.08 9.30
CA3 GSH C . 8.53 13.07 9.20
C3 GSH C . 7.88 11.94 9.99
O31 GSH C . 7.16 11.15 9.35
O32 GSH C . 8.10 11.91 11.22
#